data_7NP0
#
_entry.id   7NP0
#
_cell.length_a   92.035
_cell.length_b   143.447
_cell.length_c   97.526
_cell.angle_alpha   90.000
_cell.angle_beta   117.540
_cell.angle_gamma   90.000
#
_symmetry.space_group_name_H-M   'P 1 21 1'
#
loop_
_entity.id
_entity.type
_entity.pdbx_description
1 polymer 'Ornithine carbamoyltransferase'
2 non-polymer 'PHOSPHATE ION'
3 non-polymer 'p-nitrophenylboronic acid'
4 water water
#
_entity_poly.entity_id   1
_entity_poly.type   'polypeptide(L)'
_entity_poly.pdbx_seq_one_letter_code
;GSVIRHFLRDDDLSPAEQAEVLELAAELKKDPVSRRPLQGPRGVAVIFDKNSTRTRFSFELGIAQLGGHAVVVDSGSTQL
GRDETLQDTAKVLSRYVDAIVWRTFGQERLDAMASVATVPVINALSDEFHPCQVLADLQTIAERKGALRGLRLSYFGDGA
NNMAHSLLLGGVTAGIHVTVAAPEGFLPDPSVRAAAERRAQDTGASVTVTADAHAAAAGADVLVTDTWTSMGQENDGLDR
VKPFRPFQLNSRLLALADSDAIVLHCLPAHRGDEITDAVMDGPASAVWDEAENRLHAQKALLVWLLERS
;
_entity_poly.pdbx_strand_id   A,B,C,D,E,F
#
# COMPACT_ATOMS: atom_id res chain seq x y z
N SER A 2 1.93 -6.01 -29.65
CA SER A 2 2.59 -4.72 -29.76
C SER A 2 4.10 -4.87 -29.89
N VAL A 3 4.72 -3.90 -30.54
CA VAL A 3 6.18 -3.83 -30.61
C VAL A 3 6.71 -3.45 -29.24
N ILE A 4 7.70 -4.19 -28.75
CA ILE A 4 8.40 -3.79 -27.54
C ILE A 4 9.31 -2.60 -27.86
N ARG A 5 9.16 -1.52 -27.11
CA ARG A 5 9.96 -0.32 -27.33
C ARG A 5 11.17 -0.32 -26.41
N HIS A 6 12.30 0.13 -26.94
CA HIS A 6 13.53 0.27 -26.17
C HIS A 6 13.98 1.73 -26.25
N PHE A 7 14.90 2.10 -25.38
CA PHE A 7 15.45 3.45 -25.39
C PHE A 7 16.96 3.30 -25.20
N LEU A 8 17.67 3.17 -26.31
CA LEU A 8 19.11 2.95 -26.29
C LEU A 8 19.90 4.18 -26.67
N ARG A 9 19.27 5.13 -27.34
CA ARG A 9 19.90 6.36 -27.81
C ARG A 9 18.76 7.33 -28.04
N ASP A 10 19.08 8.62 -28.12
CA ASP A 10 18.08 9.66 -27.90
C ASP A 10 17.03 9.63 -29.01
N ASP A 11 17.46 9.32 -30.23
CA ASP A 11 16.57 9.34 -31.39
C ASP A 11 15.74 8.06 -31.51
N ASP A 12 15.79 7.18 -30.51
CA ASP A 12 14.82 6.10 -30.44
C ASP A 12 13.40 6.63 -30.23
N LEU A 13 13.26 7.84 -29.69
CA LEU A 13 11.98 8.54 -29.64
C LEU A 13 11.87 9.49 -30.83
N SER A 14 10.73 9.50 -31.50
CA SER A 14 10.44 10.53 -32.48
C SER A 14 10.27 11.87 -31.77
N PRO A 15 10.30 12.98 -32.50
CA PRO A 15 9.98 14.29 -31.88
C PRO A 15 8.66 14.28 -31.10
N ALA A 16 7.60 13.71 -31.67
CA ALA A 16 6.32 13.71 -30.95
C ALA A 16 6.39 12.82 -29.72
N GLU A 17 7.10 11.70 -29.83
CA GLU A 17 7.22 10.80 -28.68
C GLU A 17 8.06 11.42 -27.58
N GLN A 18 9.15 12.10 -27.94
CA GLN A 18 9.95 12.77 -26.93
C GLN A 18 9.13 13.82 -26.20
N ALA A 19 8.30 14.56 -26.93
CA ALA A 19 7.44 15.57 -26.31
C ALA A 19 6.50 14.92 -25.30
N GLU A 20 5.94 13.75 -25.64
CA GLU A 20 5.07 13.02 -24.70
C GLU A 20 5.82 12.64 -23.43
N VAL A 21 7.04 12.11 -23.57
CA VAL A 21 7.82 11.73 -22.39
C VAL A 21 8.16 12.96 -21.55
N LEU A 22 8.53 14.07 -22.19
CA LEU A 22 8.89 15.25 -21.42
C LEU A 22 7.68 15.85 -20.71
N GLU A 23 6.50 15.79 -21.33
CA GLU A 23 5.28 16.24 -20.66
C GLU A 23 4.98 15.36 -19.45
N LEU A 24 5.14 14.04 -19.61
CA LEU A 24 4.97 13.12 -18.49
C LEU A 24 5.96 13.40 -17.37
N ALA A 25 7.18 13.82 -17.71
CA ALA A 25 8.17 14.11 -16.67
C ALA A 25 7.72 15.30 -15.83
N ALA A 26 7.15 16.32 -16.47
CA ALA A 26 6.61 17.46 -15.74
C ALA A 26 5.45 17.05 -14.84
N GLU A 27 4.58 16.17 -15.34
CA GLU A 27 3.45 15.72 -14.53
C GLU A 27 3.92 14.92 -13.33
N LEU A 28 4.92 14.06 -13.53
CA LEU A 28 5.40 13.22 -12.44
C LEU A 28 6.19 14.04 -11.43
N LYS A 29 6.88 15.09 -11.86
CA LYS A 29 7.51 15.97 -10.88
C LYS A 29 6.46 16.58 -9.96
N LYS A 30 5.30 16.95 -10.51
CA LYS A 30 4.24 17.55 -9.70
C LYS A 30 3.55 16.53 -8.80
N ASP A 31 3.37 15.30 -9.28
CA ASP A 31 2.63 14.25 -8.57
C ASP A 31 3.42 12.94 -8.67
N PRO A 32 4.43 12.77 -7.81
CA PRO A 32 5.41 11.70 -8.04
C PRO A 32 4.95 10.28 -7.72
N VAL A 33 3.79 10.07 -7.10
CA VAL A 33 3.30 8.72 -6.88
C VAL A 33 1.96 8.48 -7.58
N SER A 34 1.65 9.29 -8.59
CA SER A 34 0.37 9.20 -9.30
C SER A 34 0.36 8.16 -10.42
N ARG A 35 1.53 7.65 -10.81
CA ARG A 35 1.63 6.60 -11.83
C ARG A 35 2.23 5.35 -11.21
N ARG A 36 1.46 4.26 -11.19
CA ARG A 36 1.90 3.02 -10.53
C ARG A 36 1.79 1.82 -11.46
N PRO A 37 2.46 1.87 -12.62
CA PRO A 37 2.41 0.72 -13.54
C PRO A 37 3.14 -0.50 -13.01
N LEU A 38 4.01 -0.32 -12.02
CA LEU A 38 4.76 -1.44 -11.45
C LEU A 38 4.25 -1.87 -10.08
N GLN A 39 3.06 -1.43 -9.68
CA GLN A 39 2.48 -1.85 -8.39
C GLN A 39 2.43 -3.37 -8.27
N GLY A 40 2.74 -3.86 -7.06
CA GLY A 40 2.77 -5.30 -6.85
C GLY A 40 3.55 -5.69 -5.62
N PRO A 41 4.89 -5.50 -5.66
CA PRO A 41 5.67 -4.89 -6.75
C PRO A 41 5.99 -5.82 -7.90
N ARG A 42 6.05 -5.23 -9.09
CA ARG A 42 6.74 -5.83 -10.23
C ARG A 42 8.21 -5.47 -10.16
N GLY A 43 9.05 -6.36 -10.68
CA GLY A 43 10.49 -6.10 -10.70
C GLY A 43 10.93 -5.29 -11.90
N VAL A 44 12.02 -4.54 -11.71
CA VAL A 44 12.81 -3.96 -12.80
C VAL A 44 14.26 -4.30 -12.54
N ALA A 45 14.95 -4.87 -13.51
CA ALA A 45 16.36 -5.19 -13.34
C ALA A 45 17.18 -3.93 -13.64
N VAL A 46 18.14 -3.61 -12.77
CA VAL A 46 19.03 -2.47 -13.00
C VAL A 46 20.45 -3.01 -12.92
N ILE A 47 21.12 -3.13 -14.06
CA ILE A 47 22.36 -3.88 -14.18
C ILE A 47 23.49 -2.91 -14.48
N PHE A 48 24.63 -3.10 -13.82
CA PHE A 48 25.80 -2.24 -14.00
C PHE A 48 26.99 -3.08 -14.42
N ASP A 49 27.48 -2.89 -15.65
CA ASP A 49 28.78 -3.46 -15.99
C ASP A 49 29.91 -2.69 -15.32
N LYS A 50 29.69 -1.41 -15.05
CA LYS A 50 30.60 -0.58 -14.26
C LYS A 50 29.71 0.24 -13.35
N ASN A 51 30.02 0.26 -12.06
CA ASN A 51 29.11 0.88 -11.11
C ASN A 51 29.01 2.38 -11.33
N SER A 52 27.81 2.90 -11.07
CA SER A 52 27.49 4.32 -11.14
C SER A 52 26.51 4.60 -10.02
N THR A 53 26.99 5.18 -8.93
CA THR A 53 26.13 5.39 -7.77
C THR A 53 25.01 6.38 -8.07
N ARG A 54 25.30 7.45 -8.83
CA ARG A 54 24.27 8.43 -9.17
C ARG A 54 23.16 7.81 -10.02
N THR A 55 23.54 7.01 -11.02
CA THR A 55 22.53 6.32 -11.82
C THR A 55 21.72 5.39 -10.94
N ARG A 56 22.38 4.70 -10.02
CA ARG A 56 21.65 3.72 -9.17
C ARG A 56 20.62 4.44 -8.30
N PHE A 57 20.99 5.55 -7.69
CA PHE A 57 20.09 6.28 -6.78
C PHE A 57 18.81 6.68 -7.51
N SER A 58 18.96 7.35 -8.65
CA SER A 58 17.81 7.86 -9.41
C SER A 58 16.88 6.70 -9.81
N PHE A 59 17.44 5.63 -10.36
CA PHE A 59 16.60 4.52 -10.85
C PHE A 59 15.98 3.75 -9.68
N GLU A 60 16.77 3.47 -8.66
CA GLU A 60 16.24 2.72 -7.53
C GLU A 60 15.03 3.42 -6.95
N LEU A 61 15.14 4.72 -6.68
CA LEU A 61 14.03 5.44 -6.06
C LEU A 61 12.89 5.64 -7.03
N GLY A 62 13.21 5.92 -8.29
CA GLY A 62 12.16 6.13 -9.28
C GLY A 62 11.30 4.91 -9.49
N ILE A 63 11.94 3.74 -9.62
CA ILE A 63 11.21 2.49 -9.79
C ILE A 63 10.32 2.24 -8.57
N ALA A 64 10.83 2.51 -7.37
CA ALA A 64 10.03 2.34 -6.17
C ALA A 64 8.80 3.26 -6.18
N GLN A 65 8.95 4.48 -6.68
CA GLN A 65 7.84 5.43 -6.69
C GLN A 65 6.80 5.11 -7.76
N LEU A 66 7.16 4.26 -8.73
CA LEU A 66 6.20 3.67 -9.67
C LEU A 66 5.54 2.42 -9.10
N GLY A 67 5.82 2.05 -7.85
CA GLY A 67 5.23 0.87 -7.25
C GLY A 67 6.11 -0.36 -7.32
N GLY A 68 7.23 -0.29 -8.05
CA GLY A 68 8.02 -1.47 -8.33
C GLY A 68 9.14 -1.71 -7.32
N HIS A 69 9.93 -2.75 -7.59
CA HIS A 69 11.12 -3.04 -6.83
C HIS A 69 12.29 -3.17 -7.79
N ALA A 70 13.29 -2.31 -7.64
CA ALA A 70 14.51 -2.39 -8.46
C ALA A 70 15.39 -3.50 -7.92
N VAL A 71 15.78 -4.43 -8.78
CA VAL A 71 16.77 -5.44 -8.42
C VAL A 71 18.07 -5.03 -9.07
N VAL A 72 19.02 -4.58 -8.26
CA VAL A 72 20.28 -4.02 -8.74
C VAL A 72 21.31 -5.14 -8.83
N VAL A 73 22.00 -5.20 -9.97
CA VAL A 73 23.09 -6.14 -10.17
C VAL A 73 24.32 -5.33 -10.52
N ASP A 74 25.30 -5.29 -9.61
CA ASP A 74 26.51 -4.50 -9.72
C ASP A 74 27.62 -5.27 -10.44
N SER A 75 28.69 -4.55 -10.79
CA SER A 75 29.78 -5.18 -11.54
C SER A 75 30.51 -6.24 -10.72
N GLY A 76 30.39 -6.19 -9.40
CA GLY A 76 30.92 -7.24 -8.54
C GLY A 76 30.04 -8.47 -8.53
N LEU A 80 28.05 -9.27 -17.06
CA LEU A 80 27.32 -9.91 -18.15
C LEU A 80 28.23 -10.25 -19.33
N GLY A 81 27.92 -11.37 -19.98
CA GLY A 81 28.76 -11.89 -21.03
C GLY A 81 29.83 -12.86 -20.56
N ARG A 82 30.14 -12.89 -19.26
CA ARG A 82 31.18 -13.79 -18.77
C ARG A 82 30.62 -15.18 -18.51
N ASP A 83 29.68 -15.29 -17.57
CA ASP A 83 29.15 -16.59 -17.18
C ASP A 83 28.15 -17.16 -18.19
N GLU A 84 27.44 -16.30 -18.91
CA GLU A 84 26.41 -16.78 -19.82
C GLU A 84 26.24 -15.76 -20.94
N THR A 85 25.59 -16.09 -22.03
CA THR A 85 25.43 -15.14 -23.16
C THR A 85 24.45 -14.00 -22.84
N LEU A 86 24.55 -12.88 -23.57
CA LEU A 86 23.61 -11.75 -23.36
C LEU A 86 22.21 -12.21 -23.75
N GLN A 87 22.12 -13.11 -24.72
CA GLN A 87 20.83 -13.65 -25.17
C GLN A 87 20.24 -14.52 -24.06
N ASP A 88 21.07 -15.29 -23.38
CA ASP A 88 20.55 -16.07 -22.27
C ASP A 88 20.03 -15.15 -21.16
N THR A 89 20.79 -14.11 -20.82
CA THR A 89 20.35 -13.18 -19.78
C THR A 89 19.04 -12.51 -20.15
N ALA A 90 18.90 -12.09 -21.42
CA ALA A 90 17.65 -11.46 -21.84
C ALA A 90 16.47 -12.40 -21.70
N LYS A 91 16.66 -13.68 -22.05
CA LYS A 91 15.57 -14.64 -21.97
C LYS A 91 15.07 -14.80 -20.53
N VAL A 92 16.00 -14.96 -19.59
CA VAL A 92 15.59 -15.21 -18.21
C VAL A 92 15.05 -13.95 -17.57
N LEU A 93 15.70 -12.81 -17.79
CA LEU A 93 15.22 -11.56 -17.17
C LEU A 93 13.84 -11.20 -17.69
N SER A 94 13.56 -11.47 -18.96
CA SER A 94 12.23 -11.21 -19.49
C SER A 94 11.15 -11.99 -18.74
N ARG A 95 11.52 -13.01 -17.97
CA ARG A 95 10.54 -13.79 -17.16
C ARG A 95 10.44 -13.23 -15.74
N TYR A 96 11.44 -12.46 -15.31
CA TYR A 96 11.47 -11.95 -13.94
C TYR A 96 10.96 -10.53 -13.79
N VAL A 97 11.25 -9.65 -14.76
CA VAL A 97 11.06 -8.22 -14.57
C VAL A 97 10.31 -7.66 -15.77
N ASP A 98 9.78 -6.44 -15.58
CA ASP A 98 8.99 -5.78 -16.60
C ASP A 98 9.82 -4.83 -17.47
N ALA A 99 11.09 -4.62 -17.12
CA ALA A 99 11.98 -3.78 -17.90
C ALA A 99 13.40 -4.07 -17.44
N ILE A 100 14.35 -3.77 -18.33
CA ILE A 100 15.77 -3.95 -18.03
C ILE A 100 16.47 -2.62 -18.23
N VAL A 101 17.08 -2.10 -17.17
CA VAL A 101 17.87 -0.88 -17.21
C VAL A 101 19.32 -1.31 -17.11
N TRP A 102 20.15 -0.87 -18.06
CA TRP A 102 21.52 -1.41 -18.16
C TRP A 102 22.52 -0.30 -18.41
N ARG A 103 23.55 -0.23 -17.55
CA ARG A 103 24.72 0.63 -17.77
C ARG A 103 25.84 -0.24 -18.31
N THR A 104 26.24 -0.01 -19.54
CA THR A 104 27.29 -0.84 -20.13
C THR A 104 28.19 0.04 -20.99
N PHE A 105 28.98 -0.59 -21.85
CA PHE A 105 30.06 0.11 -22.54
C PHE A 105 29.70 0.26 -23.99
N GLY A 106 30.02 -0.70 -24.85
CA GLY A 106 29.78 -0.53 -26.27
C GLY A 106 28.31 -0.68 -26.61
N GLN A 107 27.91 0.03 -27.66
CA GLN A 107 26.49 0.08 -28.05
C GLN A 107 26.01 -1.27 -28.55
N GLU A 108 26.91 -2.07 -29.14
CA GLU A 108 26.51 -3.35 -29.70
C GLU A 108 25.94 -4.28 -28.63
N ARG A 109 26.39 -4.14 -27.39
CA ARG A 109 25.85 -4.94 -26.29
C ARG A 109 24.41 -4.57 -26.00
N LEU A 110 24.11 -3.26 -25.95
CA LEU A 110 22.73 -2.83 -25.76
C LEU A 110 21.84 -3.33 -26.89
N ASP A 111 22.32 -3.21 -28.13
CA ASP A 111 21.54 -3.64 -29.28
C ASP A 111 21.22 -5.12 -29.18
N ALA A 112 22.21 -5.93 -28.79
CA ALA A 112 22.00 -7.38 -28.71
C ALA A 112 20.96 -7.73 -27.67
N MET A 113 21.05 -7.11 -26.48
CA MET A 113 20.07 -7.37 -25.44
C MET A 113 18.67 -6.97 -25.90
N ALA A 114 18.55 -5.79 -26.53
CA ALA A 114 17.24 -5.30 -26.95
C ALA A 114 16.68 -6.14 -28.10
N SER A 115 17.55 -6.75 -28.90
CA SER A 115 17.07 -7.51 -30.05
C SER A 115 16.29 -8.75 -29.61
N VAL A 116 16.58 -9.30 -28.43
CA VAL A 116 15.96 -10.53 -28.00
C VAL A 116 15.09 -10.41 -26.74
N ALA A 117 15.30 -9.40 -25.88
CA ALA A 117 14.44 -9.24 -24.72
C ALA A 117 13.00 -8.95 -25.15
N THR A 118 12.04 -9.49 -24.39
CA THR A 118 10.63 -9.21 -24.65
C THR A 118 10.05 -8.20 -23.64
N VAL A 119 10.92 -7.43 -23.00
CA VAL A 119 10.55 -6.28 -22.17
C VAL A 119 11.43 -5.12 -22.59
N PRO A 120 11.02 -3.89 -22.29
CA PRO A 120 11.83 -2.71 -22.68
C PRO A 120 13.22 -2.74 -22.06
N VAL A 121 14.20 -2.35 -22.86
CA VAL A 121 15.59 -2.18 -22.42
C VAL A 121 15.93 -0.70 -22.49
N ILE A 122 16.50 -0.18 -21.41
CA ILE A 122 16.85 1.24 -21.28
C ILE A 122 18.35 1.34 -21.11
N ASN A 123 18.98 2.19 -21.91
CA ASN A 123 20.40 2.54 -21.73
C ASN A 123 20.49 3.55 -20.60
N ALA A 124 20.95 3.10 -19.43
CA ALA A 124 21.11 4.00 -18.29
C ALA A 124 22.24 4.98 -18.48
N LEU A 125 23.22 4.63 -19.32
CA LEU A 125 24.52 5.30 -19.48
C LEU A 125 25.42 4.36 -20.25
N SER A 126 26.04 4.80 -21.34
CA SER A 126 26.95 3.95 -22.10
C SER A 126 28.10 4.79 -22.62
N ASP A 127 29.07 4.13 -23.28
CA ASP A 127 30.21 4.87 -23.80
C ASP A 127 29.77 5.87 -24.85
N GLU A 128 28.75 5.54 -25.65
CA GLU A 128 28.46 6.37 -26.81
C GLU A 128 27.31 7.34 -26.59
N PHE A 129 26.38 7.04 -25.66
CA PHE A 129 25.22 7.91 -25.43
C PHE A 129 24.89 7.97 -23.95
N HIS A 130 24.18 9.04 -23.55
CA HIS A 130 23.67 9.17 -22.18
C HIS A 130 22.27 9.78 -22.31
N PRO A 131 21.34 9.02 -22.90
CA PRO A 131 20.06 9.61 -23.32
C PRO A 131 19.13 9.93 -22.16
N CYS A 132 19.26 9.24 -21.01
CA CYS A 132 18.43 9.60 -19.87
C CYS A 132 18.85 10.93 -19.28
N GLN A 133 20.16 11.21 -19.25
CA GLN A 133 20.59 12.52 -18.76
C GLN A 133 20.08 13.62 -19.67
N VAL A 134 20.05 13.37 -20.99
CA VAL A 134 19.61 14.45 -21.86
C VAL A 134 18.09 14.67 -21.74
N LEU A 135 17.30 13.63 -21.47
CA LEU A 135 15.89 13.89 -21.14
C LEU A 135 15.77 14.80 -19.91
N ALA A 136 16.58 14.55 -18.88
CA ALA A 136 16.56 15.41 -17.70
C ALA A 136 16.99 16.83 -18.03
N ASP A 137 18.00 16.96 -18.90
CA ASP A 137 18.45 18.28 -19.38
C ASP A 137 17.32 19.01 -20.09
N LEU A 138 16.63 18.33 -21.00
CA LEU A 138 15.53 18.97 -21.72
C LEU A 138 14.40 19.36 -20.78
N GLN A 139 14.09 18.51 -19.80
CA GLN A 139 13.11 18.88 -18.78
C GLN A 139 13.53 20.14 -18.05
N THR A 140 14.82 20.24 -17.70
CA THR A 140 15.32 21.42 -16.98
C THR A 140 15.24 22.67 -17.84
N ILE A 141 15.65 22.56 -19.10
CA ILE A 141 15.58 23.73 -19.99
C ILE A 141 14.13 24.21 -20.11
N ALA A 142 13.19 23.27 -20.25
CA ALA A 142 11.79 23.67 -20.40
C ALA A 142 11.27 24.39 -19.16
N GLU A 143 11.64 23.91 -17.96
CA GLU A 143 11.27 24.60 -16.73
C GLU A 143 11.78 26.04 -16.69
N ARG A 144 13.02 26.25 -17.16
CA ARG A 144 13.66 27.55 -17.04
C ARG A 144 13.31 28.47 -18.19
N LYS A 145 12.93 27.94 -19.36
CA LYS A 145 12.80 28.77 -20.55
C LYS A 145 11.51 28.59 -21.35
N GLY A 146 10.72 27.57 -21.09
CA GLY A 146 9.47 27.38 -21.82
C GLY A 146 9.70 26.51 -23.03
N ALA A 147 9.19 26.94 -24.19
CA ALA A 147 9.24 26.11 -25.39
C ALA A 147 10.67 25.84 -25.79
N LEU A 148 10.96 24.58 -26.14
CA LEU A 148 12.30 24.18 -26.53
C LEU A 148 12.61 24.52 -27.99
N ARG A 149 11.60 24.45 -28.85
CA ARG A 149 11.83 24.63 -30.28
C ARG A 149 12.46 25.99 -30.57
N GLY A 150 13.60 25.97 -31.27
CA GLY A 150 14.26 27.20 -31.68
C GLY A 150 15.32 27.71 -30.73
N LEU A 151 15.45 27.14 -29.52
CA LEU A 151 16.53 27.54 -28.64
C LEU A 151 17.88 27.18 -29.25
N ARG A 152 18.91 27.87 -28.80
CA ARG A 152 20.28 27.61 -29.24
C ARG A 152 21.06 27.08 -28.04
N LEU A 153 21.58 25.86 -28.18
CA LEU A 153 22.35 25.23 -27.12
C LEU A 153 23.75 24.95 -27.64
N SER A 154 24.76 25.26 -26.81
CA SER A 154 26.16 25.00 -27.15
C SER A 154 26.78 24.14 -26.07
N TYR A 155 27.41 23.05 -26.50
CA TYR A 155 28.16 22.17 -25.62
C TYR A 155 29.65 22.37 -25.87
N PHE A 156 30.45 22.35 -24.80
CA PHE A 156 31.87 22.67 -24.83
C PHE A 156 32.68 21.53 -24.25
N GLY A 157 33.78 21.15 -24.92
CA GLY A 157 34.68 20.20 -24.31
C GLY A 157 35.01 19.03 -25.21
N ASP A 158 34.87 17.80 -24.71
CA ASP A 158 35.12 16.60 -25.50
C ASP A 158 33.90 16.34 -26.38
N GLY A 159 34.05 16.57 -27.69
CA GLY A 159 32.90 16.50 -28.56
C GLY A 159 32.50 15.11 -29.02
N ALA A 160 33.22 14.08 -28.56
CA ALA A 160 32.96 12.71 -28.98
C ALA A 160 32.51 11.84 -27.81
N ASN A 161 32.19 12.44 -26.68
CA ASN A 161 31.78 11.64 -25.54
C ASN A 161 30.26 11.43 -25.57
N ASN A 162 29.76 10.71 -24.55
CA ASN A 162 28.35 10.34 -24.59
C ASN A 162 27.43 11.54 -24.48
N MET A 163 27.83 12.56 -23.69
CA MET A 163 26.98 13.73 -23.55
C MET A 163 26.92 14.55 -24.83
N ALA A 164 28.06 14.71 -25.53
CA ALA A 164 28.04 15.42 -26.80
C ALA A 164 27.12 14.72 -27.79
N HIS A 165 27.23 13.39 -27.89
CA HIS A 165 26.42 12.63 -28.81
C HIS A 165 24.94 12.74 -28.48
N SER A 166 24.59 12.65 -27.20
CA SER A 166 23.18 12.70 -26.85
C SER A 166 22.62 14.11 -26.90
N LEU A 167 23.41 15.13 -26.61
CA LEU A 167 22.90 16.48 -26.78
C LEU A 167 22.60 16.76 -28.24
N LEU A 168 23.45 16.28 -29.16
CA LEU A 168 23.16 16.37 -30.59
C LEU A 168 21.83 15.72 -30.92
N LEU A 169 21.69 14.43 -30.62
CA LEU A 169 20.50 13.68 -31.03
C LEU A 169 19.26 14.13 -30.27
N GLY A 170 19.35 14.21 -28.95
CA GLY A 170 18.19 14.57 -28.16
C GLY A 170 17.82 16.04 -28.34
N GLY A 171 18.83 16.90 -28.48
CA GLY A 171 18.55 18.31 -28.69
C GLY A 171 17.83 18.57 -30.01
N VAL A 172 18.34 18.02 -31.11
CA VAL A 172 17.66 18.31 -32.38
C VAL A 172 16.30 17.61 -32.45
N THR A 173 16.10 16.51 -31.71
CA THR A 173 14.77 15.93 -31.64
C THR A 173 13.77 16.90 -31.03
N ALA A 174 14.23 17.73 -30.07
CA ALA A 174 13.38 18.72 -29.43
C ALA A 174 13.29 20.02 -30.22
N GLY A 175 13.94 20.11 -31.39
CA GLY A 175 13.92 21.34 -32.17
C GLY A 175 14.95 22.37 -31.77
N ILE A 176 15.93 21.99 -30.95
CA ILE A 176 16.98 22.90 -30.49
C ILE A 176 18.12 22.91 -31.50
N HIS A 177 18.64 24.11 -31.80
CA HIS A 177 19.84 24.25 -32.62
C HIS A 177 21.04 23.96 -31.73
N VAL A 178 21.77 22.87 -32.03
CA VAL A 178 22.84 22.38 -31.18
C VAL A 178 24.19 22.72 -31.82
N THR A 179 25.09 23.27 -31.02
CA THR A 179 26.47 23.50 -31.43
C THR A 179 27.36 22.70 -30.51
N VAL A 180 28.32 21.97 -31.09
CA VAL A 180 29.36 21.29 -30.34
C VAL A 180 30.66 22.03 -30.59
N ALA A 181 31.29 22.55 -29.53
CA ALA A 181 32.56 23.27 -29.62
C ALA A 181 33.63 22.39 -28.99
N ALA A 182 34.58 21.92 -29.80
CA ALA A 182 35.53 20.93 -29.35
C ALA A 182 36.81 21.09 -30.16
N PRO A 183 37.95 20.72 -29.61
CA PRO A 183 39.19 20.80 -30.37
C PRO A 183 39.29 19.70 -31.42
N GLU A 184 40.09 19.99 -32.45
CA GLU A 184 40.47 19.02 -33.45
C GLU A 184 40.86 17.69 -32.81
N GLY A 185 40.34 16.61 -33.36
CA GLY A 185 40.64 15.30 -32.85
C GLY A 185 39.67 14.81 -31.79
N PHE A 186 38.76 15.67 -31.35
CA PHE A 186 37.78 15.33 -30.32
C PHE A 186 36.37 15.64 -30.80
N LEU A 187 36.09 15.33 -32.07
CA LEU A 187 34.84 15.73 -32.72
C LEU A 187 33.83 14.59 -32.70
N PRO A 188 32.52 14.90 -32.83
CA PRO A 188 31.50 13.85 -32.76
C PRO A 188 31.70 12.74 -33.78
N ASP A 189 31.30 11.54 -33.37
CA ASP A 189 31.31 10.39 -34.28
C ASP A 189 30.53 10.71 -35.56
N PRO A 190 31.08 10.40 -36.74
CA PRO A 190 30.39 10.75 -38.00
C PRO A 190 28.98 10.19 -38.12
N SER A 191 28.76 8.95 -37.68
CA SER A 191 27.42 8.36 -37.80
C SER A 191 26.42 9.10 -36.93
N VAL A 192 26.81 9.45 -35.70
CA VAL A 192 25.94 10.21 -34.81
C VAL A 192 25.67 11.59 -35.39
N ARG A 193 26.70 12.25 -35.90
CA ARG A 193 26.52 13.58 -36.47
C ARG A 193 25.57 13.54 -37.65
N ALA A 194 25.70 12.53 -38.52
CA ALA A 194 24.81 12.41 -39.67
C ALA A 194 23.39 12.11 -39.24
N ALA A 195 23.22 11.30 -38.19
CA ALA A 195 21.88 11.02 -37.69
C ALA A 195 21.23 12.27 -37.12
N ALA A 196 22.00 13.08 -36.40
CA ALA A 196 21.46 14.31 -35.86
C ALA A 196 21.14 15.30 -36.97
N GLU A 197 21.98 15.37 -38.00
CA GLU A 197 21.67 16.26 -39.11
C GLU A 197 20.35 15.88 -39.78
N ARG A 198 20.12 14.57 -40.00
CA ARG A 198 18.87 14.14 -40.60
C ARG A 198 17.67 14.42 -39.70
N ARG A 199 17.79 14.12 -38.41
CA ARG A 199 16.68 14.39 -37.49
C ARG A 199 16.39 15.89 -37.43
N ALA A 200 17.43 16.72 -37.47
CA ALA A 200 17.22 18.17 -37.39
C ALA A 200 16.42 18.68 -38.59
N GLN A 201 16.57 18.06 -39.76
CA GLN A 201 15.70 18.42 -40.88
C GLN A 201 14.23 18.30 -40.54
N ASP A 202 13.85 17.23 -39.82
CA ASP A 202 12.45 17.01 -39.48
C ASP A 202 11.90 18.04 -38.50
N THR A 203 12.76 18.66 -37.69
CA THR A 203 12.29 19.54 -36.63
C THR A 203 12.60 21.00 -36.88
N GLY A 204 13.28 21.32 -37.98
CA GLY A 204 13.72 22.68 -38.22
C GLY A 204 14.91 23.11 -37.40
N ALA A 205 15.58 22.17 -36.74
CA ALA A 205 16.78 22.44 -35.96
C ALA A 205 18.01 22.46 -36.88
N SER A 206 19.20 22.41 -36.28
CA SER A 206 20.44 22.38 -37.04
C SER A 206 21.56 21.85 -36.14
N VAL A 207 22.64 21.43 -36.78
CA VAL A 207 23.84 20.90 -36.12
C VAL A 207 25.03 21.75 -36.56
N THR A 208 25.81 22.22 -35.59
CA THR A 208 27.03 22.98 -35.86
C THR A 208 28.17 22.37 -35.05
N VAL A 209 29.32 22.15 -35.71
CA VAL A 209 30.52 21.68 -35.01
C VAL A 209 31.64 22.66 -35.31
N THR A 210 32.32 23.13 -34.26
CA THR A 210 33.28 24.22 -34.40
C THR A 210 34.37 24.09 -33.35
N ALA A 211 35.55 24.65 -33.68
CA ALA A 211 36.62 24.78 -32.68
C ALA A 211 36.67 26.16 -32.05
N ASP A 212 35.71 27.03 -32.36
CA ASP A 212 35.74 28.44 -31.93
C ASP A 212 34.77 28.56 -30.76
N ALA A 213 35.30 28.45 -29.54
CA ALA A 213 34.43 28.45 -28.37
C ALA A 213 33.70 29.78 -28.21
N HIS A 214 34.39 30.89 -28.51
CA HIS A 214 33.74 32.20 -28.41
C HIS A 214 32.56 32.31 -29.36
N ALA A 215 32.72 31.84 -30.61
CA ALA A 215 31.59 31.87 -31.54
C ALA A 215 30.45 30.96 -31.06
N ALA A 216 30.79 29.80 -30.49
CA ALA A 216 29.77 28.90 -29.99
C ALA A 216 29.00 29.52 -28.81
N ALA A 217 29.68 30.34 -27.99
CA ALA A 217 28.98 30.92 -26.84
C ALA A 217 28.08 32.09 -27.23
N ALA A 218 28.48 32.88 -28.23
CA ALA A 218 27.72 34.07 -28.60
C ALA A 218 26.29 33.69 -29.00
N GLY A 219 25.32 34.37 -28.39
CA GLY A 219 23.92 34.18 -28.71
C GLY A 219 23.29 32.92 -28.14
N ALA A 220 24.03 32.13 -27.36
CA ALA A 220 23.47 30.87 -26.88
C ALA A 220 22.47 31.10 -25.75
N ASP A 221 21.42 30.27 -25.74
CA ASP A 221 20.45 30.24 -24.64
C ASP A 221 20.85 29.27 -23.54
N VAL A 222 21.58 28.22 -23.90
CA VAL A 222 21.98 27.16 -22.97
C VAL A 222 23.43 26.84 -23.25
N LEU A 223 24.26 26.82 -22.20
CA LEU A 223 25.65 26.40 -22.31
C LEU A 223 25.82 25.14 -21.47
N VAL A 224 26.48 24.12 -22.04
CA VAL A 224 26.64 22.82 -21.40
C VAL A 224 28.10 22.42 -21.44
N THR A 225 28.59 21.79 -20.38
CA THR A 225 29.87 21.10 -20.50
C THR A 225 29.82 19.81 -19.68
N ASP A 226 30.95 19.12 -19.59
CA ASP A 226 31.04 17.82 -18.95
C ASP A 226 32.53 17.60 -18.64
N THR A 227 32.82 16.59 -17.83
CA THR A 227 34.22 16.23 -17.61
C THR A 227 34.92 15.97 -18.94
N TRP A 228 36.19 16.37 -19.00
CA TRP A 228 36.99 16.20 -20.21
C TRP A 228 37.44 14.77 -20.42
N THR A 229 37.45 13.96 -19.36
CA THR A 229 38.06 12.63 -19.42
C THR A 229 37.19 11.66 -18.64
N SER A 230 36.79 10.56 -19.28
CA SER A 230 36.12 9.48 -18.56
C SER A 230 37.16 8.58 -17.90
N MET A 231 36.69 7.68 -17.01
CA MET A 231 37.61 6.78 -16.32
C MET A 231 38.39 5.93 -17.31
N GLY A 232 37.73 5.44 -18.35
CA GLY A 232 38.43 4.61 -19.31
C GLY A 232 39.38 5.35 -20.22
N GLN A 233 39.45 6.69 -20.13
CA GLN A 233 40.36 7.46 -20.96
C GLN A 233 41.58 7.96 -20.21
N GLU A 234 41.65 7.74 -18.89
CA GLU A 234 42.79 8.24 -18.14
C GLU A 234 44.11 7.64 -18.59
N ASN A 235 44.08 6.47 -19.24
CA ASN A 235 45.30 5.81 -19.70
C ASN A 235 45.40 5.78 -21.23
N ASP A 236 44.72 6.71 -21.92
CA ASP A 236 44.73 6.63 -23.37
C ASP A 236 45.95 7.27 -24.00
N GLY A 237 46.82 7.89 -23.19
CA GLY A 237 48.08 8.42 -23.67
C GLY A 237 48.07 9.91 -24.02
N LEU A 238 46.91 10.54 -24.05
CA LEU A 238 46.78 11.94 -24.45
C LEU A 238 46.93 12.89 -23.27
N ASP A 239 47.48 14.07 -23.56
CA ASP A 239 47.27 15.23 -22.70
C ASP A 239 45.81 15.66 -22.87
N ARG A 240 44.99 15.41 -21.84
CA ARG A 240 43.56 15.73 -21.89
C ARG A 240 43.24 16.96 -21.06
N VAL A 241 44.21 17.86 -20.94
CA VAL A 241 44.01 19.15 -20.30
C VAL A 241 44.27 20.25 -21.32
N LYS A 242 45.48 20.26 -21.90
CA LYS A 242 45.88 21.36 -22.79
C LYS A 242 44.90 21.59 -23.93
N PRO A 243 44.39 20.58 -24.65
CA PRO A 243 43.46 20.88 -25.75
C PRO A 243 42.18 21.56 -25.32
N PHE A 244 41.74 21.34 -24.08
CA PHE A 244 40.40 21.72 -23.64
C PHE A 244 40.37 23.05 -22.89
N ARG A 245 41.51 23.56 -22.43
CA ARG A 245 41.47 24.79 -21.65
C ARG A 245 40.78 25.95 -22.37
N PRO A 246 40.89 26.13 -23.69
CA PRO A 246 40.14 27.23 -24.33
C PRO A 246 38.63 27.04 -24.29
N PHE A 247 38.15 25.84 -23.94
CA PHE A 247 36.73 25.52 -23.93
C PHE A 247 36.14 25.53 -22.53
N GLN A 248 36.89 25.98 -21.54
CA GLN A 248 36.37 26.02 -20.18
C GLN A 248 35.13 26.90 -20.10
N LEU A 249 34.11 26.44 -19.39
CA LEU A 249 32.90 27.23 -19.26
C LEU A 249 33.12 28.11 -18.03
N ASN A 250 33.60 29.34 -18.27
CA ASN A 250 33.95 30.29 -17.21
C ASN A 250 33.10 31.55 -17.37
N SER A 251 33.32 32.53 -16.47
CA SER A 251 32.49 33.73 -16.47
C SER A 251 32.63 34.50 -17.78
N ARG A 252 33.85 34.55 -18.34
CA ARG A 252 34.06 35.28 -19.58
C ARG A 252 33.26 34.66 -20.71
N LEU A 253 33.21 33.33 -20.77
CA LEU A 253 32.46 32.66 -21.82
C LEU A 253 30.96 32.84 -21.63
N LEU A 254 30.49 32.68 -20.39
CA LEU A 254 29.06 32.85 -20.13
C LEU A 254 28.60 34.26 -20.47
N ALA A 255 29.46 35.27 -20.26
CA ALA A 255 29.10 36.64 -20.57
C ALA A 255 28.85 36.88 -22.06
N LEU A 256 29.38 36.01 -22.92
CA LEU A 256 29.16 36.15 -24.36
C LEU A 256 27.79 35.66 -24.80
N ALA A 257 27.14 34.83 -23.99
CA ALA A 257 25.86 34.23 -24.34
C ALA A 257 24.72 35.22 -24.13
N ASP A 258 23.51 34.78 -24.43
CA ASP A 258 22.33 35.61 -24.15
C ASP A 258 22.26 35.96 -22.67
N SER A 259 21.71 37.13 -22.36
CA SER A 259 21.71 37.60 -20.98
C SER A 259 20.95 36.65 -20.05
N ASP A 260 20.00 35.88 -20.59
CA ASP A 260 19.18 34.96 -19.82
C ASP A 260 19.65 33.52 -19.94
N ALA A 261 20.87 33.29 -20.40
CA ALA A 261 21.33 31.94 -20.66
C ALA A 261 21.46 31.14 -19.36
N ILE A 262 21.24 29.83 -19.46
CA ILE A 262 21.43 28.93 -18.33
C ILE A 262 22.56 27.96 -18.63
N VAL A 263 23.08 27.33 -17.57
CA VAL A 263 24.24 26.46 -17.65
C VAL A 263 23.87 25.08 -17.13
N LEU A 264 24.28 24.04 -17.88
CA LEU A 264 24.05 22.65 -17.51
C LEU A 264 25.38 21.89 -17.44
N HIS A 265 25.40 20.85 -16.61
CA HIS A 265 26.59 20.01 -16.46
C HIS A 265 26.15 18.72 -15.79
N CYS A 266 26.32 17.59 -16.49
CA CYS A 266 26.02 16.30 -15.91
C CYS A 266 27.04 16.07 -14.80
N LEU A 267 26.57 15.85 -13.58
CA LEU A 267 27.50 15.75 -12.47
C LEU A 267 28.21 14.41 -12.49
N PRO A 268 29.41 14.30 -11.86
CA PRO A 268 30.13 15.31 -11.09
C PRO A 268 30.91 16.29 -11.93
N ALA A 269 31.10 17.49 -11.40
CA ALA A 269 31.93 18.51 -12.03
C ALA A 269 33.30 18.54 -11.37
N HIS A 270 34.32 18.79 -12.19
CA HIS A 270 35.67 19.03 -11.69
C HIS A 270 35.89 20.54 -11.76
N ARG A 271 35.55 21.21 -10.66
CA ARG A 271 35.66 22.66 -10.63
C ARG A 271 37.10 23.12 -10.86
N GLY A 272 37.27 24.10 -11.73
CA GLY A 272 38.57 24.55 -12.14
C GLY A 272 39.03 23.98 -13.47
N ASP A 273 38.43 22.89 -13.92
CA ASP A 273 38.76 22.33 -15.24
C ASP A 273 37.69 22.79 -16.24
N GLU A 274 36.67 21.96 -16.49
CA GLU A 274 35.71 22.27 -17.54
C GLU A 274 34.76 23.40 -17.14
N ILE A 275 34.62 23.69 -15.85
CA ILE A 275 33.70 24.72 -15.37
C ILE A 275 34.34 25.37 -14.15
N THR A 276 33.99 26.62 -13.89
CA THR A 276 34.51 27.34 -12.73
C THR A 276 33.48 27.42 -11.62
N ASP A 277 33.98 27.69 -10.41
CA ASP A 277 33.08 27.88 -9.27
C ASP A 277 32.06 28.97 -9.55
N ALA A 278 32.51 30.09 -10.12
CA ALA A 278 31.63 31.24 -10.28
C ALA A 278 30.43 30.90 -11.15
N VAL A 279 30.66 30.11 -12.21
CA VAL A 279 29.58 29.68 -13.09
C VAL A 279 28.72 28.64 -12.40
N MET A 280 29.38 27.65 -11.79
CA MET A 280 28.72 26.50 -11.20
C MET A 280 27.76 26.94 -10.11
N ASP A 281 28.13 27.98 -9.34
CA ASP A 281 27.40 28.43 -8.17
C ASP A 281 26.64 29.73 -8.41
N GLY A 282 26.72 30.29 -9.61
CA GLY A 282 26.04 31.53 -9.91
C GLY A 282 24.61 31.35 -10.35
N PRO A 283 23.95 32.47 -10.65
CA PRO A 283 22.50 32.44 -10.94
C PRO A 283 22.14 31.78 -12.25
N ALA A 284 23.08 31.62 -13.18
CA ALA A 284 22.76 30.96 -14.44
C ALA A 284 22.81 29.44 -14.33
N SER A 285 23.37 28.90 -13.25
CA SER A 285 23.53 27.47 -13.13
C SER A 285 22.17 26.80 -12.88
N ALA A 286 21.88 25.76 -13.66
CA ALA A 286 20.72 24.91 -13.48
C ALA A 286 21.11 23.50 -13.08
N VAL A 287 22.35 23.29 -12.64
CA VAL A 287 22.88 21.93 -12.49
C VAL A 287 22.17 21.16 -11.38
N TRP A 288 21.66 21.84 -10.36
CA TRP A 288 21.04 21.11 -9.26
C TRP A 288 19.65 20.62 -9.64
N ASP A 289 18.84 21.49 -10.26
CA ASP A 289 17.55 21.04 -10.80
C ASP A 289 17.76 19.95 -11.84
N GLU A 290 18.82 20.08 -12.63
CA GLU A 290 19.14 19.10 -13.66
C GLU A 290 19.43 17.74 -13.06
N ALA A 291 20.18 17.70 -11.96
CA ALA A 291 20.42 16.42 -11.30
C ALA A 291 19.14 15.84 -10.71
N GLU A 292 18.33 16.67 -10.07
CA GLU A 292 17.04 16.19 -9.54
C GLU A 292 16.17 15.60 -10.65
N ASN A 293 16.17 16.25 -11.82
CA ASN A 293 15.26 15.81 -12.88
C ASN A 293 15.65 14.47 -13.51
N ARG A 294 16.85 13.93 -13.23
CA ARG A 294 17.10 12.54 -13.63
C ARG A 294 16.00 11.63 -13.08
N LEU A 295 15.61 11.86 -11.81
CA LEU A 295 14.56 11.05 -11.19
C LEU A 295 13.25 11.12 -11.98
N HIS A 296 12.80 12.34 -12.28
CA HIS A 296 11.49 12.52 -12.90
C HIS A 296 11.50 12.07 -14.36
N ALA A 297 12.56 12.42 -15.09
CA ALA A 297 12.59 12.08 -16.52
C ALA A 297 12.71 10.58 -16.72
N GLN A 298 13.48 9.89 -15.86
CA GLN A 298 13.61 8.44 -16.00
C GLN A 298 12.31 7.73 -15.63
N LYS A 299 11.60 8.24 -14.60
CA LYS A 299 10.29 7.69 -14.29
C LYS A 299 9.35 7.85 -15.47
N ALA A 300 9.35 9.04 -16.09
CA ALA A 300 8.48 9.27 -17.23
C ALA A 300 8.82 8.31 -18.37
N LEU A 301 10.11 8.13 -18.64
CA LEU A 301 10.52 7.22 -19.70
C LEU A 301 10.02 5.81 -19.44
N LEU A 302 10.17 5.34 -18.21
CA LEU A 302 9.73 3.98 -17.88
C LEU A 302 8.22 3.85 -18.00
N VAL A 303 7.46 4.82 -17.47
CA VAL A 303 6.00 4.78 -17.63
C VAL A 303 5.62 4.69 -19.10
N TRP A 304 6.24 5.53 -19.92
CA TRP A 304 5.90 5.56 -21.35
C TRP A 304 6.25 4.26 -22.04
N LEU A 305 7.46 3.73 -21.80
CA LEU A 305 7.84 2.49 -22.48
C LEU A 305 6.96 1.32 -22.04
N LEU A 306 6.65 1.25 -20.75
CA LEU A 306 5.80 0.17 -20.27
C LEU A 306 4.42 0.23 -20.89
N GLU A 307 3.86 1.42 -21.05
CA GLU A 307 2.51 1.51 -21.57
C GLU A 307 2.50 1.18 -23.05
N ARG A 308 3.56 1.56 -23.77
CA ARG A 308 3.68 1.22 -25.19
C ARG A 308 4.08 -0.23 -25.45
N SER A 309 4.50 -0.98 -24.45
CA SER A 309 5.03 -2.33 -24.72
C SER A 309 4.21 -3.43 -24.04
N VAL B 3 16.88 25.70 11.07
CA VAL B 3 15.54 25.13 11.15
C VAL B 3 15.60 23.62 10.84
N ILE B 4 16.67 23.20 10.16
CA ILE B 4 16.87 21.80 9.85
C ILE B 4 17.74 21.19 10.96
N ARG B 5 17.20 20.21 11.68
CA ARG B 5 17.88 19.63 12.83
C ARG B 5 18.75 18.46 12.39
N HIS B 6 19.95 18.38 12.97
CA HIS B 6 20.85 17.25 12.78
C HIS B 6 21.04 16.52 14.10
N PHE B 7 21.57 15.30 14.00
CA PHE B 7 21.89 14.49 15.19
C PHE B 7 23.28 13.89 14.95
N LEU B 8 24.31 14.64 15.35
CA LEU B 8 25.69 14.24 15.11
C LEU B 8 26.38 13.74 16.37
N ARG B 9 25.84 14.09 17.53
CA ARG B 9 26.37 13.70 18.83
C ARG B 9 25.22 13.80 19.82
N ASP B 10 25.38 13.10 20.94
CA ASP B 10 24.29 12.81 21.86
C ASP B 10 23.63 14.09 22.36
N ASP B 11 24.43 15.09 22.70
CA ASP B 11 23.93 16.33 23.27
C ASP B 11 23.37 17.27 22.23
N ASP B 12 23.26 16.86 20.96
CA ASP B 12 22.48 17.65 20.01
C ASP B 12 21.01 17.70 20.39
N LEU B 13 20.54 16.75 21.18
CA LEU B 13 19.21 16.79 21.77
C LEU B 13 19.28 17.34 23.20
N SER B 14 18.37 18.25 23.54
CA SER B 14 18.25 18.71 24.91
C SER B 14 17.69 17.57 25.76
N PRO B 15 17.74 17.68 27.09
CA PRO B 15 17.07 16.67 27.92
C PRO B 15 15.61 16.44 27.53
N ALA B 16 14.85 17.52 27.32
CA ALA B 16 13.44 17.38 26.96
C ALA B 16 13.29 16.73 25.58
N GLU B 17 14.14 17.11 24.63
CA GLU B 17 14.05 16.51 23.30
C GLU B 17 14.42 15.05 23.34
N GLN B 18 15.45 14.69 24.11
CA GLN B 18 15.83 13.29 24.23
C GLN B 18 14.67 12.47 24.80
N ALA B 19 14.00 13.00 25.82
CA ALA B 19 12.85 12.31 26.39
C ALA B 19 11.77 12.09 25.34
N GLU B 20 11.54 13.07 24.46
CA GLU B 20 10.55 12.89 23.41
C GLU B 20 10.94 11.75 22.47
N VAL B 21 12.21 11.71 22.07
CA VAL B 21 12.64 10.64 21.17
C VAL B 21 12.50 9.28 21.83
N LEU B 22 12.86 9.17 23.12
CA LEU B 22 12.77 7.87 23.78
C LEU B 22 11.31 7.43 23.94
N GLU B 23 10.40 8.37 24.18
CA GLU B 23 8.99 8.03 24.25
C GLU B 23 8.48 7.55 22.91
N LEU B 24 8.89 8.23 21.83
CA LEU B 24 8.55 7.78 20.49
C LEU B 24 9.08 6.38 20.20
N ALA B 25 10.29 6.08 20.69
CA ALA B 25 10.84 4.73 20.46
C ALA B 25 9.99 3.67 21.15
N ALA B 26 9.48 3.97 22.33
CA ALA B 26 8.64 3.00 23.01
C ALA B 26 7.34 2.80 22.24
N GLU B 27 6.76 3.88 21.74
CA GLU B 27 5.53 3.80 20.95
C GLU B 27 5.77 3.02 19.66
N LEU B 28 6.90 3.25 18.99
CA LEU B 28 7.15 2.55 17.73
C LEU B 28 7.47 1.08 17.96
N LYS B 29 8.06 0.73 19.10
CA LYS B 29 8.27 -0.68 19.41
C LYS B 29 6.93 -1.40 19.51
N LYS B 30 5.94 -0.74 20.09
CA LYS B 30 4.64 -1.37 20.25
C LYS B 30 3.86 -1.40 18.93
N ASP B 31 4.00 -0.37 18.10
CA ASP B 31 3.27 -0.27 16.82
C ASP B 31 4.22 0.12 15.70
N PRO B 32 4.95 -0.86 15.15
CA PRO B 32 6.13 -0.52 14.30
C PRO B 32 5.80 0.05 12.92
N VAL B 33 4.57 -0.02 12.45
CA VAL B 33 4.26 0.55 11.14
C VAL B 33 3.21 1.66 11.25
N SER B 34 3.02 2.23 12.44
CA SER B 34 1.98 3.24 12.66
C SER B 34 2.43 4.64 12.25
N ARG B 35 3.71 4.85 12.01
CA ARG B 35 4.24 6.16 11.64
C ARG B 35 4.82 6.04 10.24
N ARG B 36 4.25 6.79 9.29
CA ARG B 36 4.65 6.67 7.90
C ARG B 36 4.99 8.03 7.29
N PRO B 37 5.95 8.75 7.89
CA PRO B 37 6.38 10.04 7.32
C PRO B 37 7.08 9.92 5.99
N LEU B 38 7.57 8.73 5.64
CA LEU B 38 8.28 8.55 4.38
C LEU B 38 7.43 7.81 3.35
N GLN B 39 6.11 7.73 3.59
CA GLN B 39 5.23 7.03 2.67
C GLN B 39 5.37 7.59 1.26
N GLY B 40 5.32 6.72 0.26
CA GLY B 40 5.48 7.16 -1.11
C GLY B 40 5.92 6.05 -2.04
N PRO B 41 7.17 5.58 -1.89
CA PRO B 41 8.15 5.92 -0.85
C PRO B 41 8.96 7.18 -1.12
N ARG B 42 9.34 7.86 -0.04
CA ARG B 42 10.32 8.94 -0.12
C ARG B 42 11.65 8.25 0.23
N GLY B 43 12.75 8.80 -0.23
CA GLY B 43 14.05 8.19 0.02
C GLY B 43 14.74 8.70 1.28
N VAL B 44 15.64 7.87 1.80
CA VAL B 44 16.62 8.24 2.82
C VAL B 44 17.96 7.66 2.39
N ALA B 45 18.98 8.50 2.33
CA ALA B 45 20.31 8.00 1.96
C ALA B 45 20.98 7.39 3.19
N VAL B 46 21.60 6.23 3.03
CA VAL B 46 22.35 5.58 4.11
C VAL B 46 23.75 5.31 3.55
N ILE B 47 24.72 6.11 3.96
CA ILE B 47 26.02 6.15 3.30
C ILE B 47 27.08 5.71 4.29
N PHE B 48 27.97 4.83 3.84
CA PHE B 48 29.04 4.28 4.69
C PHE B 48 30.39 4.56 4.07
N ASP B 49 31.22 5.34 4.78
CA ASP B 49 32.63 5.44 4.38
C ASP B 49 33.38 4.16 4.72
N LYS B 50 32.94 3.47 5.78
CA LYS B 50 33.42 2.15 6.15
C LYS B 50 32.18 1.33 6.46
N ASN B 51 32.14 0.10 5.93
CA ASN B 51 31.01 -0.79 6.19
C ASN B 51 30.74 -0.95 7.68
N SER B 52 29.46 -0.99 8.02
CA SER B 52 29.00 -1.48 9.32
C SER B 52 27.71 -2.21 9.02
N THR B 53 27.78 -3.54 8.99
CA THR B 53 26.62 -4.33 8.59
C THR B 53 25.48 -4.16 9.57
N ARG B 54 25.77 -4.16 10.88
CA ARG B 54 24.69 -4.02 11.86
C ARG B 54 24.02 -2.66 11.76
N THR B 55 24.79 -1.60 11.54
CA THR B 55 24.20 -0.27 11.39
C THR B 55 23.34 -0.21 10.15
N ARG B 56 23.83 -0.76 9.04
CA ARG B 56 23.08 -0.72 7.80
C ARG B 56 21.80 -1.51 7.92
N PHE B 57 21.88 -2.66 8.60
CA PHE B 57 20.77 -3.60 8.72
C PHE B 57 19.58 -2.93 9.40
N SER B 58 19.84 -2.31 10.57
CA SER B 58 18.75 -1.71 11.36
C SER B 58 18.18 -0.47 10.68
N PHE B 59 19.02 0.37 10.06
CA PHE B 59 18.49 1.55 9.41
C PHE B 59 17.66 1.19 8.18
N GLU B 60 18.16 0.25 7.38
CA GLU B 60 17.46 -0.13 6.15
C GLU B 60 16.06 -0.64 6.43
N LEU B 61 15.94 -1.53 7.42
CA LEU B 61 14.63 -2.06 7.78
C LEU B 61 13.76 -0.99 8.44
N GLY B 62 14.35 -0.17 9.30
CA GLY B 62 13.58 0.87 9.96
C GLY B 62 13.00 1.88 9.00
N ILE B 63 13.81 2.29 8.01
CA ILE B 63 13.31 3.23 7.01
C ILE B 63 12.16 2.61 6.23
N ALA B 64 12.28 1.33 5.88
CA ALA B 64 11.19 0.67 5.16
C ALA B 64 9.90 0.67 5.99
N GLN B 65 10.02 0.50 7.30
CA GLN B 65 8.84 0.46 8.15
C GLN B 65 8.23 1.83 8.38
N LEU B 66 8.99 2.90 8.09
CA LEU B 66 8.40 4.25 8.05
C LEU B 66 7.79 4.55 6.69
N GLY B 67 7.72 3.55 5.80
CA GLY B 67 7.16 3.72 4.47
C GLY B 67 8.15 4.12 3.40
N GLY B 68 9.42 4.33 3.75
CA GLY B 68 10.40 4.86 2.82
C GLY B 68 11.21 3.77 2.12
N HIS B 69 12.17 4.24 1.31
CA HIS B 69 13.10 3.36 0.61
C HIS B 69 14.50 3.83 0.95
N ALA B 70 15.27 3.00 1.66
CA ALA B 70 16.65 3.35 1.94
C ALA B 70 17.50 3.14 0.69
N VAL B 71 18.23 4.18 0.28
CA VAL B 71 19.24 4.02 -0.75
C VAL B 71 20.59 3.91 -0.06
N VAL B 72 21.16 2.72 -0.10
CA VAL B 72 22.38 2.40 0.64
C VAL B 72 23.58 2.57 -0.29
N VAL B 73 24.60 3.30 0.19
CA VAL B 73 25.89 3.44 -0.54
C VAL B 73 26.99 2.88 0.39
N ASP B 74 27.50 1.69 0.09
CA ASP B 74 28.54 1.07 0.95
C ASP B 74 29.85 0.85 0.18
N SER B 75 30.66 -0.08 0.67
CA SER B 75 31.99 -0.37 0.05
C SER B 75 31.77 -0.88 -1.36
N GLY B 76 32.62 -0.46 -2.28
CA GLY B 76 32.39 -0.86 -3.69
C GLY B 76 31.65 0.23 -4.41
N SER B 77 30.65 0.83 -3.74
CA SER B 77 30.00 2.01 -4.33
C SER B 77 30.89 3.18 -3.95
N THR B 78 30.56 4.39 -4.37
CA THR B 78 31.49 5.52 -4.21
C THR B 78 31.45 6.18 -2.84
N GLN B 79 32.56 6.12 -2.11
CA GLN B 79 32.63 6.85 -0.82
C GLN B 79 32.48 8.33 -1.15
N LEU B 80 31.85 9.08 -0.27
CA LEU B 80 31.57 10.51 -0.56
C LEU B 80 32.85 11.34 -0.61
N GLY B 81 32.87 12.35 -1.47
CA GLY B 81 33.97 13.28 -1.56
C GLY B 81 35.14 12.83 -2.39
N ARG B 82 35.02 11.69 -3.06
CA ARG B 82 36.11 11.23 -3.93
C ARG B 82 35.98 11.76 -5.35
N ASP B 83 34.75 11.96 -5.84
CA ASP B 83 34.52 12.46 -7.18
C ASP B 83 34.04 13.91 -7.24
N GLU B 84 33.53 14.45 -6.13
CA GLU B 84 33.03 15.81 -6.10
C GLU B 84 33.07 16.30 -4.67
N THR B 85 32.97 17.62 -4.51
CA THR B 85 32.98 18.21 -3.18
C THR B 85 31.81 17.69 -2.35
N LEU B 86 32.04 17.57 -1.05
CA LEU B 86 30.95 17.18 -0.17
C LEU B 86 29.80 18.17 -0.24
N GLN B 87 30.09 19.43 -0.56
CA GLN B 87 29.01 20.41 -0.67
C GLN B 87 28.14 20.12 -1.89
N ASP B 88 28.76 19.76 -3.02
CA ASP B 88 27.98 19.38 -4.20
C ASP B 88 27.12 18.15 -3.93
N THR B 89 27.70 17.15 -3.26
CA THR B 89 26.93 15.96 -2.91
C THR B 89 25.76 16.30 -1.98
N ALA B 90 25.98 17.19 -1.01
CA ALA B 90 24.90 17.56 -0.10
C ALA B 90 23.74 18.23 -0.81
N LYS B 91 24.03 19.08 -1.81
CA LYS B 91 22.95 19.74 -2.53
C LYS B 91 22.12 18.76 -3.35
N VAL B 92 22.78 17.81 -4.01
CA VAL B 92 22.04 16.85 -4.83
C VAL B 92 21.25 15.90 -3.94
N LEU B 93 21.88 15.38 -2.89
CA LEU B 93 21.16 14.49 -1.99
C LEU B 93 19.92 15.15 -1.42
N SER B 94 20.01 16.44 -1.09
CA SER B 94 18.85 17.16 -0.58
C SER B 94 17.70 17.21 -1.60
N ARG B 95 17.97 16.94 -2.88
CA ARG B 95 16.91 16.84 -3.89
C ARG B 95 16.31 15.46 -3.97
N TYR B 96 17.02 14.43 -3.53
CA TYR B 96 16.62 13.05 -3.74
C TYR B 96 16.02 12.40 -2.52
N VAL B 97 16.48 12.78 -1.33
CA VAL B 97 16.08 12.08 -0.12
C VAL B 97 15.63 13.08 0.93
N ASP B 98 14.93 12.58 1.94
CA ASP B 98 14.43 13.41 3.04
C ASP B 98 15.34 13.42 4.26
N ALA B 99 16.38 12.59 4.28
CA ALA B 99 17.36 12.58 5.35
C ALA B 99 18.59 11.85 4.86
N ILE B 100 19.71 12.11 5.51
CA ILE B 100 21.00 11.53 5.17
C ILE B 100 21.55 10.88 6.44
N VAL B 101 21.71 9.56 6.40
CA VAL B 101 22.31 8.81 7.50
C VAL B 101 23.71 8.44 7.05
N TRP B 102 24.72 8.80 7.84
CA TRP B 102 26.10 8.70 7.36
C TRP B 102 26.99 8.10 8.44
N ARG B 103 27.72 7.04 8.07
CA ARG B 103 28.80 6.50 8.89
C ARG B 103 30.10 6.99 8.29
N THR B 104 30.77 7.91 9.00
CA THR B 104 32.06 8.39 8.54
C THR B 104 33.00 8.42 9.73
N PHE B 105 34.19 8.99 9.57
CA PHE B 105 35.16 8.78 10.63
C PHE B 105 35.33 10.02 11.47
N GLY B 106 36.10 10.98 10.96
CA GLY B 106 36.24 12.25 11.63
C GLY B 106 34.92 12.97 11.74
N GLN B 107 34.78 13.83 12.75
CA GLN B 107 33.52 14.57 12.99
C GLN B 107 33.47 15.84 12.14
N GLU B 108 34.61 16.32 11.66
CA GLU B 108 34.58 17.51 10.81
C GLU B 108 33.84 17.22 9.50
N ARG B 109 33.85 15.97 9.05
CA ARG B 109 33.12 15.61 7.85
C ARG B 109 31.62 15.66 8.08
N LEU B 110 31.15 15.13 9.23
CA LEU B 110 29.74 15.22 9.57
C LEU B 110 29.29 16.67 9.70
N ASP B 111 30.08 17.50 10.40
CA ASP B 111 29.71 18.90 10.57
C ASP B 111 29.63 19.60 9.21
N ALA B 112 30.53 19.24 8.29
CA ALA B 112 30.51 19.87 6.96
C ALA B 112 29.23 19.53 6.22
N MET B 113 28.87 18.25 6.18
CA MET B 113 27.61 17.84 5.57
C MET B 113 26.44 18.61 6.17
N ALA B 114 26.35 18.62 7.50
CA ALA B 114 25.21 19.20 8.18
C ALA B 114 25.12 20.71 7.95
N SER B 115 26.24 21.39 7.70
CA SER B 115 26.17 22.84 7.51
C SER B 115 25.63 23.22 6.13
N VAL B 116 25.62 22.30 5.17
CA VAL B 116 25.18 22.57 3.81
C VAL B 116 23.83 21.92 3.50
N ALA B 117 23.66 20.66 3.90
CA ALA B 117 22.45 19.92 3.53
C ALA B 117 21.21 20.61 4.09
N THR B 118 20.12 20.56 3.32
CA THR B 118 18.84 21.09 3.76
C THR B 118 17.86 19.99 4.15
N VAL B 119 18.36 18.80 4.44
CA VAL B 119 17.61 17.71 5.08
C VAL B 119 18.43 17.28 6.30
N PRO B 120 17.79 16.62 7.27
CA PRO B 120 18.54 16.20 8.47
C PRO B 120 19.67 15.22 8.16
N VAL B 121 20.80 15.43 8.85
CA VAL B 121 21.95 14.52 8.80
C VAL B 121 22.04 13.80 10.15
N ILE B 122 22.21 12.49 10.10
CA ILE B 122 22.30 11.63 11.29
C ILE B 122 23.66 10.94 11.28
N ASN B 123 24.37 11.04 12.39
CA ASN B 123 25.60 10.27 12.60
C ASN B 123 25.20 8.82 12.92
N ALA B 124 25.37 7.93 11.94
CA ALA B 124 25.05 6.53 12.15
C ALA B 124 26.00 5.83 13.12
N LEU B 125 27.23 6.35 13.26
CA LEU B 125 28.38 5.75 13.92
C LEU B 125 29.60 6.52 13.44
N SER B 126 30.46 6.97 14.34
CA SER B 126 31.66 7.71 13.95
C SER B 126 32.78 7.31 14.91
N ASP B 127 33.98 7.85 14.65
CA ASP B 127 35.10 7.54 15.53
C ASP B 127 34.89 8.11 16.91
N GLU B 128 34.20 9.25 17.02
CA GLU B 128 34.12 9.94 18.30
C GLU B 128 32.85 9.66 19.06
N PHE B 129 31.74 9.37 18.37
CA PHE B 129 30.44 9.19 19.02
C PHE B 129 29.69 8.05 18.36
N HIS B 130 28.78 7.40 19.11
CA HIS B 130 27.88 6.31 18.62
C HIS B 130 26.52 6.70 19.24
N PRO B 131 25.88 7.82 18.86
CA PRO B 131 24.74 8.34 19.62
C PRO B 131 23.46 7.61 19.37
N CYS B 132 23.34 6.92 18.23
CA CYS B 132 22.16 6.10 18.00
C CYS B 132 22.18 4.88 18.88
N GLN B 133 23.36 4.27 19.10
CA GLN B 133 23.40 3.12 20.00
C GLN B 133 23.03 3.52 21.41
N VAL B 134 23.46 4.72 21.83
CA VAL B 134 23.12 5.13 23.19
C VAL B 134 21.63 5.43 23.31
N LEU B 135 20.98 5.95 22.26
CA LEU B 135 19.52 6.03 22.32
C LEU B 135 18.91 4.66 22.54
N ALA B 136 19.41 3.64 21.82
CA ALA B 136 18.91 2.27 22.04
C ALA B 136 19.21 1.78 23.45
N ASP B 137 20.39 2.08 23.99
CA ASP B 137 20.70 1.73 25.37
C ASP B 137 19.72 2.37 26.35
N LEU B 138 19.45 3.66 26.19
CA LEU B 138 18.54 4.32 27.12
C LEU B 138 17.14 3.72 27.04
N GLN B 139 16.69 3.40 25.83
CA GLN B 139 15.41 2.72 25.69
C GLN B 139 15.41 1.39 26.43
N THR B 140 16.51 0.63 26.32
CA THR B 140 16.61 -0.66 26.99
C THR B 140 16.60 -0.50 28.51
N ILE B 141 17.34 0.47 29.03
CA ILE B 141 17.36 0.71 30.47
C ILE B 141 15.96 1.09 30.96
N ALA B 142 15.29 1.99 30.24
CA ALA B 142 13.96 2.44 30.67
C ALA B 142 12.96 1.29 30.70
N GLU B 143 13.03 0.37 29.74
CA GLU B 143 12.04 -0.70 29.79
C GLU B 143 12.32 -1.71 30.89
N ARG B 144 13.58 -1.84 31.33
CA ARG B 144 13.92 -2.74 32.43
C ARG B 144 13.81 -2.06 33.80
N LYS B 145 14.12 -0.76 33.89
CA LYS B 145 14.21 -0.02 35.15
C LYS B 145 13.10 0.98 35.39
N GLY B 146 12.45 1.48 34.37
CA GLY B 146 11.53 2.60 34.51
C GLY B 146 12.26 3.93 34.33
N ALA B 147 12.16 4.80 35.33
CA ALA B 147 12.74 6.14 35.23
C ALA B 147 14.26 6.07 35.11
N LEU B 148 14.80 6.89 34.19
CA LEU B 148 16.25 6.98 33.99
C LEU B 148 16.91 7.90 35.00
N ARG B 149 16.22 8.98 35.37
CA ARG B 149 16.82 9.99 36.25
C ARG B 149 17.30 9.38 37.56
N GLY B 150 18.58 9.61 37.87
CA GLY B 150 19.14 9.21 39.14
C GLY B 150 19.76 7.82 39.15
N LEU B 151 19.64 7.05 38.09
CA LEU B 151 20.32 5.78 37.99
C LEU B 151 21.82 6.00 37.95
N ARG B 152 22.57 4.98 38.37
CA ARG B 152 24.03 4.99 38.26
C ARG B 152 24.44 4.04 37.15
N LEU B 153 25.18 4.56 36.17
CA LEU B 153 25.66 3.77 35.05
C LEU B 153 27.18 3.82 35.04
N SER B 154 27.80 2.66 34.88
CA SER B 154 29.25 2.57 34.78
C SER B 154 29.62 1.89 33.48
N TYR B 155 30.57 2.49 32.76
CA TYR B 155 31.15 1.91 31.56
C TYR B 155 32.58 1.48 31.85
N PHE B 156 32.95 0.29 31.37
CA PHE B 156 34.23 -0.33 31.68
C PHE B 156 35.02 -0.62 30.40
N GLY B 157 36.33 -0.36 30.45
CA GLY B 157 37.20 -0.74 29.37
C GLY B 157 37.93 0.43 28.72
N ASP B 158 37.76 0.58 27.41
CA ASP B 158 38.40 1.66 26.64
C ASP B 158 37.57 2.93 26.84
N GLY B 159 38.04 3.82 27.70
CA GLY B 159 37.27 5.02 27.94
C GLY B 159 37.44 6.12 26.93
N ALA B 160 38.21 5.87 25.86
CA ALA B 160 38.42 6.88 24.83
C ALA B 160 37.61 6.60 23.56
N ASN B 161 36.84 5.53 23.51
CA ASN B 161 36.16 5.16 22.27
C ASN B 161 34.78 5.81 22.19
N ASN B 162 34.08 5.56 21.07
CA ASN B 162 32.84 6.29 20.80
C ASN B 162 31.73 5.98 21.80
N MET B 163 31.65 4.74 22.29
CA MET B 163 30.62 4.43 23.30
C MET B 163 30.86 5.15 24.62
N ALA B 164 32.12 5.24 25.07
CA ALA B 164 32.39 5.99 26.30
C ALA B 164 31.93 7.43 26.18
N HIS B 165 32.26 8.07 25.04
CA HIS B 165 31.87 9.45 24.82
C HIS B 165 30.36 9.63 24.77
N SER B 166 29.68 8.73 24.07
CA SER B 166 28.23 8.87 23.92
C SER B 166 27.50 8.47 25.19
N LEU B 167 28.01 7.50 25.95
CA LEU B 167 27.37 7.20 27.23
C LEU B 167 27.50 8.39 28.19
N LEU B 168 28.65 9.06 28.18
CA LEU B 168 28.80 10.29 28.97
C LEU B 168 27.74 11.34 28.57
N LEU B 169 27.70 11.70 27.28
CA LEU B 169 26.83 12.79 26.84
C LEU B 169 25.36 12.38 26.90
N GLY B 170 25.01 11.24 26.30
CA GLY B 170 23.63 10.80 26.33
C GLY B 170 23.16 10.44 27.72
N GLY B 171 24.03 9.83 28.52
CA GLY B 171 23.65 9.45 29.87
C GLY B 171 23.32 10.66 30.74
N VAL B 172 24.22 11.64 30.80
CA VAL B 172 23.92 12.79 31.66
C VAL B 172 22.74 13.56 31.09
N THR B 173 22.54 13.53 29.76
CA THR B 173 21.37 14.20 29.20
C THR B 173 20.07 13.59 29.75
N ALA B 174 20.09 12.28 30.04
CA ALA B 174 18.95 11.58 30.64
C ALA B 174 18.89 11.67 32.16
N GLY B 175 19.82 12.38 32.79
CA GLY B 175 19.84 12.47 34.24
C GLY B 175 20.54 11.31 34.94
N ILE B 176 21.30 10.52 34.22
CA ILE B 176 22.00 9.36 34.76
C ILE B 176 23.37 9.78 35.26
N HIS B 177 23.75 9.29 36.44
CA HIS B 177 25.10 9.49 36.97
C HIS B 177 26.04 8.54 36.26
N VAL B 178 26.97 9.07 35.45
CA VAL B 178 27.82 8.25 34.59
C VAL B 178 29.23 8.16 35.16
N THR B 179 29.75 6.95 35.24
CA THR B 179 31.13 6.68 35.62
C THR B 179 31.81 5.94 34.49
N VAL B 180 33.01 6.38 34.12
CA VAL B 180 33.85 5.69 33.14
C VAL B 180 35.02 5.09 33.89
N ALA B 181 35.15 3.77 33.84
CA ALA B 181 36.23 3.03 34.49
C ALA B 181 37.19 2.54 33.40
N ALA B 182 38.38 3.12 33.35
CA ALA B 182 39.29 2.90 32.23
C ALA B 182 40.73 3.04 32.71
N PRO B 183 41.69 2.43 32.01
CA PRO B 183 43.10 2.59 32.38
C PRO B 183 43.69 3.86 31.80
N GLU B 184 44.89 4.20 32.28
CA GLU B 184 45.41 5.56 32.14
C GLU B 184 45.65 5.98 30.69
N GLY B 185 45.97 5.04 29.80
CA GLY B 185 46.13 5.51 28.43
C GLY B 185 44.85 5.67 27.60
N PHE B 186 43.68 5.38 28.18
CA PHE B 186 42.45 5.28 27.40
C PHE B 186 41.29 5.98 28.12
N LEU B 187 41.45 7.28 28.34
CA LEU B 187 40.45 8.10 29.03
C LEU B 187 39.66 8.94 28.05
N PRO B 188 38.48 9.46 28.45
CA PRO B 188 37.67 10.25 27.52
C PRO B 188 38.42 11.47 27.00
N ASP B 189 38.04 11.88 25.80
CA ASP B 189 38.52 13.13 25.24
C ASP B 189 38.14 14.29 26.17
N PRO B 190 39.09 15.18 26.51
CA PRO B 190 38.79 16.20 27.52
C PRO B 190 37.63 17.12 27.16
N SER B 191 37.49 17.46 25.88
CA SER B 191 36.37 18.32 25.48
C SER B 191 35.03 17.61 25.63
N VAL B 192 34.97 16.31 25.34
CA VAL B 192 33.73 15.57 25.56
C VAL B 192 33.40 15.51 27.03
N ARG B 193 34.40 15.19 27.87
CA ARG B 193 34.15 15.14 29.30
C ARG B 193 33.63 16.47 29.83
N ALA B 194 34.21 17.59 29.38
CA ALA B 194 33.75 18.91 29.79
C ALA B 194 32.31 19.18 29.34
N ALA B 195 31.95 18.78 28.12
CA ALA B 195 30.58 18.98 27.68
C ALA B 195 29.60 18.18 28.54
N ALA B 196 29.99 16.96 28.91
CA ALA B 196 29.15 16.12 29.75
C ALA B 196 29.00 16.71 31.15
N GLU B 197 30.09 17.25 31.70
CA GLU B 197 30.00 17.85 33.03
C GLU B 197 29.08 19.07 33.01
N ARG B 198 29.13 19.86 31.94
CA ARG B 198 28.23 21.00 31.81
C ARG B 198 26.77 20.55 31.73
N ARG B 199 26.50 19.55 30.89
CA ARG B 199 25.12 19.12 30.71
C ARG B 199 24.59 18.47 31.98
N ALA B 200 25.47 17.79 32.73
CA ALA B 200 25.06 17.17 33.99
C ALA B 200 24.57 18.20 35.01
N GLN B 201 25.07 19.43 34.94
CA GLN B 201 24.56 20.47 35.84
C GLN B 201 23.07 20.73 35.64
N ASP B 202 22.58 20.62 34.41
CA ASP B 202 21.17 20.91 34.15
C ASP B 202 20.25 19.77 34.57
N THR B 203 20.75 18.54 34.60
CA THR B 203 19.90 17.38 34.82
C THR B 203 20.09 16.75 36.19
N GLY B 204 20.97 17.29 37.02
CA GLY B 204 21.26 16.67 38.30
C GLY B 204 22.11 15.43 38.22
N ALA B 205 22.71 15.12 37.08
CA ALA B 205 23.56 13.96 36.94
C ALA B 205 24.98 14.30 37.40
N SER B 206 25.94 13.45 37.04
CA SER B 206 27.34 13.65 37.42
C SER B 206 28.21 12.86 36.46
N VAL B 207 29.49 13.18 36.45
CA VAL B 207 30.49 12.51 35.63
C VAL B 207 31.63 12.09 36.54
N THR B 208 32.03 10.82 36.47
CA THR B 208 33.17 10.30 37.21
C THR B 208 34.05 9.50 36.27
N VAL B 209 35.36 9.72 36.34
CA VAL B 209 36.34 8.92 35.62
C VAL B 209 37.31 8.33 36.64
N THR B 210 37.49 7.01 36.60
CA THR B 210 38.28 6.31 37.59
C THR B 210 39.01 5.14 36.95
N ALA B 211 40.11 4.74 37.57
CA ALA B 211 40.80 3.50 37.22
C ALA B 211 40.42 2.35 38.15
N ASP B 212 39.46 2.58 39.06
CA ASP B 212 39.09 1.61 40.09
C ASP B 212 37.80 0.95 39.66
N ALA B 213 37.92 -0.22 39.03
CA ALA B 213 36.76 -0.92 38.49
C ALA B 213 35.85 -1.41 39.61
N HIS B 214 36.42 -1.74 40.76
CA HIS B 214 35.60 -2.19 41.89
C HIS B 214 34.69 -1.07 42.37
N ALA B 215 35.25 0.13 42.53
CA ALA B 215 34.44 1.26 42.95
C ALA B 215 33.41 1.64 41.91
N ALA B 216 33.75 1.52 40.62
CA ALA B 216 32.78 1.84 39.59
C ALA B 216 31.63 0.84 39.57
N ALA B 217 31.90 -0.43 39.92
CA ALA B 217 30.83 -1.43 39.89
C ALA B 217 29.98 -1.39 41.14
N ALA B 218 30.56 -1.01 42.29
CA ALA B 218 29.83 -0.93 43.55
C ALA B 218 28.62 -0.03 43.43
N GLY B 219 27.43 -0.61 43.64
CA GLY B 219 26.21 0.17 43.63
C GLY B 219 25.72 0.59 42.26
N ALA B 220 26.34 0.13 41.19
CA ALA B 220 25.90 0.49 39.85
C ALA B 220 24.56 -0.16 39.53
N ASP B 221 23.72 0.57 38.79
CA ASP B 221 22.46 0.02 38.28
C ASP B 221 22.58 -0.51 36.87
N VAL B 222 23.53 0.02 36.10
CA VAL B 222 23.75 -0.39 34.72
C VAL B 222 25.26 -0.51 34.53
N LEU B 223 25.71 -1.64 34.01
CA LEU B 223 27.13 -1.87 33.74
C LEU B 223 27.30 -2.13 32.26
N VAL B 224 28.20 -1.40 31.62
CA VAL B 224 28.36 -1.40 30.17
C VAL B 224 29.82 -1.67 29.82
N THR B 225 30.05 -2.40 28.73
CA THR B 225 31.38 -2.52 28.19
C THR B 225 31.27 -2.62 26.66
N ASP B 226 32.41 -2.82 26.02
CA ASP B 226 32.54 -2.72 24.57
C ASP B 226 33.85 -3.43 24.22
N THR B 227 34.03 -3.75 22.95
CA THR B 227 35.29 -4.38 22.56
C THR B 227 36.46 -3.46 22.91
N TRP B 228 37.58 -4.08 23.24
CA TRP B 228 38.78 -3.34 23.60
C TRP B 228 39.54 -2.82 22.39
N THR B 229 39.23 -3.30 21.20
CA THR B 229 39.93 -2.89 19.98
C THR B 229 38.96 -2.30 18.96
N ASP B 239 50.46 -9.62 24.06
CA ASP B 239 49.19 -9.08 24.54
C ASP B 239 49.16 -7.55 24.42
N ARG B 240 48.40 -7.06 23.45
CA ARG B 240 48.15 -5.63 23.29
C ARG B 240 46.90 -5.18 24.03
N VAL B 241 46.34 -6.03 24.90
CA VAL B 241 45.14 -5.74 25.66
C VAL B 241 45.39 -5.90 27.16
N LYS B 242 46.66 -5.91 27.57
CA LYS B 242 47.00 -6.02 28.99
C LYS B 242 46.31 -4.98 29.87
N PRO B 243 46.26 -3.68 29.53
CA PRO B 243 45.69 -2.70 30.48
C PRO B 243 44.20 -2.86 30.72
N PHE B 244 43.47 -3.57 29.87
CA PHE B 244 42.03 -3.67 30.01
C PHE B 244 41.56 -4.87 30.81
N ARG B 245 42.43 -5.86 31.03
CA ARG B 245 42.03 -7.05 31.77
C ARG B 245 41.43 -6.77 33.13
N PRO B 246 41.93 -5.84 33.96
CA PRO B 246 41.26 -5.57 35.24
C PRO B 246 39.84 -5.03 35.09
N PHE B 247 39.44 -4.61 33.90
CA PHE B 247 38.12 -4.00 33.69
C PHE B 247 37.12 -4.95 33.04
N GLN B 248 37.45 -6.24 32.93
CA GLN B 248 36.52 -7.21 32.37
C GLN B 248 35.22 -7.26 33.18
N LEU B 249 34.09 -7.20 32.48
CA LEU B 249 32.79 -7.47 33.10
C LEU B 249 32.65 -8.98 33.27
N ASN B 250 33.07 -9.46 34.43
CA ASN B 250 32.92 -10.85 34.82
C ASN B 250 31.91 -10.94 35.97
N SER B 251 31.69 -12.17 36.44
CA SER B 251 30.73 -12.38 37.51
C SER B 251 31.18 -11.69 38.80
N ARG B 252 32.49 -11.59 39.01
CA ARG B 252 33.01 -10.96 40.22
C ARG B 252 32.65 -9.48 40.27
N LEU B 253 32.81 -8.79 39.14
CA LEU B 253 32.45 -7.37 39.06
C LEU B 253 30.95 -7.17 39.20
N LEU B 254 30.16 -7.98 38.48
CA LEU B 254 28.72 -7.81 38.50
C LEU B 254 28.14 -8.03 39.89
N ALA B 255 28.76 -8.90 40.69
CA ALA B 255 28.26 -9.19 42.02
C ALA B 255 28.27 -7.97 42.94
N LEU B 256 29.04 -6.93 42.62
CA LEU B 256 29.12 -5.74 43.46
C LEU B 256 28.03 -4.72 43.18
N ALA B 257 27.23 -4.91 42.14
CA ALA B 257 26.28 -3.90 41.70
C ALA B 257 25.03 -3.90 42.58
N ASP B 258 24.18 -2.91 42.37
CA ASP B 258 22.85 -2.91 42.98
C ASP B 258 22.06 -4.14 42.56
N SER B 259 21.09 -4.55 43.39
CA SER B 259 20.21 -5.63 42.95
C SER B 259 19.51 -5.25 41.64
N ASP B 260 19.21 -6.26 40.83
CA ASP B 260 18.54 -6.09 39.54
C ASP B 260 19.29 -5.17 38.57
N ALA B 261 20.60 -5.03 38.73
CA ALA B 261 21.39 -4.28 37.75
C ALA B 261 21.34 -4.98 36.39
N ILE B 262 21.55 -4.20 35.33
CA ILE B 262 21.55 -4.79 34.00
C ILE B 262 22.88 -4.53 33.32
N VAL B 263 23.20 -5.37 32.35
CA VAL B 263 24.46 -5.35 31.63
C VAL B 263 24.17 -5.05 30.17
N LEU B 264 24.88 -4.09 29.61
CA LEU B 264 24.76 -3.70 28.22
C LEU B 264 26.08 -3.90 27.51
N HIS B 265 26.01 -4.10 26.20
CA HIS B 265 27.20 -4.28 25.37
C HIS B 265 26.78 -4.11 23.92
N CYS B 266 27.32 -3.10 23.25
CA CYS B 266 27.13 -2.94 21.82
C CYS B 266 27.78 -4.10 21.09
N LEU B 267 27.01 -4.80 20.28
CA LEU B 267 27.57 -6.01 19.67
C LEU B 267 28.44 -5.67 18.46
N PRO B 268 29.42 -6.52 18.11
CA PRO B 268 29.71 -7.85 18.65
C PRO B 268 30.48 -7.86 19.96
N ALA B 269 30.30 -8.94 20.72
CA ALA B 269 31.02 -9.17 21.96
C ALA B 269 32.06 -10.26 21.74
N HIS B 270 33.24 -10.07 22.31
CA HIS B 270 34.29 -11.07 22.25
C HIS B 270 34.27 -11.79 23.59
N ARG B 271 33.48 -12.87 23.65
CA ARG B 271 33.29 -13.60 24.90
C ARG B 271 34.62 -14.15 25.40
N GLY B 272 34.91 -13.87 26.67
CA GLY B 272 36.18 -14.22 27.28
C GLY B 272 37.17 -13.08 27.38
N ASP B 273 36.95 -11.99 26.64
CA ASP B 273 37.80 -10.82 26.79
C ASP B 273 37.11 -9.78 27.66
N GLU B 274 36.39 -8.84 27.04
CA GLU B 274 35.79 -7.76 27.80
C GLU B 274 34.59 -8.22 28.62
N ILE B 275 34.04 -9.40 28.34
CA ILE B 275 32.84 -9.87 29.03
C ILE B 275 32.84 -11.39 28.99
N THR B 276 32.30 -12.02 30.02
CA THR B 276 32.30 -13.47 30.13
C THR B 276 30.97 -14.05 29.69
N ASP B 277 31.01 -15.35 29.35
CA ASP B 277 29.78 -16.08 29.03
C ASP B 277 28.76 -15.95 30.16
N ALA B 278 29.22 -16.18 31.40
CA ALA B 278 28.32 -16.13 32.55
C ALA B 278 27.60 -14.78 32.63
N VAL B 279 28.31 -13.69 32.36
CA VAL B 279 27.63 -12.39 32.37
C VAL B 279 26.77 -12.22 31.14
N MET B 280 27.28 -12.58 29.95
CA MET B 280 26.55 -12.39 28.69
C MET B 280 25.21 -13.13 28.68
N ASP B 281 25.18 -14.34 29.24
CA ASP B 281 24.00 -15.20 29.14
C ASP B 281 23.21 -15.25 30.44
N GLY B 282 23.57 -14.44 31.43
CA GLY B 282 22.93 -14.47 32.71
C GLY B 282 21.73 -13.55 32.78
N PRO B 283 21.06 -13.53 33.94
CA PRO B 283 19.80 -12.78 34.06
C PRO B 283 19.97 -11.28 33.99
N ALA B 284 21.16 -10.75 34.28
CA ALA B 284 21.37 -9.31 34.20
C ALA B 284 21.55 -8.83 32.77
N SER B 285 21.93 -9.72 31.85
CA SER B 285 22.22 -9.30 30.48
C SER B 285 20.96 -8.75 29.81
N ALA B 286 21.11 -7.59 29.18
CA ALA B 286 20.04 -7.05 28.34
C ALA B 286 20.55 -6.82 26.92
N VAL B 287 21.59 -7.54 26.50
CA VAL B 287 22.25 -7.21 25.23
C VAL B 287 21.39 -7.57 24.01
N TRP B 288 20.48 -8.54 24.15
CA TRP B 288 19.64 -8.91 23.01
C TRP B 288 18.52 -7.89 22.79
N ASP B 289 17.84 -7.47 23.87
CA ASP B 289 16.87 -6.38 23.72
C ASP B 289 17.55 -5.11 23.26
N GLU B 290 18.76 -4.84 23.78
CA GLU B 290 19.51 -3.65 23.37
C GLU B 290 19.75 -3.65 21.87
N ALA B 291 20.15 -4.81 21.32
CA ALA B 291 20.39 -4.91 19.88
C ALA B 291 19.11 -4.67 19.10
N GLU B 292 17.99 -5.27 19.54
CA GLU B 292 16.73 -5.04 18.85
C GLU B 292 16.32 -3.57 18.90
N ASN B 293 16.61 -2.90 20.02
CA ASN B 293 16.13 -1.52 20.18
C ASN B 293 16.87 -0.52 19.29
N ARG B 294 17.97 -0.91 18.65
CA ARG B 294 18.55 -0.03 17.64
C ARG B 294 17.52 0.28 16.56
N LEU B 295 16.77 -0.75 16.13
CA LEU B 295 15.72 -0.55 15.15
C LEU B 295 14.71 0.51 15.62
N HIS B 296 14.20 0.36 16.83
CA HIS B 296 13.12 1.23 17.27
C HIS B 296 13.63 2.63 17.56
N ALA B 297 14.79 2.75 18.21
CA ALA B 297 15.29 4.06 18.59
C ALA B 297 15.68 4.88 17.36
N GLN B 298 16.27 4.22 16.36
CA GLN B 298 16.63 4.95 15.15
C GLN B 298 15.41 5.39 14.36
N LYS B 299 14.37 4.56 14.33
CA LYS B 299 13.12 4.98 13.69
C LYS B 299 12.53 6.20 14.40
N ALA B 300 12.53 6.18 15.74
CA ALA B 300 12.03 7.34 16.50
C ALA B 300 12.84 8.58 16.19
N LEU B 301 14.17 8.46 16.17
CA LEU B 301 15.01 9.60 15.84
C LEU B 301 14.63 10.17 14.47
N LEU B 302 14.44 9.30 13.49
CA LEU B 302 14.13 9.78 12.14
C LEU B 302 12.76 10.46 12.12
N VAL B 303 11.75 9.84 12.72
CA VAL B 303 10.44 10.46 12.77
C VAL B 303 10.53 11.84 13.40
N TRP B 304 11.24 11.94 14.53
CA TRP B 304 11.35 13.20 15.26
C TRP B 304 12.06 14.26 14.43
N LEU B 305 13.19 13.91 13.81
CA LEU B 305 13.93 14.87 13.01
C LEU B 305 13.13 15.30 11.79
N LEU B 306 12.44 14.36 11.15
CA LEU B 306 11.64 14.71 9.97
C LEU B 306 10.49 15.65 10.33
N GLU B 307 9.90 15.47 11.51
CA GLU B 307 8.77 16.32 11.90
C GLU B 307 9.21 17.76 12.17
N ARG B 308 10.49 17.98 12.48
CA ARG B 308 11.01 19.30 12.80
C ARG B 308 11.93 19.83 11.72
N SER B 309 11.85 19.28 10.52
CA SER B 309 12.77 19.63 9.46
C SER B 309 12.08 19.54 8.11
N VAL C 3 6.29 -25.32 17.09
CA VAL C 3 7.66 -25.67 16.73
C VAL C 3 8.07 -24.93 15.45
N ILE C 4 9.29 -24.42 15.45
CA ILE C 4 9.79 -23.65 14.32
C ILE C 4 10.30 -24.61 13.25
N ARG C 5 9.83 -24.45 12.02
CA ARG C 5 10.23 -25.34 10.93
C ARG C 5 11.36 -24.71 10.13
N HIS C 6 12.36 -25.52 9.79
CA HIS C 6 13.47 -25.08 8.94
C HIS C 6 13.49 -25.88 7.65
N PHE C 7 14.27 -25.40 6.68
CA PHE C 7 14.43 -26.09 5.40
C PHE C 7 15.90 -26.04 5.04
N LEU C 8 16.65 -27.03 5.52
CA LEU C 8 18.09 -27.09 5.32
C LEU C 8 18.50 -28.13 4.30
N ARG C 9 17.62 -29.10 4.02
CA ARG C 9 17.85 -30.14 3.04
C ARG C 9 16.47 -30.64 2.62
N ASP C 10 16.42 -31.36 1.49
CA ASP C 10 15.17 -31.58 0.77
C ASP C 10 14.18 -32.40 1.59
N ASP C 11 14.69 -33.37 2.36
CA ASP C 11 13.86 -34.28 3.12
C ASP C 11 13.45 -33.70 4.47
N ASP C 12 13.74 -32.41 4.71
CA ASP C 12 13.12 -31.72 5.85
C ASP C 12 11.62 -31.58 5.67
N LEU C 13 11.12 -31.67 4.44
CA LEU C 13 9.69 -31.78 4.15
C LEU C 13 9.34 -33.24 3.94
N SER C 14 8.24 -33.68 4.55
CA SER C 14 7.70 -34.99 4.26
C SER C 14 7.13 -34.99 2.84
N PRO C 15 6.86 -36.17 2.26
CA PRO C 15 6.18 -36.18 0.95
C PRO C 15 4.91 -35.34 0.92
N ALA C 16 4.06 -35.46 1.95
CA ALA C 16 2.82 -34.67 1.99
C ALA C 16 3.13 -33.17 2.07
N GLU C 17 4.12 -32.79 2.89
CA GLU C 17 4.44 -31.37 3.02
C GLU C 17 5.06 -30.82 1.73
N GLN C 18 5.91 -31.60 1.07
CA GLN C 18 6.47 -31.13 -0.19
C GLN C 18 5.37 -30.88 -1.22
N ALA C 19 4.37 -31.77 -1.27
CA ALA C 19 3.23 -31.55 -2.18
C ALA C 19 2.51 -30.25 -1.85
N GLU C 20 2.35 -29.94 -0.56
CA GLU C 20 1.74 -28.67 -0.18
C GLU C 20 2.54 -27.48 -0.69
N VAL C 21 3.87 -27.54 -0.57
CA VAL C 21 4.69 -26.42 -1.02
C VAL C 21 4.61 -26.30 -2.53
N LEU C 22 4.65 -27.43 -3.25
CA LEU C 22 4.62 -27.36 -4.71
C LEU C 22 3.27 -26.86 -5.23
N GLU C 23 2.18 -27.20 -4.55
CA GLU C 23 0.89 -26.64 -4.93
C GLU C 23 0.85 -25.13 -4.70
N LEU C 24 1.37 -24.70 -3.56
CA LEU C 24 1.48 -23.27 -3.28
C LEU C 24 2.32 -22.56 -4.35
N ALA C 25 3.41 -23.20 -4.81
CA ALA C 25 4.22 -22.57 -5.84
C ALA C 25 3.42 -22.35 -7.12
N ALA C 26 2.56 -23.31 -7.48
CA ALA C 26 1.71 -23.12 -8.66
C ALA C 26 0.70 -22.00 -8.43
N GLU C 27 0.12 -21.92 -7.22
CA GLU C 27 -0.83 -20.85 -6.93
C GLU C 27 -0.16 -19.49 -6.97
N LEU C 28 1.06 -19.40 -6.44
CA LEU C 28 1.75 -18.12 -6.41
C LEU C 28 2.19 -17.69 -7.80
N LYS C 29 2.51 -18.66 -8.67
CA LYS C 29 2.85 -18.30 -10.04
C LYS C 29 1.65 -17.65 -10.74
N LYS C 30 0.44 -18.14 -10.45
CA LYS C 30 -0.77 -17.55 -11.04
C LYS C 30 -1.08 -16.19 -10.44
N ASP C 31 -0.88 -16.03 -9.12
CA ASP C 31 -1.27 -14.83 -8.38
C ASP C 31 -0.11 -14.41 -7.49
N PRO C 32 0.90 -13.74 -8.06
CA PRO C 32 2.18 -13.55 -7.34
C PRO C 32 2.14 -12.59 -6.16
N VAL C 33 1.11 -11.76 -6.00
CA VAL C 33 1.09 -10.80 -4.89
C VAL C 33 -0.14 -11.00 -4.01
N SER C 34 -0.78 -12.18 -4.09
CA SER C 34 -1.99 -12.46 -3.31
C SER C 34 -1.66 -12.93 -1.89
N ARG C 35 -0.44 -13.34 -1.62
CA ARG C 35 -0.05 -13.81 -0.28
C ARG C 35 0.87 -12.77 0.32
N ARG C 36 0.48 -12.20 1.46
CA ARG C 36 1.26 -11.12 2.07
C ARG C 36 1.57 -11.41 3.54
N PRO C 37 2.24 -12.53 3.83
CA PRO C 37 2.58 -12.81 5.23
C PRO C 37 3.64 -11.87 5.80
N LEU C 38 4.36 -11.15 4.96
CA LEU C 38 5.41 -10.24 5.43
C LEU C 38 4.99 -8.78 5.30
N GLN C 39 3.70 -8.52 5.11
CA GLN C 39 3.20 -7.16 5.03
C GLN C 39 3.63 -6.33 6.21
N GLY C 40 3.97 -5.07 5.95
CA GLY C 40 4.45 -4.18 6.98
C GLY C 40 5.27 -3.02 6.47
N PRO C 41 6.50 -3.30 5.98
CA PRO C 41 7.07 -4.64 5.79
C PRO C 41 7.71 -5.26 7.02
N ARG C 42 7.62 -6.59 7.09
CA ARG C 42 8.50 -7.37 7.95
C ARG C 42 9.80 -7.67 7.20
N GLY C 43 10.88 -7.86 7.94
CA GLY C 43 12.15 -8.17 7.33
C GLY C 43 12.38 -9.67 7.13
N VAL C 44 13.23 -9.99 6.16
CA VAL C 44 13.81 -11.32 5.99
C VAL C 44 15.29 -11.12 5.73
N ALA C 45 16.14 -11.77 6.52
CA ALA C 45 17.57 -11.69 6.26
C ALA C 45 17.95 -12.63 5.13
N VAL C 46 18.79 -12.15 4.20
CA VAL C 46 19.27 -12.97 3.09
C VAL C 46 20.78 -12.83 3.09
N ILE C 47 21.48 -13.86 3.56
CA ILE C 47 22.88 -13.74 3.94
C ILE C 47 23.71 -14.65 3.04
N PHE C 48 24.79 -14.10 2.47
CA PHE C 48 25.67 -14.87 1.57
C PHE C 48 27.08 -14.93 2.13
N ASP C 49 27.51 -16.12 2.54
CA ASP C 49 28.93 -16.29 2.86
C ASP C 49 29.78 -16.26 1.61
N LYS C 50 29.18 -16.62 0.47
CA LYS C 50 29.75 -16.46 -0.87
C LYS C 50 28.64 -15.99 -1.78
N ASN C 51 28.91 -14.97 -2.59
CA ASN C 51 27.84 -14.33 -3.34
C ASN C 51 27.26 -15.30 -4.37
N SER C 52 25.94 -15.17 -4.57
CA SER C 52 25.26 -15.82 -5.68
C SER C 52 24.22 -14.84 -6.21
N THR C 53 24.52 -14.20 -7.34
CA THR C 53 23.65 -13.16 -7.87
C THR C 53 22.25 -13.70 -8.16
N ARG C 54 22.17 -14.89 -8.78
CA ARG C 54 20.87 -15.43 -9.14
C ARG C 54 20.06 -15.80 -7.92
N THR C 55 20.71 -16.37 -6.91
CA THR C 55 20.01 -16.66 -5.67
C THR C 55 19.52 -15.38 -5.00
N ARG C 56 20.34 -14.33 -4.98
CA ARG C 56 19.89 -13.10 -4.33
C ARG C 56 18.75 -12.47 -5.11
N PHE C 57 18.88 -12.44 -6.44
CA PHE C 57 17.85 -11.86 -7.31
C PHE C 57 16.46 -12.43 -7.00
N SER C 58 16.36 -13.76 -7.04
CA SER C 58 15.04 -14.40 -6.89
C SER C 58 14.49 -14.19 -5.47
N PHE C 59 15.33 -14.32 -4.45
CA PHE C 59 14.83 -14.13 -3.08
C PHE C 59 14.44 -12.67 -2.83
N GLU C 60 15.26 -11.72 -3.28
CA GLU C 60 14.97 -10.31 -3.00
C GLU C 60 13.62 -9.90 -3.61
N LEU C 61 13.40 -10.27 -4.88
CA LEU C 61 12.12 -9.95 -5.51
C LEU C 61 10.98 -10.72 -4.87
N GLY C 62 11.20 -12.00 -4.55
CA GLY C 62 10.12 -12.81 -4.02
C GLY C 62 9.65 -12.31 -2.66
N ILE C 63 10.61 -11.92 -1.82
CA ILE C 63 10.26 -11.39 -0.49
C ILE C 63 9.47 -10.09 -0.62
N ALA C 64 9.85 -9.24 -1.58
CA ALA C 64 9.09 -8.02 -1.81
C ALA C 64 7.65 -8.33 -2.23
N GLN C 65 7.46 -9.36 -3.03
CA GLN C 65 6.12 -9.69 -3.50
C GLN C 65 5.28 -10.35 -2.41
N LEU C 66 5.92 -10.82 -1.33
CA LEU C 66 5.19 -11.25 -0.14
C LEU C 66 4.90 -10.09 0.81
N GLY C 67 5.24 -8.85 0.43
CA GLY C 67 5.01 -7.67 1.24
C GLY C 67 6.19 -7.28 2.10
N GLY C 68 7.27 -8.08 2.11
CA GLY C 68 8.34 -7.88 3.06
C GLY C 68 9.47 -7.04 2.47
N HIS C 69 10.54 -6.93 3.26
CA HIS C 69 11.77 -6.26 2.82
C HIS C 69 12.95 -7.17 3.10
N ALA C 70 13.64 -7.58 2.04
CA ALA C 70 14.84 -8.39 2.20
C ALA C 70 16.03 -7.52 2.59
N VAL C 71 16.68 -7.86 3.69
CA VAL C 71 17.96 -7.22 4.03
C VAL C 71 19.04 -8.17 3.58
N VAL C 72 19.77 -7.78 2.54
CA VAL C 72 20.77 -8.64 1.91
C VAL C 72 22.13 -8.32 2.52
N VAL C 73 22.84 -9.36 2.96
CA VAL C 73 24.19 -9.24 3.52
C VAL C 73 25.08 -10.08 2.60
N ASP C 74 26.01 -9.42 1.90
CA ASP C 74 26.86 -10.09 0.94
C ASP C 74 28.21 -10.41 1.58
N SER C 75 29.08 -11.07 0.81
CA SER C 75 30.33 -11.54 1.37
C SER C 75 31.29 -10.41 1.71
N GLY C 76 30.98 -9.18 1.29
CA GLY C 76 31.77 -8.03 1.72
C GLY C 76 31.70 -7.76 3.21
N SER C 77 30.64 -8.22 3.87
CA SER C 77 30.55 -8.14 5.32
C SER C 77 31.39 -9.24 5.96
N THR C 78 31.79 -9.02 7.21
CA THR C 78 32.56 -10.02 7.94
C THR C 78 31.75 -11.32 8.03
N GLN C 79 32.37 -12.42 7.57
CA GLN C 79 31.69 -13.71 7.51
C GLN C 79 31.14 -14.11 8.87
N LEU C 80 29.91 -14.63 8.88
CA LEU C 80 29.32 -15.07 10.14
C LEU C 80 30.18 -16.14 10.83
N GLY C 81 30.35 -16.00 12.15
CA GLY C 81 31.22 -16.87 12.90
C GLY C 81 32.62 -16.33 13.14
N ARG C 82 32.99 -15.24 12.47
CA ARG C 82 34.38 -14.79 12.53
C ARG C 82 34.62 -13.90 13.74
N ASP C 83 33.67 -13.03 14.09
CA ASP C 83 33.84 -12.17 15.25
C ASP C 83 32.64 -12.19 16.19
N GLU C 84 31.72 -13.13 15.96
CA GLU C 84 30.55 -13.37 16.78
C GLU C 84 30.10 -14.80 16.51
N THR C 85 29.69 -15.52 17.55
CA THR C 85 29.23 -16.90 17.35
C THR C 85 27.96 -16.93 16.52
N LEU C 86 27.78 -18.03 15.78
CA LEU C 86 26.55 -18.19 14.99
C LEU C 86 25.33 -18.13 15.90
N GLN C 87 25.43 -18.67 17.12
CA GLN C 87 24.32 -18.65 18.05
C GLN C 87 23.93 -17.24 18.45
N ASP C 88 24.92 -16.38 18.74
CA ASP C 88 24.61 -14.98 19.03
C ASP C 88 23.93 -14.31 17.85
N THR C 89 24.45 -14.54 16.64
CA THR C 89 23.84 -13.95 15.44
C THR C 89 22.40 -14.39 15.28
N ALA C 90 22.14 -15.69 15.49
CA ALA C 90 20.79 -16.22 15.41
C ALA C 90 19.86 -15.52 16.39
N LYS C 91 20.33 -15.27 17.61
CA LYS C 91 19.48 -14.64 18.62
C LYS C 91 19.11 -13.22 18.25
N VAL C 92 20.05 -12.46 17.67
CA VAL C 92 19.74 -11.09 17.28
C VAL C 92 18.86 -11.07 16.04
N LEU C 93 19.19 -11.91 15.05
CA LEU C 93 18.39 -11.95 13.83
C LEU C 93 16.95 -12.30 14.13
N SER C 94 16.72 -13.19 15.10
CA SER C 94 15.37 -13.58 15.46
C SER C 94 14.54 -12.41 15.99
N ARG C 95 15.20 -11.35 16.47
CA ARG C 95 14.51 -10.13 16.88
C ARG C 95 14.22 -9.18 15.74
N TYR C 96 14.95 -9.29 14.63
CA TYR C 96 14.87 -8.34 13.52
C TYR C 96 14.01 -8.82 12.36
N VAL C 97 14.05 -10.13 12.05
CA VAL C 97 13.46 -10.61 10.81
C VAL C 97 12.55 -11.80 11.13
N ASP C 98 11.68 -12.13 10.18
CA ASP C 98 10.74 -13.23 10.35
C ASP C 98 11.26 -14.54 9.76
N ALA C 99 12.38 -14.50 9.04
CA ALA C 99 13.02 -15.69 8.51
C ALA C 99 14.45 -15.33 8.15
N ILE C 100 15.30 -16.36 8.12
CA ILE C 100 16.71 -16.22 7.79
C ILE C 100 17.00 -17.11 6.60
N VAL C 101 17.39 -16.49 5.48
CA VAL C 101 17.80 -17.20 4.27
C VAL C 101 19.31 -17.13 4.19
N TRP C 102 19.99 -18.26 4.13
CA TRP C 102 21.45 -18.25 4.26
C TRP C 102 22.10 -19.13 3.20
N ARG C 103 23.08 -18.57 2.50
CA ARG C 103 23.96 -19.33 1.61
C ARG C 103 25.28 -19.50 2.35
N THR C 104 25.64 -20.74 2.68
CA THR C 104 26.89 -20.98 3.38
C THR C 104 27.49 -22.28 2.88
N PHE C 105 28.44 -22.84 3.63
CA PHE C 105 29.29 -23.89 3.11
C PHE C 105 28.91 -25.20 3.77
N GLY C 106 29.51 -25.57 4.89
CA GLY C 106 29.25 -26.87 5.47
C GLY C 106 27.89 -26.93 6.16
N GLN C 107 27.31 -28.13 6.18
CA GLN C 107 25.97 -28.30 6.71
C GLN C 107 25.91 -28.02 8.20
N GLU C 108 27.03 -28.22 8.91
CA GLU C 108 27.08 -27.98 10.34
C GLU C 108 26.76 -26.53 10.69
N ARG C 109 27.11 -25.60 9.81
CA ARG C 109 26.78 -24.20 10.06
C ARG C 109 25.28 -23.96 10.02
N LEU C 110 24.60 -24.52 9.02
CA LEU C 110 23.14 -24.39 8.96
C LEU C 110 22.48 -25.02 10.18
N ASP C 111 22.97 -26.19 10.59
CA ASP C 111 22.42 -26.87 11.77
C ASP C 111 22.58 -26.03 13.02
N ALA C 112 23.74 -25.39 13.20
CA ALA C 112 23.94 -24.57 14.39
C ALA C 112 23.00 -23.37 14.41
N MET C 113 22.85 -22.69 13.27
CA MET C 113 21.92 -21.57 13.20
C MET C 113 20.49 -22.02 13.50
N ALA C 114 20.03 -23.09 12.86
CA ALA C 114 18.67 -23.56 13.07
C ALA C 114 18.43 -24.11 14.47
N SER C 115 19.48 -24.54 15.17
CA SER C 115 19.30 -25.06 16.52
C SER C 115 18.91 -23.96 17.50
N VAL C 116 19.21 -22.71 17.19
CA VAL C 116 19.02 -21.60 18.11
C VAL C 116 17.98 -20.60 17.62
N ALA C 117 17.85 -20.38 16.32
CA ALA C 117 16.94 -19.38 15.80
C ALA C 117 15.49 -19.72 16.16
N THR C 118 14.71 -18.68 16.48
CA THR C 118 13.29 -18.84 16.73
C THR C 118 12.45 -18.40 15.54
N VAL C 119 13.08 -18.27 14.38
CA VAL C 119 12.41 -18.06 13.10
C VAL C 119 12.92 -19.11 12.12
N PRO C 120 12.18 -19.37 11.05
CA PRO C 120 12.64 -20.38 10.07
C PRO C 120 13.97 -20.00 9.43
N VAL C 121 14.83 -21.01 9.27
CA VAL C 121 16.10 -20.88 8.58
C VAL C 121 16.00 -21.68 7.29
N ILE C 122 16.41 -21.08 6.18
CA ILE C 122 16.34 -21.68 4.85
C ILE C 122 17.74 -21.78 4.28
N ASN C 123 18.10 -22.97 3.79
CA ASN C 123 19.34 -23.14 3.03
C ASN C 123 19.09 -22.63 1.61
N ALA C 124 19.63 -21.43 1.31
CA ALA C 124 19.49 -20.86 -0.04
C ALA C 124 20.30 -21.62 -1.08
N LEU C 125 21.37 -22.29 -0.65
CA LEU C 125 22.36 -22.96 -1.48
C LEU C 125 23.52 -23.26 -0.54
N SER C 126 24.01 -24.50 -0.52
CA SER C 126 25.17 -24.83 0.33
C SER C 126 26.07 -25.82 -0.40
N ASP C 127 27.16 -26.21 0.25
CA ASP C 127 28.06 -27.18 -0.37
C ASP C 127 27.36 -28.52 -0.62
N GLU C 128 26.53 -28.96 0.31
CA GLU C 128 26.02 -30.33 0.25
C GLU C 128 24.65 -30.43 -0.39
N PHE C 129 23.84 -29.37 -0.34
CA PHE C 129 22.48 -29.41 -0.86
C PHE C 129 22.12 -28.11 -1.58
N HIS C 130 21.14 -28.21 -2.46
CA HIS C 130 20.55 -27.06 -3.13
C HIS C 130 19.05 -27.27 -3.17
N PRO C 131 18.41 -27.33 -2.00
CA PRO C 131 17.03 -27.81 -1.96
C PRO C 131 16.02 -26.82 -2.53
N CYS C 132 16.30 -25.52 -2.52
CA CYS C 132 15.36 -24.59 -3.13
C CYS C 132 15.34 -24.73 -4.64
N GLN C 133 16.50 -24.97 -5.25
CA GLN C 133 16.51 -25.18 -6.70
C GLN C 133 15.74 -26.44 -7.08
N VAL C 134 15.84 -27.49 -6.26
CA VAL C 134 15.14 -28.72 -6.60
C VAL C 134 13.63 -28.54 -6.44
N LEU C 135 13.17 -27.71 -5.49
CA LEU C 135 11.75 -27.38 -5.47
C LEU C 135 11.34 -26.74 -6.80
N ALA C 136 12.16 -25.81 -7.30
CA ALA C 136 11.86 -25.17 -8.59
C ALA C 136 11.86 -26.19 -9.71
N ASP C 137 12.82 -27.13 -9.67
CA ASP C 137 12.88 -28.24 -10.62
C ASP C 137 11.60 -29.07 -10.60
N LEU C 138 11.14 -29.44 -9.40
CA LEU C 138 9.92 -30.24 -9.29
C LEU C 138 8.70 -29.47 -9.79
N GLN C 139 8.63 -28.18 -9.48
CA GLN C 139 7.55 -27.36 -10.01
C GLN C 139 7.57 -27.37 -11.54
N THR C 140 8.76 -27.27 -12.12
CA THR C 140 8.90 -27.26 -13.57
C THR C 140 8.48 -28.59 -14.17
N ILE C 141 8.94 -29.69 -13.57
CA ILE C 141 8.58 -31.01 -14.09
C ILE C 141 7.06 -31.21 -14.05
N ALA C 142 6.43 -30.81 -12.94
CA ALA C 142 4.98 -30.91 -12.84
C ALA C 142 4.28 -30.09 -13.93
N GLU C 143 4.78 -28.88 -14.22
CA GLU C 143 4.21 -28.05 -15.26
C GLU C 143 4.26 -28.74 -16.62
N ARG C 144 5.38 -29.40 -16.92
CA ARG C 144 5.54 -29.98 -18.26
C ARG C 144 5.17 -31.45 -18.35
N LYS C 145 5.02 -32.14 -17.22
CA LYS C 145 4.77 -33.59 -17.22
C LYS C 145 3.50 -34.00 -16.51
N GLY C 146 2.99 -33.21 -15.58
CA GLY C 146 1.83 -33.61 -14.79
C GLY C 146 2.27 -34.23 -13.48
N ALA C 147 1.65 -35.35 -13.11
CA ALA C 147 1.97 -35.97 -11.82
C ALA C 147 3.42 -36.41 -11.78
N LEU C 148 4.06 -36.19 -10.63
CA LEU C 148 5.47 -36.53 -10.47
C LEU C 148 5.71 -38.00 -10.13
N ARG C 149 4.76 -38.62 -9.43
CA ARG C 149 4.94 -39.99 -8.98
C ARG C 149 5.21 -40.92 -10.15
N GLY C 150 6.28 -41.71 -10.04
CA GLY C 150 6.59 -42.72 -11.01
C GLY C 150 7.46 -42.26 -12.15
N LEU C 151 7.73 -40.96 -12.25
CA LEU C 151 8.61 -40.48 -13.31
C LEU C 151 10.02 -41.02 -13.10
N ARG C 152 10.77 -41.10 -14.19
CA ARG C 152 12.17 -41.54 -14.16
C ARG C 152 13.07 -40.35 -14.48
N LEU C 153 13.90 -39.96 -13.51
CA LEU C 153 14.81 -38.84 -13.65
C LEU C 153 16.26 -39.31 -13.53
N SER C 154 17.10 -38.85 -14.45
CA SER C 154 18.51 -39.18 -14.44
C SER C 154 19.33 -37.90 -14.41
N TYR C 155 20.29 -37.85 -13.50
CA TYR C 155 21.24 -36.77 -13.36
C TYR C 155 22.60 -37.26 -13.83
N PHE C 156 23.32 -36.40 -14.57
CA PHE C 156 24.59 -36.76 -15.18
C PHE C 156 25.67 -35.78 -14.73
N GLY C 157 26.85 -36.32 -14.43
CA GLY C 157 28.01 -35.48 -14.17
C GLY C 157 28.67 -35.74 -12.84
N ASP C 158 28.93 -34.68 -12.08
CA ASP C 158 29.49 -34.81 -10.75
C ASP C 158 28.41 -35.29 -9.80
N GLY C 159 28.48 -36.55 -9.38
CA GLY C 159 27.43 -37.14 -8.57
C GLY C 159 27.51 -36.84 -7.09
N ALA C 160 28.48 -36.06 -6.64
CA ALA C 160 28.59 -35.72 -5.23
C ALA C 160 28.40 -34.24 -4.97
N ASN C 161 27.88 -33.48 -5.93
CA ASN C 161 27.70 -32.05 -5.72
C ASN C 161 26.31 -31.80 -5.12
N ASN C 162 25.98 -30.52 -4.90
CA ASN C 162 24.75 -30.23 -4.16
C ASN C 162 23.50 -30.57 -4.96
N MET C 163 23.51 -30.37 -6.28
CA MET C 163 22.37 -30.76 -7.11
C MET C 163 22.14 -32.26 -7.12
N ALA C 164 23.20 -33.07 -7.21
CA ALA C 164 23.00 -34.52 -7.18
C ALA C 164 22.36 -34.95 -5.87
N HIS C 165 22.82 -34.38 -4.76
CA HIS C 165 22.28 -34.78 -3.46
C HIS C 165 20.84 -34.35 -3.31
N SER C 166 20.50 -33.13 -3.73
CA SER C 166 19.13 -32.67 -3.59
C SER C 166 18.20 -33.34 -4.59
N LEU C 167 18.68 -33.64 -5.79
CA LEU C 167 17.82 -34.40 -6.71
C LEU C 167 17.49 -35.78 -6.15
N LEU C 168 18.47 -36.42 -5.49
CA LEU C 168 18.19 -37.69 -4.83
C LEU C 168 17.13 -37.53 -3.76
N LEU C 169 17.34 -36.60 -2.83
CA LEU C 169 16.45 -36.47 -1.68
C LEU C 169 15.12 -35.87 -2.08
N GLY C 170 15.13 -34.76 -2.82
CA GLY C 170 13.88 -34.15 -3.24
C GLY C 170 13.12 -35.02 -4.21
N GLY C 171 13.84 -35.68 -5.12
CA GLY C 171 13.19 -36.52 -6.12
C GLY C 171 12.46 -37.70 -5.50
N VAL C 172 13.12 -38.43 -4.60
CA VAL C 172 12.44 -39.60 -4.03
C VAL C 172 11.30 -39.15 -3.13
N THR C 173 11.43 -37.97 -2.51
CA THR C 173 10.32 -37.44 -1.71
C THR C 173 9.08 -37.23 -2.56
N ALA C 174 9.27 -36.85 -3.83
CA ALA C 174 8.16 -36.69 -4.78
C ALA C 174 7.72 -37.98 -5.44
N GLY C 175 8.34 -39.11 -5.12
CA GLY C 175 7.95 -40.37 -5.77
C GLY C 175 8.66 -40.65 -7.08
N ILE C 176 9.71 -39.89 -7.40
CA ILE C 176 10.44 -40.04 -8.65
C ILE C 176 11.53 -41.08 -8.48
N HIS C 177 11.68 -41.96 -9.48
CA HIS C 177 12.83 -42.87 -9.55
C HIS C 177 14.04 -42.09 -10.03
N VAL C 178 15.04 -41.94 -9.17
CA VAL C 178 16.19 -41.08 -9.47
C VAL C 178 17.41 -41.94 -9.76
N THR C 179 18.10 -41.62 -10.86
CA THR C 179 19.37 -42.24 -11.21
C THR C 179 20.43 -41.16 -11.25
N VAL C 180 21.56 -41.41 -10.61
CA VAL C 180 22.75 -40.57 -10.71
C VAL C 180 23.75 -41.32 -11.58
N ALA C 181 24.14 -40.71 -12.70
CA ALA C 181 25.18 -41.25 -13.59
C ALA C 181 26.42 -40.41 -13.42
N ALA C 182 27.47 -40.99 -12.86
CA ALA C 182 28.68 -40.27 -12.51
C ALA C 182 29.87 -41.21 -12.59
N PRO C 183 31.07 -40.69 -12.87
CA PRO C 183 32.26 -41.55 -12.88
C PRO C 183 32.68 -41.96 -11.48
N GLU C 184 33.41 -43.07 -11.40
CA GLU C 184 33.96 -43.50 -10.12
C GLU C 184 34.77 -42.37 -9.49
N GLY C 185 34.67 -42.26 -8.17
CA GLY C 185 35.29 -41.18 -7.44
C GLY C 185 34.45 -39.93 -7.28
N PHE C 186 33.34 -39.82 -8.02
CA PHE C 186 32.45 -38.68 -7.93
C PHE C 186 31.04 -39.14 -7.58
N LEU C 187 30.91 -40.07 -6.63
CA LEU C 187 29.60 -40.65 -6.35
C LEU C 187 28.94 -39.93 -5.18
N PRO C 188 27.61 -40.05 -5.04
CA PRO C 188 26.92 -39.37 -3.93
C PRO C 188 27.48 -39.76 -2.58
N ASP C 189 27.41 -38.79 -1.66
CA ASP C 189 27.76 -39.04 -0.27
C ASP C 189 26.96 -40.22 0.28
N PRO C 190 27.61 -41.19 0.92
CA PRO C 190 26.87 -42.38 1.39
C PRO C 190 25.72 -42.08 2.31
N SER C 191 25.87 -41.08 3.20
CA SER C 191 24.79 -40.74 4.11
C SER C 191 23.58 -40.20 3.37
N VAL C 192 23.82 -39.36 2.35
CA VAL C 192 22.73 -38.83 1.55
C VAL C 192 22.04 -39.95 0.76
N ARG C 193 22.82 -40.85 0.16
CA ARG C 193 22.22 -41.94 -0.59
C ARG C 193 21.38 -42.83 0.31
N ALA C 194 21.87 -43.13 1.53
CA ALA C 194 21.10 -43.97 2.45
C ALA C 194 19.82 -43.29 2.88
N ALA C 195 19.88 -41.97 3.10
CA ALA C 195 18.67 -41.23 3.45
C ALA C 195 17.67 -41.25 2.30
N ALA C 196 18.15 -41.13 1.06
CA ALA C 196 17.24 -41.18 -0.08
C ALA C 196 16.63 -42.57 -0.23
N GLU C 197 17.44 -43.61 -0.06
CA GLU C 197 16.90 -44.97 -0.17
C GLU C 197 15.82 -45.21 0.87
N ARG C 198 16.01 -44.69 2.09
CA ARG C 198 15.01 -44.83 3.14
C ARG C 198 13.75 -44.05 2.80
N ARG C 199 13.90 -42.79 2.39
CA ARG C 199 12.73 -42.00 2.01
C ARG C 199 12.00 -42.66 0.85
N ALA C 200 12.73 -43.26 -0.08
CA ALA C 200 12.12 -43.88 -1.25
C ALA C 200 11.21 -45.04 -0.86
N GLN C 201 11.50 -45.70 0.26
CA GLN C 201 10.65 -46.81 0.69
C GLN C 201 9.26 -46.32 1.06
N ASP C 202 9.13 -45.03 1.40
CA ASP C 202 7.86 -44.45 1.80
C ASP C 202 7.01 -44.01 0.61
N THR C 203 7.63 -43.79 -0.55
CA THR C 203 6.96 -43.15 -1.67
C THR C 203 6.89 -44.03 -2.91
N GLY C 204 7.42 -45.25 -2.86
CA GLY C 204 7.49 -46.09 -4.04
C GLY C 204 8.58 -45.72 -5.02
N ALA C 205 9.47 -44.82 -4.65
CA ALA C 205 10.55 -44.38 -5.52
C ALA C 205 11.71 -45.38 -5.42
N SER C 206 12.85 -45.03 -6.01
CA SER C 206 14.03 -45.87 -5.99
C SER C 206 15.24 -44.98 -6.24
N VAL C 207 16.42 -45.51 -5.90
CA VAL C 207 17.69 -44.82 -6.11
C VAL C 207 18.59 -45.74 -6.92
N THR C 208 19.20 -45.22 -7.97
CA THR C 208 20.19 -45.95 -8.76
C THR C 208 21.41 -45.06 -8.96
N VAL C 209 22.60 -45.64 -8.81
CA VAL C 209 23.85 -44.97 -9.09
C VAL C 209 24.63 -45.84 -10.06
N THR C 210 25.07 -45.25 -11.18
CA THR C 210 25.70 -46.05 -12.21
C THR C 210 26.75 -45.21 -12.94
N ALA C 211 27.73 -45.89 -13.53
CA ALA C 211 28.68 -45.24 -14.43
C ALA C 211 28.24 -45.34 -15.89
N ASP C 212 27.12 -46.00 -16.15
CA ASP C 212 26.68 -46.30 -17.52
C ASP C 212 25.74 -45.19 -17.94
N ALA C 213 26.29 -44.15 -18.58
CA ALA C 213 25.46 -42.99 -18.94
C ALA C 213 24.36 -43.38 -19.92
N HIS C 214 24.67 -44.28 -20.86
CA HIS C 214 23.64 -44.67 -21.83
C HIS C 214 22.49 -45.38 -21.15
N ALA C 215 22.79 -46.28 -20.21
CA ALA C 215 21.72 -46.93 -19.44
C ALA C 215 20.91 -45.92 -18.63
N ALA C 216 21.58 -44.93 -18.05
CA ALA C 216 20.88 -43.91 -17.27
C ALA C 216 19.92 -43.10 -18.13
N ALA C 217 20.29 -42.84 -19.39
CA ALA C 217 19.40 -42.05 -20.25
C ALA C 217 18.24 -42.87 -20.80
N ALA C 218 18.44 -44.16 -21.03
CA ALA C 218 17.40 -44.99 -21.64
C ALA C 218 16.11 -44.95 -20.82
N GLY C 219 15.01 -44.57 -21.48
CA GLY C 219 13.72 -44.52 -20.83
C GLY C 219 13.52 -43.41 -19.83
N ALA C 220 14.47 -42.49 -19.69
CA ALA C 220 14.30 -41.41 -18.73
C ALA C 220 13.25 -40.42 -19.21
N ASP C 221 12.47 -39.88 -18.26
CA ASP C 221 11.51 -38.82 -18.51
C ASP C 221 12.12 -37.43 -18.33
N VAL C 222 13.14 -37.32 -17.49
CA VAL C 222 13.79 -36.05 -17.19
C VAL C 222 15.29 -36.31 -17.17
N LEU C 223 16.06 -35.49 -17.90
CA LEU C 223 17.51 -35.56 -17.86
C LEU C 223 18.03 -34.26 -17.27
N VAL C 224 18.96 -34.34 -16.32
CA VAL C 224 19.45 -33.17 -15.59
C VAL C 224 20.97 -33.21 -15.60
N THR C 225 21.60 -32.03 -15.69
CA THR C 225 23.03 -31.96 -15.42
C THR C 225 23.32 -30.60 -14.77
N ASP C 226 24.58 -30.37 -14.47
CA ASP C 226 25.02 -29.17 -13.76
C ASP C 226 26.48 -28.98 -14.12
N THR C 227 27.05 -27.84 -13.73
CA THR C 227 28.46 -27.62 -14.01
C THR C 227 29.30 -28.72 -13.35
N TRP C 228 30.41 -29.04 -13.99
CA TRP C 228 31.28 -30.10 -13.51
C TRP C 228 32.20 -29.64 -12.37
N THR C 229 32.32 -28.33 -12.14
CA THR C 229 33.24 -27.81 -11.15
C THR C 229 32.61 -26.58 -10.51
N SER C 230 32.67 -26.50 -9.19
CA SER C 230 32.30 -25.29 -8.48
C SER C 230 33.54 -24.42 -8.31
N MET C 231 33.32 -23.15 -7.98
CA MET C 231 34.43 -22.23 -7.80
C MET C 231 35.44 -22.77 -6.79
N GLY C 232 34.94 -23.39 -5.72
CA GLY C 232 35.84 -23.93 -4.71
C GLY C 232 36.64 -25.13 -5.15
N GLN C 233 36.29 -25.74 -6.28
CA GLN C 233 36.95 -26.96 -6.73
C GLN C 233 38.02 -26.73 -7.79
N GLU C 234 38.11 -25.52 -8.35
CA GLU C 234 39.07 -25.26 -9.42
C GLU C 234 40.50 -25.55 -9.01
N ASN C 235 40.82 -25.49 -7.72
CA ASN C 235 42.19 -25.77 -7.29
C ASN C 235 42.32 -27.11 -6.56
N ASP C 236 41.38 -28.06 -6.77
CA ASP C 236 41.44 -29.30 -6.02
C ASP C 236 42.44 -30.30 -6.58
N GLY C 237 43.07 -30.01 -7.72
CA GLY C 237 44.10 -30.86 -8.27
C GLY C 237 43.64 -31.87 -9.29
N LEU C 238 42.33 -32.02 -9.48
CA LEU C 238 41.76 -33.03 -10.37
C LEU C 238 41.57 -32.47 -11.77
N ASP C 239 41.81 -33.32 -12.77
CA ASP C 239 41.23 -33.08 -14.09
C ASP C 239 39.73 -33.27 -13.98
N ARG C 240 38.98 -32.17 -14.02
CA ARG C 240 37.53 -32.20 -13.92
C ARG C 240 36.84 -32.02 -15.27
N VAL C 241 37.50 -32.46 -16.34
CA VAL C 241 36.91 -32.48 -17.68
C VAL C 241 36.90 -33.91 -18.19
N LYS C 242 38.07 -34.53 -18.29
CA LYS C 242 38.17 -35.87 -18.87
C LYS C 242 37.21 -36.90 -18.25
N PRO C 243 37.07 -36.99 -16.91
CA PRO C 243 36.14 -38.00 -16.36
C PRO C 243 34.70 -37.80 -16.78
N PHE C 244 34.27 -36.57 -17.03
CA PHE C 244 32.86 -36.27 -17.23
C PHE C 244 32.45 -36.28 -18.69
N ARG C 245 33.39 -36.31 -19.62
CA ARG C 245 33.01 -36.23 -21.03
C ARG C 245 32.01 -37.30 -21.46
N PRO C 246 32.10 -38.55 -21.00
CA PRO C 246 31.06 -39.54 -21.36
C PRO C 246 29.69 -39.19 -20.85
N PHE C 247 29.58 -38.28 -19.89
CA PHE C 247 28.31 -37.92 -19.27
C PHE C 247 27.75 -36.60 -19.80
N GLN C 248 28.33 -36.05 -20.86
CA GLN C 248 27.81 -34.83 -21.44
C GLN C 248 26.36 -35.02 -21.89
N LEU C 249 25.51 -34.07 -21.53
CA LEU C 249 24.10 -34.10 -21.99
C LEU C 249 24.06 -33.54 -23.41
N ASN C 250 24.15 -34.44 -24.37
CA ASN C 250 24.15 -34.00 -25.77
C ASN C 250 22.98 -34.65 -26.51
N SER C 251 22.90 -34.39 -27.83
CA SER C 251 21.77 -34.86 -28.62
C SER C 251 21.72 -36.39 -28.70
N ARG C 252 22.88 -37.04 -28.83
CA ARG C 252 22.91 -38.50 -28.82
C ARG C 252 22.36 -39.07 -27.52
N LEU C 253 22.72 -38.45 -26.39
CA LEU C 253 22.23 -38.94 -25.10
C LEU C 253 20.74 -38.69 -24.98
N LEU C 254 20.28 -37.50 -25.37
CA LEU C 254 18.86 -37.18 -25.28
C LEU C 254 18.02 -38.11 -26.14
N ALA C 255 18.54 -38.53 -27.30
CA ALA C 255 17.79 -39.43 -28.17
C ALA C 255 17.56 -40.81 -27.56
N LEU C 256 18.34 -41.20 -26.55
CA LEU C 256 18.11 -42.48 -25.89
C LEU C 256 16.94 -42.44 -24.92
N ALA C 257 16.58 -41.25 -24.44
CA ALA C 257 15.53 -41.06 -23.45
C ALA C 257 14.16 -41.22 -24.08
N ASP C 258 13.13 -41.19 -23.24
CA ASP C 258 11.76 -41.25 -23.73
C ASP C 258 11.51 -40.08 -24.70
N SER C 259 10.62 -40.31 -25.67
CA SER C 259 10.46 -39.31 -26.73
C SER C 259 9.95 -37.98 -26.18
N ASP C 260 9.22 -38.00 -25.07
CA ASP C 260 8.72 -36.77 -24.46
C ASP C 260 9.58 -36.26 -23.29
N ALA C 261 10.85 -36.67 -23.22
CA ALA C 261 11.69 -36.29 -22.09
C ALA C 261 12.02 -34.81 -22.12
N ILE C 262 12.25 -34.24 -20.93
CA ILE C 262 12.65 -32.85 -20.82
C ILE C 262 14.02 -32.78 -20.15
N VAL C 263 14.67 -31.63 -20.30
CA VAL C 263 16.04 -31.41 -19.84
C VAL C 263 16.05 -30.24 -18.85
N LEU C 264 16.73 -30.45 -17.71
CA LEU C 264 16.92 -29.41 -16.69
C LEU C 264 18.41 -29.13 -16.49
N HIS C 265 18.71 -27.90 -16.07
CA HIS C 265 20.06 -27.50 -15.72
C HIS C 265 19.95 -26.21 -14.90
N CYS C 266 20.39 -26.24 -13.64
CA CYS C 266 20.54 -25.00 -12.86
C CYS C 266 21.43 -24.02 -13.60
N LEU C 267 20.99 -22.74 -13.72
CA LEU C 267 21.92 -21.83 -14.37
C LEU C 267 22.90 -21.25 -13.36
N PRO C 268 24.13 -20.87 -13.75
CA PRO C 268 24.65 -20.83 -15.12
C PRO C 268 25.09 -22.19 -15.67
N ALA C 269 25.06 -22.31 -17.00
CA ALA C 269 25.55 -23.49 -17.71
C ALA C 269 26.79 -23.11 -18.49
N HIS C 270 27.64 -24.12 -18.72
CA HIS C 270 28.85 -23.97 -19.52
C HIS C 270 28.58 -24.73 -20.81
N ARG C 271 27.98 -24.04 -21.78
CA ARG C 271 27.65 -24.65 -23.06
C ARG C 271 28.89 -25.28 -23.68
N GLY C 272 28.73 -26.51 -24.19
CA GLY C 272 29.84 -27.24 -24.76
C GLY C 272 30.55 -28.18 -23.81
N ASP C 273 30.37 -28.01 -22.51
CA ASP C 273 30.92 -28.96 -21.55
C ASP C 273 29.84 -29.95 -21.13
N GLU C 274 29.14 -29.67 -20.03
CA GLU C 274 28.15 -30.62 -19.52
C GLU C 274 26.90 -30.71 -20.40
N ILE C 275 26.63 -29.70 -21.23
CA ILE C 275 25.42 -29.64 -22.03
C ILE C 275 25.77 -28.95 -23.33
N THR C 276 25.12 -29.36 -24.42
CA THR C 276 25.38 -28.75 -25.72
C THR C 276 24.34 -27.69 -26.06
N ASP C 277 24.70 -26.81 -27.00
CA ASP C 277 23.77 -25.77 -27.45
C ASP C 277 22.49 -26.38 -28.00
N ALA C 278 22.61 -27.43 -28.81
CA ALA C 278 21.42 -28.06 -29.40
C ALA C 278 20.44 -28.51 -28.33
N VAL C 279 20.94 -29.05 -27.22
CA VAL C 279 20.07 -29.49 -26.13
C VAL C 279 19.52 -28.29 -25.34
N MET C 280 20.40 -27.35 -24.94
CA MET C 280 19.97 -26.11 -24.27
C MET C 280 18.80 -25.42 -24.94
N ASP C 281 18.89 -25.28 -26.25
CA ASP C 281 17.98 -24.43 -27.01
C ASP C 281 16.92 -25.22 -27.77
N GLY C 282 16.89 -26.54 -27.62
CA GLY C 282 15.93 -27.35 -28.34
C GLY C 282 14.62 -27.47 -27.60
N PRO C 283 13.65 -28.17 -28.21
CA PRO C 283 12.31 -28.23 -27.62
C PRO C 283 12.23 -29.01 -26.32
N ALA C 284 13.20 -29.87 -26.01
CA ALA C 284 13.15 -30.62 -24.75
C ALA C 284 13.61 -29.79 -23.57
N SER C 285 14.27 -28.67 -23.81
CA SER C 285 14.84 -27.89 -22.71
C SER C 285 13.73 -27.20 -21.91
N ALA C 286 13.81 -27.34 -20.59
CA ALA C 286 12.93 -26.63 -19.66
C ALA C 286 13.72 -25.65 -18.79
N VAL C 287 14.94 -25.28 -19.21
CA VAL C 287 15.85 -24.57 -18.32
C VAL C 287 15.38 -23.15 -18.05
N TRP C 288 14.69 -22.54 -19.02
CA TRP C 288 14.25 -21.17 -18.82
C TRP C 288 13.10 -21.12 -17.83
N ASP C 289 12.08 -21.97 -18.01
CA ASP C 289 11.01 -22.09 -17.02
C ASP C 289 11.57 -22.45 -15.65
N GLU C 290 12.55 -23.34 -15.64
CA GLU C 290 13.18 -23.76 -14.39
C GLU C 290 13.79 -22.57 -13.65
N ALA C 291 14.50 -21.70 -14.38
CA ALA C 291 15.09 -20.54 -13.74
C ALA C 291 14.02 -19.62 -13.17
N GLU C 292 12.95 -19.38 -13.94
CA GLU C 292 11.86 -18.54 -13.47
C GLU C 292 11.21 -19.11 -12.22
N ASN C 293 11.07 -20.43 -12.16
CA ASN C 293 10.33 -21.02 -11.05
C ASN C 293 11.11 -20.97 -9.73
N ARG C 294 12.40 -20.57 -9.75
CA ARG C 294 13.07 -20.28 -8.48
C ARG C 294 12.30 -19.22 -7.71
N LEU C 295 11.80 -18.20 -8.41
CA LEU C 295 11.05 -17.15 -7.73
C LEU C 295 9.82 -17.72 -7.02
N HIS C 296 9.04 -18.52 -7.75
CA HIS C 296 7.76 -18.97 -7.22
C HIS C 296 7.95 -20.03 -6.14
N ALA C 297 8.87 -20.97 -6.36
CA ALA C 297 9.03 -22.05 -5.39
C ALA C 297 9.59 -21.53 -4.08
N GLN C 298 10.51 -20.56 -4.14
CA GLN C 298 11.06 -19.98 -2.93
C GLN C 298 10.01 -19.17 -2.18
N LYS C 299 9.16 -18.43 -2.89
CA LYS C 299 8.08 -17.73 -2.22
C LYS C 299 7.13 -18.72 -1.54
N ALA C 300 6.82 -19.83 -2.23
CA ALA C 300 5.94 -20.83 -1.64
C ALA C 300 6.56 -21.42 -0.38
N LEU C 301 7.85 -21.73 -0.42
CA LEU C 301 8.52 -22.26 0.76
C LEU C 301 8.44 -21.28 1.92
N LEU C 302 8.70 -20.00 1.66
CA LEU C 302 8.62 -18.99 2.72
C LEU C 302 7.21 -18.90 3.28
N VAL C 303 6.20 -18.82 2.42
CA VAL C 303 4.82 -18.76 2.90
C VAL C 303 4.51 -19.97 3.77
N TRP C 304 4.90 -21.16 3.32
CA TRP C 304 4.58 -22.38 4.05
C TRP C 304 5.29 -22.40 5.40
N LEU C 305 6.60 -22.10 5.43
CA LEU C 305 7.34 -22.14 6.69
C LEU C 305 6.81 -21.09 7.65
N LEU C 306 6.48 -19.89 7.16
CA LEU C 306 6.01 -18.84 8.06
C LEU C 306 4.67 -19.21 8.69
N GLU C 307 3.78 -19.83 7.92
CA GLU C 307 2.48 -20.23 8.46
C GLU C 307 2.63 -21.34 9.51
N ARG C 308 3.62 -22.23 9.35
CA ARG C 308 3.85 -23.33 10.29
C ARG C 308 4.71 -22.94 11.49
N SER C 309 5.26 -21.73 11.52
CA SER C 309 6.26 -21.38 12.53
C SER C 309 5.88 -20.09 13.25
N VAL D 3 -16.56 -24.44 -13.40
CA VAL D 3 -15.45 -23.80 -12.72
C VAL D 3 -15.90 -22.84 -11.61
N ILE D 4 -16.96 -22.06 -11.79
CA ILE D 4 -17.28 -21.00 -10.82
C ILE D 4 -18.04 -21.60 -9.64
N ARG D 5 -17.52 -21.38 -8.42
CA ARG D 5 -18.11 -21.96 -7.22
C ARG D 5 -19.00 -20.94 -6.50
N HIS D 6 -20.17 -21.41 -6.04
CA HIS D 6 -21.08 -20.56 -5.28
C HIS D 6 -21.29 -21.18 -3.90
N PHE D 7 -21.81 -20.37 -2.97
CA PHE D 7 -22.12 -20.82 -1.61
C PHE D 7 -23.52 -20.26 -1.29
N LEU D 8 -24.54 -21.03 -1.67
CA LEU D 8 -25.92 -20.61 -1.46
C LEU D 8 -26.59 -21.33 -0.30
N ARG D 9 -26.01 -22.44 0.13
CA ARG D 9 -26.50 -23.26 1.21
C ARG D 9 -25.32 -24.10 1.70
N ASP D 10 -25.45 -24.62 2.92
CA ASP D 10 -24.30 -25.14 3.66
C ASP D 10 -23.64 -26.30 2.92
N ASP D 11 -24.44 -27.17 2.31
CA ASP D 11 -23.92 -28.35 1.64
C ASP D 11 -23.39 -28.07 0.24
N ASP D 12 -23.32 -26.80 -0.16
CA ASP D 12 -22.58 -26.45 -1.38
C ASP D 12 -21.09 -26.72 -1.23
N LEU D 13 -20.60 -26.82 0.00
CA LEU D 13 -19.25 -27.32 0.28
C LEU D 13 -19.34 -28.80 0.63
N SER D 14 -18.45 -29.59 0.06
CA SER D 14 -18.31 -30.99 0.44
C SER D 14 -17.68 -31.05 1.84
N PRO D 15 -17.70 -32.21 2.49
CA PRO D 15 -17.02 -32.30 3.80
C PRO D 15 -15.55 -31.87 3.75
N ALA D 16 -14.80 -32.29 2.73
CA ALA D 16 -13.39 -31.90 2.67
C ALA D 16 -13.25 -30.41 2.39
N GLU D 17 -14.12 -29.88 1.53
CA GLU D 17 -14.05 -28.45 1.23
C GLU D 17 -14.39 -27.61 2.44
N GLN D 18 -15.42 -28.00 3.21
CA GLN D 18 -15.75 -27.27 4.42
C GLN D 18 -14.58 -27.25 5.39
N ALA D 19 -13.88 -28.39 5.50
CA ALA D 19 -12.73 -28.43 6.39
C ALA D 19 -11.65 -27.46 5.94
N GLU D 20 -11.46 -27.33 4.62
CA GLU D 20 -10.46 -26.38 4.13
C GLU D 20 -10.85 -24.96 4.49
N VAL D 21 -12.13 -24.61 4.30
CA VAL D 21 -12.60 -23.27 4.62
C VAL D 21 -12.42 -22.98 6.11
N LEU D 22 -12.75 -23.96 6.96
CA LEU D 22 -12.63 -23.71 8.39
C LEU D 22 -11.18 -23.63 8.84
N GLU D 23 -10.29 -24.41 8.20
CA GLU D 23 -8.86 -24.25 8.47
C GLU D 23 -8.39 -22.86 8.07
N LEU D 24 -8.81 -22.40 6.90
CA LEU D 24 -8.43 -21.05 6.47
C LEU D 24 -8.98 -19.98 7.41
N ALA D 25 -10.16 -20.21 7.99
CA ALA D 25 -10.71 -19.23 8.92
C ALA D 25 -9.83 -19.09 10.17
N ALA D 26 -9.32 -20.22 10.69
CA ALA D 26 -8.39 -20.15 11.80
C ALA D 26 -7.11 -19.42 11.39
N GLU D 27 -6.59 -19.69 10.19
CA GLU D 27 -5.38 -19.00 9.74
C GLU D 27 -5.60 -17.51 9.61
N LEU D 28 -6.76 -17.10 9.08
CA LEU D 28 -7.05 -15.68 8.91
C LEU D 28 -7.30 -14.99 10.25
N LYS D 29 -7.87 -15.69 11.22
CA LYS D 29 -8.00 -15.10 12.55
C LYS D 29 -6.64 -14.78 13.14
N LYS D 30 -5.65 -15.63 12.86
CA LYS D 30 -4.30 -15.39 13.37
C LYS D 30 -3.61 -14.26 12.60
N ASP D 31 -3.78 -14.23 11.27
CA ASP D 31 -3.10 -13.25 10.41
C ASP D 31 -4.10 -12.60 9.47
N PRO D 32 -4.80 -11.56 9.95
CA PRO D 32 -6.01 -11.08 9.24
C PRO D 32 -5.75 -10.33 7.95
N VAL D 33 -4.52 -9.88 7.67
CA VAL D 33 -4.27 -9.19 6.42
C VAL D 33 -3.23 -9.93 5.57
N SER D 34 -3.06 -11.23 5.83
CA SER D 34 -2.08 -12.03 5.10
C SER D 34 -2.59 -12.56 3.76
N ARG D 35 -3.89 -12.49 3.51
CA ARG D 35 -4.46 -12.95 2.25
C ARG D 35 -5.09 -11.75 1.56
N ARG D 36 -4.58 -11.39 0.37
CA ARG D 36 -5.03 -10.17 -0.31
C ARG D 36 -5.43 -10.45 -1.76
N PRO D 37 -6.37 -11.39 -1.96
CA PRO D 37 -6.80 -11.69 -3.34
C PRO D 37 -7.58 -10.57 -3.98
N LEU D 38 -8.09 -9.64 -3.20
CA LEU D 38 -8.87 -8.53 -3.72
C LEU D 38 -8.07 -7.22 -3.74
N GLN D 39 -6.75 -7.28 -3.50
CA GLN D 39 -5.90 -6.10 -3.63
C GLN D 39 -6.12 -5.33 -4.93
N GLY D 40 -6.09 -4.00 -4.82
CA GLY D 40 -6.30 -3.17 -5.98
C GLY D 40 -6.78 -1.76 -5.66
N PRO D 41 -8.01 -1.63 -5.16
CA PRO D 41 -8.94 -2.70 -4.79
C PRO D 41 -9.74 -3.30 -5.94
N ARG D 42 -9.99 -4.60 -5.87
CA ARG D 42 -11.09 -5.18 -6.60
C ARG D 42 -12.38 -4.99 -5.81
N GLY D 43 -13.50 -5.00 -6.52
CA GLY D 43 -14.79 -4.81 -5.89
C GLY D 43 -15.44 -6.12 -5.51
N VAL D 44 -16.29 -6.06 -4.48
CA VAL D 44 -17.22 -7.12 -4.12
C VAL D 44 -18.58 -6.47 -3.89
N ALA D 45 -19.61 -6.95 -4.57
CA ALA D 45 -20.94 -6.39 -4.37
C ALA D 45 -21.57 -7.02 -3.13
N VAL D 46 -22.16 -6.19 -2.27
CA VAL D 46 -22.83 -6.67 -1.06
C VAL D 46 -24.23 -6.07 -1.09
N ILE D 47 -25.22 -6.91 -1.44
CA ILE D 47 -26.57 -6.45 -1.77
C ILE D 47 -27.55 -6.96 -0.73
N PHE D 48 -28.42 -6.07 -0.24
CA PHE D 48 -29.44 -6.38 0.76
C PHE D 48 -30.83 -6.09 0.22
N ASP D 49 -31.62 -7.16 -0.01
CA ASP D 49 -33.05 -6.96 -0.26
C ASP D 49 -33.78 -6.54 1.01
N LYS D 50 -33.27 -6.95 2.16
CA LYS D 50 -33.70 -6.44 3.45
C LYS D 50 -32.45 -6.20 4.27
N ASN D 51 -32.38 -5.05 4.93
CA ASN D 51 -31.12 -4.65 5.56
C ASN D 51 -30.79 -5.51 6.77
N SER D 52 -29.49 -5.66 7.01
CA SER D 52 -28.98 -6.41 8.16
C SER D 52 -27.67 -5.74 8.56
N THR D 53 -27.73 -4.88 9.57
CA THR D 53 -26.55 -4.09 9.95
C THR D 53 -25.38 -5.00 10.33
N ARG D 54 -25.65 -6.08 11.08
CA ARG D 54 -24.58 -6.96 11.51
C ARG D 54 -23.94 -7.69 10.34
N THR D 55 -24.76 -8.10 9.37
CA THR D 55 -24.22 -8.76 8.18
C THR D 55 -23.39 -7.80 7.34
N ARG D 56 -23.84 -6.56 7.22
CA ARG D 56 -23.09 -5.56 6.42
C ARG D 56 -21.75 -5.27 7.08
N PHE D 57 -21.73 -5.12 8.38
CA PHE D 57 -20.50 -4.77 9.12
C PHE D 57 -19.43 -5.82 8.90
N SER D 58 -19.78 -7.08 9.17
CA SER D 58 -18.83 -8.22 9.02
C SER D 58 -18.28 -8.25 7.59
N PHE D 59 -19.15 -8.16 6.60
CA PHE D 59 -18.68 -8.28 5.22
C PHE D 59 -17.89 -7.05 4.77
N GLU D 60 -18.35 -5.85 5.14
CA GLU D 60 -17.67 -4.63 4.70
C GLU D 60 -16.22 -4.63 5.21
N LEU D 61 -16.02 -4.98 6.48
CA LEU D 61 -14.66 -4.97 7.05
C LEU D 61 -13.84 -6.14 6.53
N GLY D 62 -14.46 -7.30 6.36
CA GLY D 62 -13.72 -8.47 5.90
C GLY D 62 -13.23 -8.29 4.48
N ILE D 63 -14.07 -7.73 3.61
CA ILE D 63 -13.66 -7.51 2.22
C ILE D 63 -12.51 -6.53 2.18
N ALA D 64 -12.58 -5.50 3.02
CA ALA D 64 -11.51 -4.50 3.07
C ALA D 64 -10.19 -5.14 3.50
N GLN D 65 -10.24 -6.06 4.48
CA GLN D 65 -9.04 -6.72 4.97
C GLN D 65 -8.48 -7.76 4.00
N LEU D 66 -9.26 -8.16 2.99
CA LEU D 66 -8.73 -8.91 1.85
C LEU D 66 -8.19 -7.98 0.75
N GLY D 67 -8.15 -6.67 1.00
CA GLY D 67 -7.65 -5.69 0.05
C GLY D 67 -8.71 -5.08 -0.85
N GLY D 68 -9.96 -5.52 -0.75
CA GLY D 68 -10.99 -5.10 -1.69
C GLY D 68 -11.79 -3.91 -1.20
N HIS D 69 -12.78 -3.54 -2.01
CA HIS D 69 -13.74 -2.49 -1.64
C HIS D 69 -15.14 -3.07 -1.78
N ALA D 70 -15.88 -3.13 -0.68
CA ALA D 70 -17.26 -3.57 -0.77
C ALA D 70 -18.14 -2.44 -1.28
N VAL D 71 -18.91 -2.70 -2.34
CA VAL D 71 -19.91 -1.76 -2.82
C VAL D 71 -21.25 -2.27 -2.30
N VAL D 72 -21.79 -1.53 -1.34
CA VAL D 72 -22.98 -1.95 -0.61
C VAL D 72 -24.21 -1.36 -1.26
N VAL D 73 -25.19 -2.21 -1.57
CA VAL D 73 -26.49 -1.82 -2.09
C VAL D 73 -27.54 -2.18 -1.03
N ASP D 74 -28.19 -1.17 -0.47
CA ASP D 74 -29.17 -1.38 0.60
C ASP D 74 -30.57 -1.41 0.01
N SER D 75 -31.54 -1.70 0.89
CA SER D 75 -32.92 -1.86 0.45
C SER D 75 -33.56 -0.56 -0.01
N GLY D 76 -32.92 0.58 0.25
CA GLY D 76 -33.41 1.82 -0.32
C GLY D 76 -33.32 1.85 -1.83
N SER D 77 -32.36 1.10 -2.39
CA SER D 77 -32.28 0.95 -3.83
C SER D 77 -33.41 0.06 -4.34
N THR D 78 -33.77 0.23 -5.61
CA THR D 78 -34.86 -0.55 -6.20
C THR D 78 -34.56 -2.03 -6.08
N GLN D 79 -35.52 -2.79 -5.56
CA GLN D 79 -35.27 -4.21 -5.30
C GLN D 79 -34.94 -4.94 -6.59
N LEU D 80 -33.90 -5.78 -6.54
CA LEU D 80 -33.50 -6.58 -7.69
C LEU D 80 -34.64 -7.48 -8.17
N GLY D 81 -34.79 -7.57 -9.49
CA GLY D 81 -35.89 -8.25 -10.12
C GLY D 81 -37.04 -7.36 -10.53
N ARG D 82 -37.04 -6.09 -10.11
CA ARG D 82 -38.16 -5.20 -10.44
C ARG D 82 -38.01 -4.60 -11.83
N ASP D 83 -36.96 -3.80 -12.06
CA ASP D 83 -36.75 -3.10 -13.32
C ASP D 83 -35.75 -3.81 -14.23
N GLU D 84 -35.31 -5.01 -13.85
CA GLU D 84 -34.25 -5.73 -14.51
C GLU D 84 -34.29 -7.17 -14.02
N THR D 85 -34.18 -8.12 -14.96
CA THR D 85 -34.14 -9.52 -14.55
C THR D 85 -32.91 -9.79 -13.69
N LEU D 86 -33.02 -10.79 -12.82
CA LEU D 86 -31.89 -11.16 -11.98
C LEU D 86 -30.72 -11.63 -12.82
N GLN D 87 -31.01 -12.29 -13.95
CA GLN D 87 -29.93 -12.76 -14.79
C GLN D 87 -29.16 -11.59 -15.41
N ASP D 88 -29.88 -10.55 -15.83
CA ASP D 88 -29.20 -9.35 -16.34
C ASP D 88 -28.31 -8.73 -15.28
N THR D 89 -28.82 -8.62 -14.05
CA THR D 89 -27.99 -8.08 -12.98
C THR D 89 -26.74 -8.94 -12.76
N ALA D 90 -26.88 -10.26 -12.80
CA ALA D 90 -25.72 -11.12 -12.60
C ALA D 90 -24.68 -10.93 -13.70
N LYS D 91 -25.14 -10.78 -14.95
CA LYS D 91 -24.20 -10.60 -16.06
C LYS D 91 -23.42 -9.30 -15.92
N VAL D 92 -24.07 -8.21 -15.52
CA VAL D 92 -23.36 -6.94 -15.40
C VAL D 92 -22.44 -6.95 -14.19
N LEU D 93 -22.95 -7.41 -13.04
CA LEU D 93 -22.11 -7.43 -11.84
C LEU D 93 -20.87 -8.29 -12.04
N SER D 94 -20.97 -9.33 -12.84
CA SER D 94 -19.82 -10.18 -13.10
C SER D 94 -18.70 -9.42 -13.83
N ARG D 95 -19.04 -8.32 -14.52
CA ARG D 95 -18.02 -7.46 -15.12
C ARG D 95 -17.39 -6.47 -14.15
N TYR D 96 -18.08 -6.15 -13.05
CA TYR D 96 -17.68 -5.10 -12.12
C TYR D 96 -16.94 -5.62 -10.91
N VAL D 97 -17.38 -6.75 -10.37
CA VAL D 97 -16.91 -7.21 -9.07
C VAL D 97 -16.42 -8.64 -9.21
N ASP D 98 -15.65 -9.07 -8.21
CA ASP D 98 -15.07 -10.39 -8.20
C ASP D 98 -15.90 -11.40 -7.44
N ALA D 99 -16.94 -10.96 -6.75
CA ALA D 99 -17.85 -11.86 -6.06
C ALA D 99 -19.11 -11.06 -5.70
N ILE D 100 -20.22 -11.76 -5.52
CA ILE D 100 -21.51 -11.15 -5.22
C ILE D 100 -22.01 -11.74 -3.92
N VAL D 101 -22.16 -10.90 -2.90
CA VAL D 101 -22.69 -11.29 -1.59
C VAL D 101 -24.11 -10.75 -1.51
N TRP D 102 -25.09 -11.61 -1.25
CA TRP D 102 -26.49 -11.21 -1.41
C TRP D 102 -27.32 -11.72 -0.24
N ARG D 103 -28.04 -10.82 0.41
CA ARG D 103 -29.07 -11.19 1.38
C ARG D 103 -30.43 -11.03 0.70
N THR D 104 -31.15 -12.14 0.54
CA THR D 104 -32.44 -12.09 -0.15
C THR D 104 -33.38 -13.07 0.53
N PHE D 105 -34.47 -13.42 -0.15
CA PHE D 105 -35.58 -14.12 0.49
C PHE D 105 -35.59 -15.56 -0.02
N GLY D 106 -36.35 -15.86 -1.08
CA GLY D 106 -36.47 -17.23 -1.50
C GLY D 106 -35.24 -17.73 -2.23
N GLN D 107 -35.02 -19.04 -2.11
CA GLN D 107 -33.81 -19.67 -2.62
C GLN D 107 -33.75 -19.62 -4.14
N GLU D 108 -34.90 -19.59 -4.81
CA GLU D 108 -34.92 -19.55 -6.27
C GLU D 108 -34.24 -18.29 -6.80
N ARG D 109 -34.25 -17.20 -6.03
CA ARG D 109 -33.58 -15.98 -6.45
C ARG D 109 -32.07 -16.17 -6.46
N LEU D 110 -31.53 -16.75 -5.38
CA LEU D 110 -30.10 -17.06 -5.35
C LEU D 110 -29.72 -17.98 -6.49
N ASP D 111 -30.56 -18.98 -6.77
CA ASP D 111 -30.28 -19.92 -7.86
C ASP D 111 -30.23 -19.20 -9.20
N ALA D 112 -31.17 -18.28 -9.43
CA ALA D 112 -31.24 -17.56 -10.70
C ALA D 112 -29.96 -16.78 -10.95
N MET D 113 -29.45 -16.10 -9.94
CA MET D 113 -28.28 -15.28 -10.16
C MET D 113 -27.04 -16.14 -10.30
N ALA D 114 -26.91 -17.18 -9.47
CA ALA D 114 -25.77 -18.08 -9.62
C ALA D 114 -25.80 -18.86 -10.92
N SER D 115 -26.97 -18.99 -11.55
CA SER D 115 -27.06 -19.75 -12.80
C SER D 115 -26.31 -19.10 -13.95
N VAL D 116 -26.09 -17.77 -13.91
CA VAL D 116 -25.43 -17.10 -15.01
C VAL D 116 -24.21 -16.30 -14.57
N ALA D 117 -24.03 -16.11 -13.26
CA ALA D 117 -22.91 -15.28 -12.82
C ALA D 117 -21.61 -16.00 -13.12
N THR D 118 -20.60 -15.23 -13.55
CA THR D 118 -19.29 -15.80 -13.77
C THR D 118 -18.33 -15.44 -12.64
N VAL D 119 -18.87 -15.00 -11.50
CA VAL D 119 -18.12 -14.84 -10.26
C VAL D 119 -18.90 -15.55 -9.16
N PRO D 120 -18.24 -15.90 -8.06
CA PRO D 120 -18.95 -16.55 -6.95
C PRO D 120 -20.10 -15.70 -6.39
N VAL D 121 -21.21 -16.37 -6.10
CA VAL D 121 -22.35 -15.80 -5.41
C VAL D 121 -22.43 -16.43 -4.02
N ILE D 122 -22.58 -15.59 -3.00
CA ILE D 122 -22.61 -16.01 -1.60
C ILE D 122 -23.93 -15.59 -1.00
N ASN D 123 -24.61 -16.53 -0.34
CA ASN D 123 -25.83 -16.28 0.41
C ASN D 123 -25.41 -15.72 1.77
N ALA D 124 -25.58 -14.39 1.95
CA ALA D 124 -25.22 -13.75 3.20
C ALA D 124 -26.16 -14.14 4.34
N LEU D 125 -27.41 -14.46 3.98
CA LEU D 125 -28.53 -14.74 4.88
C LEU D 125 -29.76 -14.81 3.98
N SER D 126 -30.63 -15.81 4.15
CA SER D 126 -31.83 -15.92 3.34
C SER D 126 -32.96 -16.50 4.18
N ASP D 127 -34.13 -16.64 3.56
CA ASP D 127 -35.27 -17.22 4.26
C ASP D 127 -34.98 -18.65 4.70
N GLU D 128 -34.33 -19.44 3.84
CA GLU D 128 -34.20 -20.86 4.13
C GLU D 128 -32.89 -21.22 4.82
N PHE D 129 -31.84 -20.42 4.64
CA PHE D 129 -30.52 -20.82 5.13
C PHE D 129 -29.79 -19.61 5.69
N HIS D 130 -28.86 -19.86 6.60
CA HIS D 130 -27.96 -18.83 7.09
C HIS D 130 -26.56 -19.44 7.16
N PRO D 131 -25.99 -19.77 6.00
CA PRO D 131 -24.81 -20.67 6.00
C PRO D 131 -23.51 -20.00 6.40
N CYS D 132 -23.38 -18.67 6.28
CA CYS D 132 -22.18 -18.02 6.77
C CYS D 132 -22.13 -17.99 8.29
N GLN D 133 -23.28 -17.77 8.93
CA GLN D 133 -23.33 -17.84 10.38
C GLN D 133 -22.92 -19.23 10.87
N VAL D 134 -23.33 -20.29 10.17
CA VAL D 134 -23.00 -21.62 10.66
C VAL D 134 -21.51 -21.91 10.44
N LEU D 135 -20.89 -21.34 9.42
CA LEU D 135 -19.43 -21.46 9.32
C LEU D 135 -18.76 -20.84 10.53
N ALA D 136 -19.22 -19.65 10.95
CA ALA D 136 -18.67 -19.04 12.15
C ALA D 136 -18.94 -19.88 13.39
N ASP D 137 -20.13 -20.49 13.48
CA ASP D 137 -20.42 -21.41 14.58
C ASP D 137 -19.43 -22.58 14.61
N LEU D 138 -19.18 -23.20 13.45
CA LEU D 138 -18.27 -24.33 13.39
C LEU D 138 -16.85 -23.93 13.74
N GLN D 139 -16.42 -22.74 13.28
CA GLN D 139 -15.11 -22.22 13.70
C GLN D 139 -15.06 -22.06 15.20
N THR D 140 -16.13 -21.52 15.80
CA THR D 140 -16.14 -21.33 17.25
C THR D 140 -16.09 -22.65 18.00
N ILE D 141 -16.86 -23.65 17.53
CA ILE D 141 -16.84 -24.95 18.20
C ILE D 141 -15.46 -25.56 18.11
N ALA D 142 -14.84 -25.47 16.94
CA ALA D 142 -13.53 -26.07 16.73
C ALA D 142 -12.48 -25.42 17.64
N GLU D 143 -12.59 -24.08 17.83
CA GLU D 143 -11.68 -23.36 18.72
C GLU D 143 -11.74 -23.91 20.14
N ARG D 144 -12.94 -24.25 20.59
CA ARG D 144 -13.16 -24.67 21.96
C ARG D 144 -12.95 -26.17 22.16
N LYS D 145 -13.18 -26.97 21.13
CA LYS D 145 -13.28 -28.41 21.34
C LYS D 145 -12.45 -29.28 20.41
N GLY D 146 -11.81 -28.71 19.39
CA GLY D 146 -10.94 -29.49 18.53
C GLY D 146 -11.71 -30.10 17.38
N ALA D 147 -11.46 -31.37 17.11
CA ALA D 147 -12.10 -32.04 15.97
C ALA D 147 -13.61 -32.00 16.11
N LEU D 148 -14.28 -31.68 15.00
CA LEU D 148 -15.74 -31.57 15.03
C LEU D 148 -16.43 -32.93 14.86
N ARG D 149 -15.79 -33.89 14.18
CA ARG D 149 -16.49 -35.13 13.87
C ARG D 149 -16.87 -35.87 15.16
N GLY D 150 -18.14 -36.27 15.26
CA GLY D 150 -18.61 -37.03 16.40
C GLY D 150 -19.14 -36.20 17.56
N LEU D 151 -18.97 -34.89 17.51
CA LEU D 151 -19.59 -34.05 18.53
C LEU D 151 -21.11 -34.10 18.40
N ARG D 152 -21.78 -33.73 19.48
CA ARG D 152 -23.24 -33.71 19.54
C ARG D 152 -23.68 -32.26 19.72
N LEU D 153 -24.51 -31.77 18.79
CA LEU D 153 -25.03 -30.41 18.83
C LEU D 153 -26.56 -30.46 18.84
N SER D 154 -27.18 -29.68 19.72
CA SER D 154 -28.63 -29.61 19.82
C SER D 154 -29.09 -28.16 19.64
N TYR D 155 -30.03 -27.96 18.74
CA TYR D 155 -30.66 -26.65 18.50
C TYR D 155 -32.06 -26.69 19.07
N PHE D 156 -32.46 -25.61 19.73
CA PHE D 156 -33.73 -25.53 20.43
C PHE D 156 -34.56 -24.37 19.91
N GLY D 157 -35.86 -24.60 19.73
CA GLY D 157 -36.76 -23.51 19.40
C GLY D 157 -37.51 -23.68 18.09
N ASP D 158 -37.38 -22.71 17.19
CA ASP D 158 -38.06 -22.77 15.90
C ASP D 158 -37.23 -23.62 14.95
N GLY D 159 -37.68 -24.85 14.71
CA GLY D 159 -36.95 -25.75 13.85
C GLY D 159 -37.15 -25.56 12.38
N ALA D 160 -37.96 -24.58 11.99
CA ALA D 160 -38.21 -24.32 10.58
C ALA D 160 -37.48 -23.09 10.07
N ASN D 161 -36.67 -22.44 10.90
CA ASN D 161 -36.05 -21.21 10.45
C ASN D 161 -34.68 -21.49 9.81
N ASN D 162 -34.03 -20.42 9.37
CA ASN D 162 -32.83 -20.58 8.56
C ASN D 162 -31.66 -21.15 9.36
N MET D 163 -31.54 -20.79 10.65
CA MET D 163 -30.48 -21.38 11.47
C MET D 163 -30.68 -22.88 11.70
N ALA D 164 -31.91 -23.33 11.95
CA ALA D 164 -32.12 -24.77 12.09
C ALA D 164 -31.71 -25.50 10.82
N HIS D 165 -32.10 -24.97 9.66
CA HIS D 165 -31.77 -25.64 8.40
C HIS D 165 -30.26 -25.70 8.19
N SER D 166 -29.57 -24.59 8.45
CA SER D 166 -28.12 -24.54 8.22
C SER D 166 -27.35 -25.31 9.29
N LEU D 167 -27.81 -25.33 10.54
CA LEU D 167 -27.14 -26.18 11.53
C LEU D 167 -27.25 -27.65 11.16
N LEU D 168 -28.41 -28.06 10.61
CA LEU D 168 -28.53 -29.44 10.10
C LEU D 168 -27.54 -29.71 8.98
N LEU D 169 -27.55 -28.88 7.94
CA LEU D 169 -26.74 -29.15 6.76
C LEU D 169 -25.26 -28.92 7.03
N GLY D 170 -24.93 -27.77 7.61
CA GLY D 170 -23.54 -27.49 7.93
C GLY D 170 -23.01 -28.41 9.01
N GLY D 171 -23.83 -28.70 10.02
CA GLY D 171 -23.41 -29.61 11.07
C GLY D 171 -23.09 -31.01 10.58
N VAL D 172 -24.00 -31.63 9.83
CA VAL D 172 -23.70 -32.99 9.38
C VAL D 172 -22.56 -32.99 8.36
N THR D 173 -22.34 -31.86 7.65
CA THR D 173 -21.20 -31.81 6.74
C THR D 173 -19.89 -31.89 7.50
N ALA D 174 -19.89 -31.43 8.75
CA ALA D 174 -18.73 -31.47 9.61
C ALA D 174 -18.64 -32.76 10.43
N GLY D 175 -19.57 -33.69 10.24
CA GLY D 175 -19.54 -34.93 11.00
C GLY D 175 -20.20 -34.84 12.37
N ILE D 176 -20.96 -33.77 12.63
CA ILE D 176 -21.59 -33.54 13.93
C ILE D 176 -22.96 -34.21 13.97
N HIS D 177 -23.27 -34.88 15.08
CA HIS D 177 -24.60 -35.43 15.30
C HIS D 177 -25.51 -34.27 15.69
N VAL D 178 -26.44 -33.90 14.80
CA VAL D 178 -27.28 -32.72 14.99
C VAL D 178 -28.67 -33.15 15.48
N THR D 179 -29.15 -32.51 16.56
CA THR D 179 -30.50 -32.69 17.06
C THR D 179 -31.21 -31.35 16.98
N VAL D 180 -32.45 -31.37 16.49
CA VAL D 180 -33.33 -30.20 16.47
C VAL D 180 -34.48 -30.49 17.42
N ALA D 181 -34.60 -29.69 18.47
CA ALA D 181 -35.68 -29.79 19.44
C ALA D 181 -36.66 -28.66 19.17
N ALA D 182 -37.86 -28.99 18.71
CA ALA D 182 -38.79 -28.01 18.19
C ALA D 182 -40.21 -28.53 18.36
N PRO D 183 -41.19 -27.65 18.55
CA PRO D 183 -42.58 -28.10 18.67
C PRO D 183 -43.19 -28.40 17.32
N GLU D 184 -44.30 -29.13 17.36
CA GLU D 184 -45.01 -29.49 16.13
C GLU D 184 -45.45 -28.24 15.37
N GLY D 185 -45.33 -28.29 14.05
CA GLY D 185 -45.66 -27.16 13.22
C GLY D 185 -44.52 -26.21 12.97
N PHE D 186 -43.40 -26.39 13.66
CA PHE D 186 -42.18 -25.62 13.46
C PHE D 186 -40.99 -26.56 13.36
N LEU D 187 -41.12 -27.56 12.51
CA LEU D 187 -40.13 -28.57 12.26
C LEU D 187 -39.37 -28.27 10.98
N PRO D 188 -38.19 -28.85 10.79
CA PRO D 188 -37.40 -28.55 9.59
C PRO D 188 -38.15 -28.90 8.30
N ASP D 189 -37.91 -28.08 7.28
CA ASP D 189 -38.43 -28.37 5.94
C ASP D 189 -38.03 -29.79 5.53
N PRO D 190 -38.98 -30.62 5.05
CA PRO D 190 -38.65 -32.02 4.78
C PRO D 190 -37.59 -32.21 3.70
N SER D 191 -37.53 -31.32 2.71
CA SER D 191 -36.47 -31.44 1.71
C SER D 191 -35.10 -31.18 2.33
N VAL D 192 -35.01 -30.18 3.21
CA VAL D 192 -33.76 -29.93 3.93
C VAL D 192 -33.38 -31.12 4.78
N ARG D 193 -34.34 -31.65 5.53
CA ARG D 193 -34.04 -32.78 6.42
C ARG D 193 -33.50 -33.96 5.64
N ALA D 194 -34.10 -34.26 4.48
CA ALA D 194 -33.62 -35.39 3.68
C ALA D 194 -32.23 -35.12 3.12
N ALA D 195 -31.95 -33.88 2.71
CA ALA D 195 -30.60 -33.57 2.25
C ALA D 195 -29.59 -33.72 3.38
N ALA D 196 -29.97 -33.36 4.60
CA ALA D 196 -29.05 -33.51 5.73
C ALA D 196 -28.84 -34.99 6.06
N GLU D 197 -29.90 -35.79 5.99
CA GLU D 197 -29.74 -37.22 6.25
C GLU D 197 -28.84 -37.86 5.20
N ARG D 198 -28.97 -37.46 3.93
CA ARG D 198 -28.10 -38.00 2.89
C ARG D 198 -26.65 -37.61 3.14
N ARG D 199 -26.39 -36.33 3.44
CA ARG D 199 -25.01 -35.88 3.67
C ARG D 199 -24.42 -36.57 4.90
N ALA D 200 -25.24 -36.81 5.94
CA ALA D 200 -24.73 -37.46 7.14
C ALA D 200 -24.24 -38.88 6.89
N GLN D 201 -24.79 -39.56 5.89
CA GLN D 201 -24.31 -40.90 5.57
C GLN D 201 -22.85 -40.87 5.11
N ASP D 202 -22.42 -39.75 4.54
CA ASP D 202 -21.05 -39.60 4.05
C ASP D 202 -20.06 -39.24 5.14
N THR D 203 -20.52 -38.77 6.30
CA THR D 203 -19.65 -38.22 7.32
C THR D 203 -19.74 -38.92 8.67
N GLY D 204 -20.55 -39.97 8.79
CA GLY D 204 -20.78 -40.60 10.07
C GLY D 204 -21.66 -39.80 11.01
N ALA D 205 -22.29 -38.74 10.54
CA ALA D 205 -23.15 -37.89 11.36
C ALA D 205 -24.55 -38.51 11.45
N SER D 206 -25.49 -37.77 12.04
CA SER D 206 -26.86 -38.23 12.15
C SER D 206 -27.75 -37.01 12.33
N VAL D 207 -29.05 -37.22 12.12
CA VAL D 207 -30.05 -36.17 12.24
C VAL D 207 -31.15 -36.69 13.17
N THR D 208 -31.49 -35.90 14.18
CA THR D 208 -32.59 -36.25 15.09
C THR D 208 -33.50 -35.04 15.24
N VAL D 209 -34.81 -35.27 15.20
CA VAL D 209 -35.80 -34.21 15.41
C VAL D 209 -36.75 -34.68 16.50
N THR D 210 -36.92 -33.87 17.54
CA THR D 210 -37.67 -34.26 18.73
C THR D 210 -38.40 -33.06 19.31
N ALA D 211 -39.49 -33.33 20.04
CA ALA D 211 -40.16 -32.30 20.81
C ALA D 211 -39.77 -32.31 22.28
N ASP D 212 -38.83 -33.16 22.68
CA ASP D 212 -38.42 -33.32 24.07
C ASP D 212 -37.11 -32.56 24.29
N ALA D 213 -37.21 -31.34 24.82
CA ALA D 213 -36.02 -30.51 24.99
C ALA D 213 -35.03 -31.15 25.96
N HIS D 214 -35.51 -31.70 27.08
CA HIS D 214 -34.57 -32.25 28.05
C HIS D 214 -33.84 -33.45 27.48
N ALA D 215 -34.56 -34.31 26.74
CA ALA D 215 -33.89 -35.41 26.04
C ALA D 215 -32.83 -34.90 25.09
N ALA D 216 -33.11 -33.82 24.36
CA ALA D 216 -32.18 -33.30 23.38
C ALA D 216 -30.93 -32.70 24.03
N ALA D 217 -31.03 -32.26 25.29
CA ALA D 217 -29.86 -31.71 25.96
C ALA D 217 -28.90 -32.78 26.43
N ALA D 218 -29.41 -33.98 26.71
CA ALA D 218 -28.58 -35.06 27.24
C ALA D 218 -27.40 -35.37 26.33
N GLY D 219 -26.20 -35.38 26.90
CA GLY D 219 -25.00 -35.68 26.14
C GLY D 219 -24.54 -34.63 25.15
N ALA D 220 -25.16 -33.45 25.09
CA ALA D 220 -24.80 -32.46 24.09
C ALA D 220 -23.48 -31.77 24.42
N ASP D 221 -22.65 -31.60 23.39
CA ASP D 221 -21.45 -30.77 23.50
C ASP D 221 -21.75 -29.30 23.26
N VAL D 222 -22.76 -29.01 22.45
CA VAL D 222 -23.08 -27.65 22.05
C VAL D 222 -24.60 -27.50 22.09
N LEU D 223 -25.06 -26.40 22.70
CA LEU D 223 -26.48 -26.06 22.72
C LEU D 223 -26.62 -24.74 21.98
N VAL D 224 -27.60 -24.65 21.08
CA VAL D 224 -27.81 -23.47 20.22
C VAL D 224 -29.27 -23.08 20.26
N THR D 225 -29.53 -21.76 20.23
CA THR D 225 -30.88 -21.29 20.00
C THR D 225 -30.80 -20.01 19.16
N ASP D 226 -31.96 -19.43 18.91
CA ASP D 226 -32.13 -18.30 18.01
C ASP D 226 -33.43 -17.62 18.42
N THR D 227 -33.64 -16.39 17.96
CA THR D 227 -34.91 -15.73 18.25
C THR D 227 -36.10 -16.58 17.79
N TRP D 228 -37.18 -16.49 18.55
CA TRP D 228 -38.39 -17.25 18.24
C TRP D 228 -39.20 -16.67 17.09
N THR D 229 -39.04 -15.39 16.80
CA THR D 229 -39.77 -14.75 15.73
C THR D 229 -38.96 -14.68 14.44
N ASP D 239 -49.74 -14.30 23.58
CA ASP D 239 -48.50 -15.07 23.58
C ASP D 239 -48.28 -15.80 22.24
N ARG D 240 -47.74 -15.08 21.25
CA ARG D 240 -47.46 -15.67 19.95
C ARG D 240 -46.30 -16.66 19.97
N VAL D 241 -45.58 -16.75 21.10
CA VAL D 241 -44.46 -17.66 21.26
C VAL D 241 -44.75 -18.72 22.32
N LYS D 242 -46.03 -18.95 22.63
CA LYS D 242 -46.40 -20.06 23.52
C LYS D 242 -45.77 -21.40 23.12
N PRO D 243 -45.72 -21.79 21.84
CA PRO D 243 -45.14 -23.11 21.52
C PRO D 243 -43.68 -23.28 21.89
N PHE D 244 -42.91 -22.19 21.98
CA PHE D 244 -41.47 -22.30 22.16
C PHE D 244 -41.02 -22.18 23.61
N ARG D 245 -41.92 -21.80 24.53
CA ARG D 245 -41.53 -21.62 25.93
C ARG D 245 -40.80 -22.82 26.53
N PRO D 246 -41.24 -24.08 26.37
CA PRO D 246 -40.50 -25.19 26.99
C PRO D 246 -39.15 -25.46 26.35
N PHE D 247 -38.80 -24.76 25.28
CA PHE D 247 -37.52 -24.95 24.61
C PHE D 247 -36.52 -23.85 24.96
N GLN D 248 -36.82 -23.03 25.97
CA GLN D 248 -35.91 -21.97 26.37
C GLN D 248 -34.57 -22.56 26.82
N LEU D 249 -33.49 -21.90 26.44
CA LEU D 249 -32.15 -22.36 26.80
C LEU D 249 -31.83 -21.66 28.13
N ASN D 250 -32.16 -22.32 29.25
CA ASN D 250 -31.93 -21.78 30.59
C ASN D 250 -30.90 -22.64 31.33
N SER D 251 -30.64 -22.28 32.59
CA SER D 251 -29.61 -22.96 33.36
C SER D 251 -29.95 -24.44 33.59
N ARG D 252 -31.23 -24.74 33.83
CA ARG D 252 -31.60 -26.13 34.06
C ARG D 252 -31.36 -26.99 32.83
N LEU D 253 -31.68 -26.44 31.64
CA LEU D 253 -31.43 -27.17 30.40
C LEU D 253 -29.95 -27.37 30.19
N LEU D 254 -29.16 -26.30 30.35
CA LEU D 254 -27.72 -26.41 30.20
C LEU D 254 -27.13 -27.46 31.14
N ALA D 255 -27.67 -27.55 32.35
CA ALA D 255 -27.12 -28.49 33.33
C ALA D 255 -27.34 -29.94 32.94
N LEU D 256 -28.25 -30.22 32.00
CA LEU D 256 -28.45 -31.59 31.55
C LEU D 256 -27.41 -32.03 30.53
N ALA D 257 -26.69 -31.08 29.93
CA ALA D 257 -25.76 -31.35 28.85
C ALA D 257 -24.42 -31.79 29.42
N ASP D 258 -23.42 -31.96 28.54
CA ASP D 258 -22.06 -32.18 28.99
C ASP D 258 -21.63 -31.11 29.99
N SER D 259 -20.82 -31.52 30.97
CA SER D 259 -20.36 -30.54 31.96
C SER D 259 -19.53 -29.43 31.33
N ASP D 260 -18.96 -29.65 30.15
CA ASP D 260 -18.18 -28.63 29.47
C ASP D 260 -18.85 -28.18 28.18
N ALA D 261 -20.18 -28.33 28.10
CA ALA D 261 -20.89 -27.89 26.90
C ALA D 261 -20.76 -26.38 26.73
N ILE D 262 -20.87 -25.92 25.48
CA ILE D 262 -20.87 -24.50 25.18
C ILE D 262 -22.19 -24.11 24.56
N VAL D 263 -22.47 -22.81 24.57
CA VAL D 263 -23.76 -22.26 24.12
C VAL D 263 -23.50 -21.27 23.00
N LEU D 264 -24.25 -21.41 21.91
CA LEU D 264 -24.21 -20.51 20.77
C LEU D 264 -25.57 -19.85 20.56
N HIS D 265 -25.53 -18.66 19.94
CA HIS D 265 -26.73 -17.89 19.64
C HIS D 265 -26.35 -16.79 18.66
N CYS D 266 -26.87 -16.86 17.44
CA CYS D 266 -26.82 -15.76 16.48
C CYS D 266 -27.34 -14.48 17.11
N LEU D 267 -26.53 -13.44 17.17
CA LEU D 267 -27.04 -12.25 17.81
C LEU D 267 -27.96 -11.49 16.87
N PRO D 268 -28.91 -10.68 17.41
CA PRO D 268 -29.12 -10.39 18.83
C PRO D 268 -29.98 -11.42 19.54
N ALA D 269 -29.80 -11.50 20.86
CA ALA D 269 -30.60 -12.36 21.71
C ALA D 269 -31.67 -11.54 22.41
N HIS D 270 -32.81 -12.17 22.65
CA HIS D 270 -33.90 -11.58 23.44
C HIS D 270 -33.79 -12.19 24.83
N ARG D 271 -33.02 -11.54 25.70
CA ARG D 271 -32.72 -12.08 27.02
C ARG D 271 -33.99 -12.29 27.82
N GLY D 272 -34.20 -13.51 28.30
CA GLY D 272 -35.40 -13.85 29.01
C GLY D 272 -36.45 -14.56 28.18
N ASP D 273 -36.31 -14.56 26.85
CA ASP D 273 -37.15 -15.38 25.99
C ASP D 273 -36.44 -16.70 25.68
N GLU D 274 -35.73 -16.77 24.55
CA GLU D 274 -35.14 -18.04 24.15
C GLU D 274 -33.90 -18.40 24.96
N ILE D 275 -33.31 -17.44 25.69
CA ILE D 275 -32.08 -17.69 26.43
C ILE D 275 -32.10 -16.78 27.67
N THR D 276 -31.56 -17.27 28.77
CA THR D 276 -31.58 -16.47 29.99
C THR D 276 -30.28 -15.70 30.15
N ASP D 277 -30.36 -14.64 30.97
CA ASP D 277 -29.16 -13.87 31.32
C ASP D 277 -28.07 -14.78 31.90
N ALA D 278 -28.45 -15.72 32.77
CA ALA D 278 -27.45 -16.55 33.42
C ALA D 278 -26.67 -17.38 32.41
N VAL D 279 -27.36 -17.91 31.39
CA VAL D 279 -26.67 -18.67 30.35
C VAL D 279 -25.86 -17.75 29.44
N MET D 280 -26.48 -16.65 29.01
CA MET D 280 -25.81 -15.67 28.14
C MET D 280 -24.49 -15.21 28.71
N ASP D 281 -24.45 -14.94 30.01
CA ASP D 281 -23.30 -14.32 30.65
C ASP D 281 -22.44 -15.31 31.42
N GLY D 282 -22.81 -16.59 31.41
CA GLY D 282 -22.09 -17.58 32.17
C GLY D 282 -20.89 -18.11 31.41
N PRO D 283 -20.15 -19.01 32.08
CA PRO D 283 -18.90 -19.52 31.50
C PRO D 283 -19.08 -20.40 30.25
N ALA D 284 -20.29 -20.91 30.01
CA ALA D 284 -20.51 -21.76 28.84
C ALA D 284 -20.76 -20.95 27.58
N SER D 285 -21.05 -19.67 27.71
CA SER D 285 -21.44 -18.87 26.56
C SER D 285 -20.25 -18.63 25.64
N ALA D 286 -20.40 -18.99 24.37
CA ALA D 286 -19.42 -18.66 23.35
C ALA D 286 -19.96 -17.64 22.35
N VAL D 287 -21.00 -16.88 22.73
CA VAL D 287 -21.70 -16.04 21.76
C VAL D 287 -20.86 -14.86 21.30
N TRP D 288 -19.93 -14.38 22.13
CA TRP D 288 -19.11 -13.24 21.73
C TRP D 288 -18.04 -13.65 20.74
N ASP D 289 -17.33 -14.74 21.02
CA ASP D 289 -16.39 -15.29 20.05
C ASP D 289 -17.09 -15.66 18.75
N GLU D 290 -18.30 -16.20 18.87
CA GLU D 290 -19.10 -16.57 17.71
C GLU D 290 -19.40 -15.37 16.83
N ALA D 291 -19.79 -14.25 17.45
CA ALA D 291 -20.04 -13.02 16.71
C ALA D 291 -18.79 -12.54 15.99
N GLU D 292 -17.65 -12.52 16.71
CA GLU D 292 -16.39 -12.13 16.08
C GLU D 292 -16.03 -13.05 14.92
N ASN D 293 -16.29 -14.35 15.04
CA ASN D 293 -15.83 -15.28 14.01
C ASN D 293 -16.60 -15.15 12.71
N ARG D 294 -17.74 -14.45 12.70
CA ARG D 294 -18.38 -14.14 11.43
C ARG D 294 -17.40 -13.43 10.49
N LEU D 295 -16.60 -12.51 11.05
CA LEU D 295 -15.60 -11.81 10.25
C LEU D 295 -14.63 -12.78 9.59
N HIS D 296 -14.04 -13.67 10.39
CA HIS D 296 -12.99 -14.56 9.89
C HIS D 296 -13.55 -15.63 8.97
N ALA D 297 -14.71 -16.21 9.31
CA ALA D 297 -15.22 -17.30 8.51
C ALA D 297 -15.67 -16.80 7.13
N GLN D 298 -16.27 -15.62 7.09
CA GLN D 298 -16.68 -15.06 5.81
C GLN D 298 -15.48 -14.67 4.95
N LYS D 299 -14.42 -14.14 5.57
CA LYS D 299 -13.20 -13.87 4.80
C LYS D 299 -12.63 -15.16 4.23
N ALA D 300 -12.59 -16.22 5.04
CA ALA D 300 -12.06 -17.51 4.56
C ALA D 300 -12.90 -18.04 3.41
N LEU D 301 -14.22 -17.94 3.53
CA LEU D 301 -15.10 -18.39 2.45
C LEU D 301 -14.81 -17.64 1.16
N LEU D 302 -14.67 -16.31 1.25
CA LEU D 302 -14.37 -15.51 0.06
C LEU D 302 -13.02 -15.90 -0.54
N VAL D 303 -11.98 -16.02 0.29
CA VAL D 303 -10.66 -16.40 -0.23
C VAL D 303 -10.75 -17.74 -0.96
N TRP D 304 -11.43 -18.71 -0.34
CA TRP D 304 -11.52 -20.06 -0.90
C TRP D 304 -12.28 -20.06 -2.22
N LEU D 305 -13.45 -19.41 -2.26
CA LEU D 305 -14.24 -19.40 -3.49
C LEU D 305 -13.50 -18.68 -4.60
N LEU D 306 -12.82 -17.58 -4.26
CA LEU D 306 -12.10 -16.83 -5.29
C LEU D 306 -11.00 -17.68 -5.89
N GLU D 307 -10.27 -18.41 -5.06
CA GLU D 307 -9.15 -19.20 -5.57
C GLU D 307 -9.64 -20.38 -6.39
N ARG D 308 -10.81 -20.94 -6.04
CA ARG D 308 -11.30 -22.11 -6.76
C ARG D 308 -12.11 -21.76 -8.00
N SER D 309 -12.45 -20.48 -8.20
CA SER D 309 -13.20 -20.04 -9.38
C SER D 309 -12.34 -19.33 -10.41
N VAL E 3 -5.74 2.05 30.82
CA VAL E 3 -7.10 2.57 30.89
C VAL E 3 -7.55 3.02 29.50
N ILE E 4 -8.83 2.86 29.21
CA ILE E 4 -9.39 3.20 27.92
C ILE E 4 -9.90 4.63 28.02
N ARG E 5 -9.36 5.53 27.20
CA ARG E 5 -9.77 6.93 27.26
C ARG E 5 -10.98 7.18 26.36
N HIS E 6 -11.87 8.06 26.81
CA HIS E 6 -13.01 8.45 26.00
C HIS E 6 -13.05 9.97 25.88
N PHE E 7 -13.83 10.45 24.90
CA PHE E 7 -13.99 11.88 24.67
C PHE E 7 -15.47 12.17 24.44
N LEU E 8 -16.19 12.39 25.54
CA LEU E 8 -17.63 12.61 25.51
C LEU E 8 -18.01 14.07 25.73
N ARG E 9 -17.10 14.87 26.28
CA ARG E 9 -17.28 16.30 26.53
C ARG E 9 -15.89 16.89 26.64
N ASP E 10 -15.82 18.23 26.53
CA ASP E 10 -14.56 18.88 26.19
C ASP E 10 -13.53 18.72 27.30
N ASP E 11 -13.97 18.76 28.56
CA ASP E 11 -13.08 18.65 29.71
C ASP E 11 -12.70 17.21 30.04
N ASP E 12 -13.06 16.24 29.19
CA ASP E 12 -12.45 14.92 29.29
C ASP E 12 -10.95 14.97 29.05
N LEU E 13 -10.46 16.00 28.37
CA LEU E 13 -9.03 16.25 28.26
C LEU E 13 -8.63 17.32 29.28
N SER E 14 -7.54 17.06 30.00
CA SER E 14 -6.91 18.11 30.80
C SER E 14 -6.37 19.21 29.88
N PRO E 15 -6.04 20.37 30.43
CA PRO E 15 -5.37 21.40 29.61
C PRO E 15 -4.14 20.88 28.87
N ALA E 16 -3.29 20.12 29.55
CA ALA E 16 -2.10 19.58 28.89
C ALA E 16 -2.46 18.59 27.81
N GLU E 17 -3.45 17.72 28.05
CA GLU E 17 -3.85 16.76 27.04
C GLU E 17 -4.49 17.46 25.84
N GLN E 18 -5.27 18.52 26.09
CA GLN E 18 -5.86 19.26 24.97
C GLN E 18 -4.77 19.87 24.09
N ALA E 19 -3.72 20.42 24.70
CA ALA E 19 -2.64 21.00 23.91
C ALA E 19 -1.97 19.94 23.04
N GLU E 20 -1.81 18.72 23.56
CA GLU E 20 -1.23 17.64 22.76
C GLU E 20 -2.10 17.33 21.54
N VAL E 21 -3.43 17.25 21.72
CA VAL E 21 -4.31 16.96 20.60
C VAL E 21 -4.27 18.08 19.57
N LEU E 22 -4.26 19.33 20.03
CA LEU E 22 -4.24 20.46 19.11
C LEU E 22 -2.91 20.53 18.34
N GLU E 23 -1.80 20.21 19.00
CA GLU E 23 -0.53 20.12 18.29
C GLU E 23 -0.57 19.03 17.24
N LEU E 24 -1.10 17.86 17.61
CA LEU E 24 -1.23 16.76 16.66
C LEU E 24 -2.13 17.18 15.48
N ALA E 25 -3.20 17.93 15.75
CA ALA E 25 -4.06 18.40 14.66
C ALA E 25 -3.28 19.26 13.67
N ALA E 26 -2.38 20.12 14.19
CA ALA E 26 -1.54 20.91 13.30
C ALA E 26 -0.59 20.02 12.50
N GLU E 27 -0.01 19.01 13.15
CA GLU E 27 0.91 18.12 12.43
C GLU E 27 0.19 17.35 11.35
N LEU E 28 -1.05 16.92 11.64
CA LEU E 28 -1.80 16.14 10.67
C LEU E 28 -2.29 16.99 9.52
N LYS E 29 -2.60 18.26 9.76
CA LYS E 29 -2.92 19.14 8.64
C LYS E 29 -1.74 19.27 7.68
N LYS E 30 -0.52 19.31 8.22
CA LYS E 30 0.66 19.43 7.37
C LYS E 30 0.94 18.12 6.63
N ASP E 31 0.72 16.98 7.27
CA ASP E 31 1.08 15.67 6.72
C ASP E 31 -0.08 14.70 6.95
N PRO E 32 -1.09 14.75 6.10
CA PRO E 32 -2.37 14.08 6.43
C PRO E 32 -2.35 12.56 6.39
N VAL E 33 -1.33 11.92 5.78
CA VAL E 33 -1.32 10.46 5.75
C VAL E 33 -0.09 9.90 6.46
N SER E 34 0.52 10.69 7.34
CA SER E 34 1.73 10.30 8.05
C SER E 34 1.45 9.47 9.30
N ARG E 35 0.20 9.41 9.74
CA ARG E 35 -0.19 8.63 10.92
C ARG E 35 -1.15 7.56 10.47
N ARG E 36 -0.77 6.29 10.62
CA ARG E 36 -1.58 5.18 10.14
C ARG E 36 -1.81 4.16 11.25
N PRO E 37 -2.42 4.59 12.37
CA PRO E 37 -2.69 3.65 13.46
C PRO E 37 -3.75 2.63 13.11
N LEU E 38 -4.56 2.89 12.07
CA LEU E 38 -5.62 1.98 11.68
C LEU E 38 -5.29 1.23 10.39
N GLN E 39 -4.02 1.23 9.97
CA GLN E 39 -3.59 0.41 8.83
C GLN E 39 -4.05 -1.03 8.97
N GLY E 40 -4.50 -1.59 7.86
CA GLY E 40 -4.99 -2.96 7.85
C GLY E 40 -5.88 -3.25 6.67
N PRO E 41 -7.07 -2.63 6.64
CA PRO E 41 -7.61 -1.63 7.58
C PRO E 41 -8.21 -2.23 8.84
N ARG E 42 -8.04 -1.52 9.95
CA ARG E 42 -8.87 -1.71 11.14
C ARG E 42 -10.15 -0.90 11.01
N GLY E 43 -11.20 -1.34 11.70
CA GLY E 43 -12.47 -0.65 11.63
C GLY E 43 -12.63 0.41 12.71
N VAL E 44 -13.44 1.41 12.40
CA VAL E 44 -13.99 2.36 13.37
C VAL E 44 -15.49 2.44 13.12
N ALA E 45 -16.29 2.22 14.15
CA ALA E 45 -17.73 2.36 14.02
C ALA E 45 -18.11 3.83 14.10
N VAL E 46 -18.99 4.27 13.20
CA VAL E 46 -19.49 5.65 13.16
C VAL E 46 -21.01 5.55 13.13
N ILE E 47 -21.65 5.78 14.28
CA ILE E 47 -23.06 5.45 14.48
C ILE E 47 -23.85 6.74 14.65
N PHE E 48 -24.98 6.85 13.94
CA PHE E 48 -25.83 8.03 13.95
C PHE E 48 -27.22 7.66 14.45
N ASP E 49 -27.57 8.11 15.65
CA ASP E 49 -28.97 8.03 16.06
C ASP E 49 -29.84 9.03 15.30
N LYS E 50 -29.23 10.12 14.83
CA LYS E 50 -29.83 11.09 13.93
C LYS E 50 -28.77 11.47 12.92
N ASN E 51 -29.12 11.45 11.64
CA ASN E 51 -28.10 11.60 10.60
C ASN E 51 -27.50 12.99 10.60
N SER E 52 -26.22 13.06 10.23
CA SER E 52 -25.54 14.34 10.04
C SER E 52 -24.53 14.13 8.92
N THR E 53 -24.86 14.62 7.73
CA THR E 53 -24.03 14.38 6.56
C THR E 53 -22.62 14.95 6.76
N ARG E 54 -22.51 16.15 7.33
CA ARG E 54 -21.20 16.78 7.49
C ARG E 54 -20.35 16.04 8.51
N THR E 55 -20.97 15.58 9.59
CA THR E 55 -20.24 14.75 10.55
C THR E 55 -19.75 13.46 9.91
N ARG E 56 -20.64 12.79 9.17
CA ARG E 56 -20.27 11.51 8.57
C ARG E 56 -19.12 11.68 7.59
N PHE E 57 -19.24 12.69 6.74
CA PHE E 57 -18.24 13.01 5.69
C PHE E 57 -16.85 13.20 6.31
N SER E 58 -16.75 14.12 7.27
CA SER E 58 -15.43 14.35 7.87
C SER E 58 -14.87 13.10 8.56
N PHE E 59 -15.71 12.33 9.26
CA PHE E 59 -15.18 11.14 9.92
C PHE E 59 -14.83 10.04 8.93
N GLU E 60 -15.62 9.82 7.89
CA GLU E 60 -15.32 8.71 6.94
C GLU E 60 -13.97 8.97 6.28
N LEU E 61 -13.76 10.20 5.82
CA LEU E 61 -12.51 10.54 5.11
C LEU E 61 -11.33 10.52 6.08
N GLY E 62 -11.55 11.03 7.28
CA GLY E 62 -10.48 11.05 8.27
C GLY E 62 -10.02 9.67 8.66
N ILE E 63 -10.98 8.81 8.95
CA ILE E 63 -10.62 7.43 9.31
C ILE E 63 -9.86 6.76 8.17
N ALA E 64 -10.29 6.98 6.93
CA ALA E 64 -9.59 6.38 5.80
C ALA E 64 -8.16 6.90 5.70
N GLN E 65 -7.96 8.18 6.02
CA GLN E 65 -6.62 8.75 5.95
C GLN E 65 -5.72 8.28 7.09
N LEU E 66 -6.30 7.72 8.15
CA LEU E 66 -5.53 7.03 9.18
C LEU E 66 -5.29 5.57 8.83
N GLY E 67 -5.68 5.16 7.62
CA GLY E 67 -5.52 3.79 7.17
C GLY E 67 -6.70 2.88 7.48
N GLY E 68 -7.75 3.37 8.13
CA GLY E 68 -8.83 2.50 8.57
C GLY E 68 -10.02 2.48 7.60
N HIS E 69 -11.07 1.79 8.04
CA HIS E 69 -12.31 1.74 7.30
C HIS E 69 -13.45 2.09 8.27
N ALA E 70 -14.16 3.17 7.98
CA ALA E 70 -15.30 3.56 8.80
C ALA E 70 -16.50 2.70 8.42
N VAL E 71 -17.07 2.02 9.41
CA VAL E 71 -18.34 1.33 9.24
C VAL E 71 -19.43 2.25 9.77
N VAL E 72 -20.23 2.77 8.85
CA VAL E 72 -21.22 3.80 9.15
C VAL E 72 -22.57 3.13 9.36
N VAL E 73 -23.26 3.51 10.45
CA VAL E 73 -24.61 3.05 10.75
C VAL E 73 -25.48 4.30 10.85
N ASP E 74 -26.45 4.45 9.94
CA ASP E 74 -27.28 5.64 9.94
C ASP E 74 -28.56 5.40 10.73
N SER E 75 -29.37 6.46 10.88
CA SER E 75 -30.56 6.37 11.73
C SER E 75 -31.63 5.48 11.13
N GLY E 76 -31.49 5.11 9.86
CA GLY E 76 -32.40 4.13 9.29
C GLY E 76 -32.27 2.77 9.93
N SER E 77 -31.07 2.43 10.41
CA SER E 77 -30.90 1.19 11.15
C SER E 77 -31.50 1.33 12.54
N THR E 78 -31.88 0.18 13.11
CA THR E 78 -32.55 0.17 14.40
C THR E 78 -31.69 0.88 15.45
N GLN E 79 -32.32 1.66 16.33
CA GLN E 79 -31.52 2.44 17.25
C GLN E 79 -30.80 1.51 18.22
N LEU E 80 -29.57 1.87 18.57
CA LEU E 80 -28.89 1.19 19.66
C LEU E 80 -29.74 1.25 20.92
N GLY E 81 -29.95 0.09 21.54
CA GLY E 81 -30.80 -0.05 22.70
C GLY E 81 -32.13 -0.72 22.43
N ARG E 82 -32.60 -0.80 21.19
CA ARG E 82 -33.93 -1.32 20.91
C ARG E 82 -33.96 -2.84 20.72
N ASP E 83 -33.21 -3.35 19.76
CA ASP E 83 -33.17 -4.78 19.48
C ASP E 83 -32.15 -5.53 20.33
N GLU E 84 -31.38 -4.82 21.15
CA GLU E 84 -30.26 -5.41 21.86
C GLU E 84 -29.86 -4.46 22.98
N THR E 85 -29.54 -5.01 24.15
CA THR E 85 -29.04 -4.17 25.23
C THR E 85 -27.82 -3.40 24.76
N LEU E 86 -27.71 -2.17 25.24
CA LEU E 86 -26.57 -1.33 24.86
C LEU E 86 -25.25 -1.99 25.26
N GLN E 87 -25.25 -2.77 26.34
CA GLN E 87 -24.01 -3.39 26.76
C GLN E 87 -23.64 -4.57 25.87
N ASP E 88 -24.61 -5.31 25.34
CA ASP E 88 -24.30 -6.36 24.37
C ASP E 88 -23.68 -5.75 23.12
N THR E 89 -24.18 -4.59 22.68
CA THR E 89 -23.63 -3.95 21.49
C THR E 89 -22.19 -3.50 21.71
N ALA E 90 -21.90 -2.89 22.85
CA ALA E 90 -20.55 -2.43 23.13
C ALA E 90 -19.57 -3.59 23.14
N LYS E 91 -20.03 -4.76 23.57
CA LYS E 91 -19.12 -5.89 23.73
C LYS E 91 -18.78 -6.50 22.37
N VAL E 92 -19.75 -6.56 21.45
CA VAL E 92 -19.44 -7.03 20.11
C VAL E 92 -18.64 -6.00 19.33
N LEU E 93 -19.02 -4.72 19.44
CA LEU E 93 -18.29 -3.69 18.71
C LEU E 93 -16.81 -3.71 19.07
N SER E 94 -16.50 -3.95 20.34
CA SER E 94 -15.12 -4.00 20.78
C SER E 94 -14.33 -5.12 20.12
N ARG E 95 -15.01 -6.10 19.53
CA ARG E 95 -14.34 -7.17 18.79
C ARG E 95 -14.09 -6.80 17.34
N TYR E 96 -14.84 -5.85 16.81
CA TYR E 96 -14.80 -5.52 15.39
C TYR E 96 -14.03 -4.24 15.10
N VAL E 97 -14.07 -3.26 15.98
CA VAL E 97 -13.50 -1.95 15.68
C VAL E 97 -12.57 -1.52 16.79
N ASP E 98 -11.70 -0.56 16.47
CA ASP E 98 -10.75 -0.02 17.42
C ASP E 98 -11.25 1.24 18.13
N ALA E 99 -12.40 1.77 17.71
CA ALA E 99 -13.00 2.92 18.38
C ALA E 99 -14.44 3.03 17.92
N ILE E 100 -15.25 3.73 18.71
CA ILE E 100 -16.67 3.95 18.42
C ILE E 100 -16.92 5.44 18.42
N VAL E 101 -17.37 5.96 17.27
CA VAL E 101 -17.80 7.34 17.12
C VAL E 101 -19.32 7.35 17.06
N TRP E 102 -19.96 8.13 17.94
CA TRP E 102 -21.40 8.04 18.12
C TRP E 102 -22.04 9.42 18.18
N ARG E 103 -23.03 9.66 17.32
CA ARG E 103 -23.90 10.83 17.41
C ARG E 103 -25.20 10.39 18.09
N THR E 104 -25.46 10.90 19.29
CA THR E 104 -26.70 10.53 19.96
C THR E 104 -27.28 11.76 20.66
N PHE E 105 -28.22 11.51 21.57
CA PHE E 105 -29.05 12.58 22.11
C PHE E 105 -28.59 12.85 23.51
N GLY E 106 -29.13 12.17 24.53
CA GLY E 106 -28.79 12.47 25.90
C GLY E 106 -27.42 11.95 26.28
N GLN E 107 -26.79 12.66 27.21
CA GLN E 107 -25.42 12.33 27.59
C GLN E 107 -25.33 11.00 28.32
N GLU E 108 -26.40 10.59 29.02
CA GLU E 108 -26.36 9.33 29.76
C GLU E 108 -26.12 8.14 28.83
N ARG E 109 -26.57 8.25 27.58
CA ARG E 109 -26.33 7.17 26.61
C ARG E 109 -24.84 7.03 26.31
N LEU E 110 -24.15 8.16 26.13
CA LEU E 110 -22.71 8.12 25.89
C LEU E 110 -21.96 7.57 27.09
N ASP E 111 -22.35 7.97 28.31
CA ASP E 111 -21.69 7.47 29.51
C ASP E 111 -21.85 5.96 29.62
N ALA E 112 -23.05 5.45 29.34
CA ALA E 112 -23.30 4.02 29.45
C ALA E 112 -22.41 3.24 28.48
N MET E 113 -22.36 3.69 27.22
CA MET E 113 -21.49 3.04 26.24
C MET E 113 -20.03 3.07 26.70
N ALA E 114 -19.57 4.22 27.17
CA ALA E 114 -18.16 4.36 27.55
C ALA E 114 -17.81 3.55 28.79
N SER E 115 -18.78 3.25 29.65
CA SER E 115 -18.47 2.51 30.87
C SER E 115 -18.23 1.03 30.61
N VAL E 116 -18.71 0.50 29.49
CA VAL E 116 -18.59 -0.91 29.21
C VAL E 116 -17.68 -1.18 28.02
N ALA E 117 -17.65 -0.29 27.02
CA ALA E 117 -16.82 -0.53 25.85
C ALA E 117 -15.35 -0.58 26.27
N THR E 118 -14.61 -1.51 25.65
CA THR E 118 -13.18 -1.62 25.88
C THR E 118 -12.38 -0.99 24.76
N VAL E 119 -12.99 -0.09 24.00
CA VAL E 119 -12.32 0.76 23.00
C VAL E 119 -12.77 2.19 23.23
N PRO E 120 -11.99 3.16 22.75
CA PRO E 120 -12.38 4.57 22.98
C PRO E 120 -13.71 4.89 22.32
N VAL E 121 -14.51 5.68 23.05
CA VAL E 121 -15.80 6.19 22.59
C VAL E 121 -15.66 7.68 22.39
N ILE E 122 -16.13 8.18 21.24
CA ILE E 122 -16.07 9.60 20.89
C ILE E 122 -17.48 10.12 20.66
N ASN E 123 -17.82 11.23 21.30
CA ASN E 123 -19.07 11.97 21.07
C ASN E 123 -18.94 12.77 19.78
N ALA E 124 -19.55 12.29 18.69
CA ALA E 124 -19.47 13.02 17.43
C ALA E 124 -20.23 14.34 17.48
N LEU E 125 -21.28 14.41 18.31
CA LEU E 125 -22.28 15.48 18.38
C LEU E 125 -23.39 14.94 19.27
N SER E 126 -23.79 15.69 20.30
CA SER E 126 -24.89 15.26 21.16
C SER E 126 -25.75 16.47 21.49
N ASP E 127 -26.83 16.22 22.24
CA ASP E 127 -27.68 17.34 22.66
C ASP E 127 -26.91 18.33 23.53
N GLU E 128 -26.05 17.83 24.42
CA GLU E 128 -25.42 18.70 25.41
C GLU E 128 -24.09 19.30 24.95
N PHE E 129 -23.31 18.58 24.14
CA PHE E 129 -21.95 18.99 23.83
C PHE E 129 -21.65 18.70 22.37
N HIS E 130 -20.72 19.48 21.79
CA HIS E 130 -20.23 19.30 20.39
C HIS E 130 -18.70 19.44 20.50
N PRO E 131 -17.98 18.53 21.20
CA PRO E 131 -16.59 18.80 21.54
C PRO E 131 -15.63 18.63 20.39
N CYS E 132 -15.97 17.83 19.36
CA CYS E 132 -15.07 17.74 18.22
C CYS E 132 -15.06 19.05 17.44
N GLN E 133 -16.21 19.69 17.30
CA GLN E 133 -16.22 20.95 16.60
C GLN E 133 -15.44 22.01 17.35
N VAL E 134 -15.47 21.97 18.68
CA VAL E 134 -14.72 22.99 19.40
C VAL E 134 -13.22 22.72 19.30
N LEU E 135 -12.80 21.45 19.18
CA LEU E 135 -11.39 21.22 18.88
C LEU E 135 -11.01 21.87 17.56
N ALA E 136 -11.87 21.72 16.54
CA ALA E 136 -11.61 22.36 15.25
C ALA E 136 -11.59 23.87 15.39
N ASP E 137 -12.47 24.41 16.25
CA ASP E 137 -12.45 25.86 16.47
C ASP E 137 -11.14 26.32 17.10
N LEU E 138 -10.67 25.58 18.11
CA LEU E 138 -9.42 25.95 18.77
C LEU E 138 -8.24 25.85 17.81
N GLN E 139 -8.22 24.81 16.96
CA GLN E 139 -7.17 24.73 15.95
C GLN E 139 -7.19 25.96 15.03
N THR E 140 -8.40 26.40 14.64
CA THR E 140 -8.54 27.54 13.74
C THR E 140 -8.08 28.83 14.40
N ILE E 141 -8.45 29.03 15.67
CA ILE E 141 -8.03 30.24 16.40
C ILE E 141 -6.51 30.26 16.52
N ALA E 142 -5.90 29.13 16.86
CA ALA E 142 -4.45 29.07 16.96
C ALA E 142 -3.78 29.42 15.64
N GLU E 143 -4.39 29.00 14.52
CA GLU E 143 -3.82 29.28 13.20
C GLU E 143 -3.83 30.77 12.90
N ARG E 144 -4.93 31.44 13.25
CA ARG E 144 -5.08 32.86 12.92
C ARG E 144 -4.43 33.76 13.94
N LYS E 145 -4.33 33.32 15.21
CA LYS E 145 -3.94 34.23 16.29
C LYS E 145 -2.79 33.78 17.17
N GLY E 146 -2.31 32.54 17.04
CA GLY E 146 -1.18 32.10 17.83
C GLY E 146 -1.61 31.57 19.18
N ALA E 147 -1.01 32.11 20.25
CA ALA E 147 -1.26 31.60 21.59
C ALA E 147 -2.72 31.77 21.98
N LEU E 148 -3.31 30.70 22.51
CA LEU E 148 -4.72 30.74 22.91
C LEU E 148 -4.91 31.34 24.30
N ARG E 149 -3.94 31.15 25.18
CA ARG E 149 -4.10 31.60 26.57
C ARG E 149 -4.29 33.11 26.61
N GLY E 150 -5.31 33.56 27.31
CA GLY E 150 -5.58 34.96 27.46
C GLY E 150 -6.50 35.58 26.44
N LEU E 151 -6.78 34.88 25.34
CA LEU E 151 -7.73 35.38 24.35
C LEU E 151 -9.12 35.52 24.96
N ARG E 152 -9.91 36.43 24.39
CA ARG E 152 -11.30 36.64 24.78
C ARG E 152 -12.22 36.16 23.67
N LEU E 153 -13.07 35.19 23.98
CA LEU E 153 -14.01 34.61 23.03
C LEU E 153 -15.43 34.84 23.52
N SER E 154 -16.30 35.30 22.62
CA SER E 154 -17.71 35.49 22.93
C SER E 154 -18.56 34.70 21.95
N TYR E 155 -19.52 33.95 22.49
CA TYR E 155 -20.49 33.19 21.73
C TYR E 155 -21.83 33.90 21.84
N PHE E 156 -22.56 33.99 20.73
CA PHE E 156 -23.84 34.72 20.68
C PHE E 156 -24.98 33.83 20.20
N GLY E 157 -26.14 33.98 20.85
CA GLY E 157 -27.34 33.36 20.31
C GLY E 157 -28.04 32.48 21.31
N ASP E 158 -28.20 31.21 20.96
CA ASP E 158 -28.80 30.22 21.85
C ASP E 158 -27.72 29.71 22.79
N GLY E 159 -27.68 30.27 24.00
CA GLY E 159 -26.64 29.88 24.92
C GLY E 159 -26.85 28.57 25.66
N ALA E 160 -27.94 27.86 25.37
CA ALA E 160 -28.23 26.60 26.02
C ALA E 160 -27.90 25.40 25.16
N ASN E 161 -27.32 25.61 23.98
CA ASN E 161 -27.13 24.51 23.05
C ASN E 161 -25.74 23.87 23.21
N ASN E 162 -25.47 22.86 22.38
CA ASN E 162 -24.25 22.07 22.53
C ASN E 162 -23.00 22.89 22.25
N MET E 163 -23.06 23.81 21.26
CA MET E 163 -21.90 24.66 21.00
C MET E 163 -21.59 25.61 22.16
N ALA E 164 -22.61 26.21 22.78
CA ALA E 164 -22.33 27.09 23.91
C ALA E 164 -21.63 26.32 25.03
N HIS E 165 -22.13 25.13 25.35
CA HIS E 165 -21.54 24.34 26.43
C HIS E 165 -20.10 23.95 26.12
N SER E 166 -19.83 23.55 24.87
CA SER E 166 -18.50 23.07 24.52
C SER E 166 -17.52 24.23 24.40
N LEU E 167 -17.96 25.38 23.89
CA LEU E 167 -17.08 26.54 23.88
C LEU E 167 -16.71 26.96 25.30
N LEU E 168 -17.65 26.86 26.25
CA LEU E 168 -17.32 27.11 27.65
C LEU E 168 -16.27 26.12 28.16
N LEU E 169 -16.53 24.82 28.03
CA LEU E 169 -15.62 23.84 28.59
C LEU E 169 -14.31 23.78 27.82
N GLY E 170 -14.39 23.68 26.49
CA GLY E 170 -13.17 23.59 25.69
C GLY E 170 -12.38 24.88 25.73
N GLY E 171 -13.09 26.01 25.74
CA GLY E 171 -12.40 27.29 25.75
C GLY E 171 -11.61 27.52 27.01
N VAL E 172 -12.24 27.29 28.19
CA VAL E 172 -11.47 27.55 29.40
C VAL E 172 -10.36 26.52 29.58
N THR E 173 -10.54 25.31 29.04
CA THR E 173 -9.45 24.34 29.08
C THR E 173 -8.21 24.85 28.35
N ALA E 174 -8.41 25.64 27.30
CA ALA E 174 -7.34 26.27 26.52
C ALA E 174 -6.85 27.59 27.11
N GLY E 175 -7.40 28.05 28.23
CA GLY E 175 -6.99 29.29 28.83
C GLY E 175 -7.68 30.52 28.27
N ILE E 176 -8.77 30.33 27.53
CA ILE E 176 -9.50 31.41 26.88
C ILE E 176 -10.61 31.91 27.81
N HIS E 177 -10.74 33.22 27.94
CA HIS E 177 -11.86 33.84 28.66
C HIS E 177 -13.10 33.77 27.79
N VAL E 178 -14.11 33.01 28.20
CA VAL E 178 -15.30 32.73 27.41
C VAL E 178 -16.46 33.53 27.96
N THR E 179 -17.19 34.20 27.06
CA THR E 179 -18.45 34.87 27.36
C THR E 179 -19.53 34.26 26.49
N VAL E 180 -20.69 33.99 27.09
CA VAL E 180 -21.88 33.55 26.38
C VAL E 180 -22.91 34.66 26.49
N ALA E 181 -23.40 35.14 25.35
CA ALA E 181 -24.40 36.20 25.31
C ALA E 181 -25.68 35.60 24.73
N ALA E 182 -26.76 35.63 25.51
CA ALA E 182 -27.97 34.92 25.12
C ALA E 182 -29.13 35.51 25.89
N PRO E 183 -30.37 35.35 25.40
CA PRO E 183 -31.53 35.79 26.18
C PRO E 183 -31.75 34.88 27.36
N GLU E 184 -32.39 35.41 28.40
CA GLU E 184 -32.69 34.56 29.53
C GLU E 184 -33.62 33.44 29.09
N GLY E 185 -33.51 32.30 29.73
CA GLY E 185 -34.27 31.19 29.21
C GLY E 185 -33.58 30.41 28.11
N PHE E 186 -32.48 30.92 27.55
CA PHE E 186 -31.60 30.14 26.69
C PHE E 186 -30.16 30.33 27.13
N LEU E 187 -29.92 30.14 28.43
CA LEU E 187 -28.60 30.30 29.03
C LEU E 187 -27.94 28.94 29.23
N PRO E 188 -26.62 28.92 29.43
CA PRO E 188 -25.94 27.65 29.66
C PRO E 188 -26.48 26.91 30.88
N ASP E 189 -26.48 25.59 30.78
CA ASP E 189 -26.86 24.76 31.91
C ASP E 189 -25.97 25.11 33.12
N PRO E 190 -26.56 25.35 34.29
CA PRO E 190 -25.75 25.75 35.44
C PRO E 190 -24.70 24.73 35.85
N SER E 191 -24.98 23.43 35.67
CA SER E 191 -23.98 22.41 35.98
C SER E 191 -22.78 22.50 35.04
N VAL E 192 -23.04 22.76 33.76
CA VAL E 192 -21.95 22.95 32.81
C VAL E 192 -21.18 24.23 33.14
N ARG E 193 -21.92 25.31 33.41
CA ARG E 193 -21.26 26.57 33.75
C ARG E 193 -20.35 26.41 34.95
N ALA E 194 -20.81 25.69 35.98
CA ALA E 194 -20.00 25.48 37.17
C ALA E 194 -18.76 24.65 36.85
N ALA E 195 -18.90 23.62 36.03
CA ALA E 195 -17.73 22.84 35.63
C ALA E 195 -16.72 23.68 34.87
N ALA E 196 -17.20 24.58 34.00
CA ALA E 196 -16.30 25.47 33.30
C ALA E 196 -15.63 26.43 34.26
N GLU E 197 -16.38 26.92 35.25
CA GLU E 197 -15.78 27.84 36.21
C GLU E 197 -14.65 27.15 36.99
N ARG E 198 -14.87 25.89 37.40
CA ARG E 198 -13.81 25.17 38.12
C ARG E 198 -12.59 24.94 37.24
N ARG E 199 -12.80 24.48 36.00
CA ARG E 199 -11.67 24.24 35.11
C ARG E 199 -10.92 25.54 34.85
N ALA E 200 -11.65 26.66 34.73
CA ALA E 200 -11.01 27.94 34.44
C ALA E 200 -10.07 28.39 35.55
N GLN E 201 -10.29 27.94 36.78
CA GLN E 201 -9.40 28.31 37.88
C GLN E 201 -8.00 27.74 37.69
N ASP E 202 -7.89 26.59 37.03
CA ASP E 202 -6.60 25.95 36.79
C ASP E 202 -5.83 26.57 35.63
N THR E 203 -6.50 27.27 34.72
CA THR E 203 -5.87 27.79 33.51
C THR E 203 -5.79 29.30 33.48
N GLY E 204 -6.30 29.98 34.51
CA GLY E 204 -6.34 31.43 34.49
C GLY E 204 -7.43 32.02 33.62
N ALA E 205 -8.35 31.19 33.14
CA ALA E 205 -9.42 31.64 32.26
C ALA E 205 -10.56 32.21 33.12
N SER E 206 -11.72 32.41 32.50
CA SER E 206 -12.89 32.93 33.21
C SER E 206 -14.12 32.58 32.39
N VAL E 207 -15.27 32.66 33.07
CA VAL E 207 -16.58 32.37 32.48
C VAL E 207 -17.48 33.55 32.76
N THR E 208 -18.16 34.06 31.72
CA THR E 208 -19.11 35.16 31.86
C THR E 208 -20.38 34.85 31.07
N VAL E 209 -21.54 35.05 31.68
CA VAL E 209 -22.83 34.86 31.01
C VAL E 209 -23.57 36.20 31.07
N THR E 210 -24.04 36.68 29.92
CA THR E 210 -24.69 37.99 29.85
C THR E 210 -25.85 37.96 28.85
N ALA E 211 -26.77 38.91 28.98
CA ALA E 211 -27.83 39.09 27.99
C ALA E 211 -27.62 40.35 27.16
N ASP E 212 -26.43 40.96 27.26
CA ASP E 212 -26.08 42.23 26.62
C ASP E 212 -25.07 41.91 25.51
N ALA E 213 -25.55 41.83 24.26
CA ALA E 213 -24.66 41.43 23.15
C ALA E 213 -23.56 42.46 22.93
N HIS E 214 -23.88 43.75 23.05
CA HIS E 214 -22.87 44.78 22.87
C HIS E 214 -21.75 44.65 23.89
N ALA E 215 -22.09 44.37 25.15
CA ALA E 215 -21.06 44.25 26.18
C ALA E 215 -20.22 42.99 25.97
N ALA E 216 -20.83 41.92 25.47
CA ALA E 216 -20.09 40.68 25.20
C ALA E 216 -19.13 40.85 24.03
N ALA E 217 -19.50 41.67 23.04
CA ALA E 217 -18.63 41.86 21.88
C ALA E 217 -17.44 42.77 22.17
N ALA E 218 -17.55 43.65 23.17
CA ALA E 218 -16.54 44.68 23.40
C ALA E 218 -15.16 44.07 23.61
N GLY E 219 -14.23 44.39 22.71
CA GLY E 219 -12.86 43.93 22.82
C GLY E 219 -12.64 42.45 22.59
N ALA E 220 -13.66 41.71 22.16
CA ALA E 220 -13.48 40.28 21.94
C ALA E 220 -12.45 40.01 20.83
N ASP E 221 -11.70 38.92 20.98
CA ASP E 221 -10.77 38.45 19.94
C ASP E 221 -11.43 37.45 18.98
N VAL E 222 -12.44 36.73 19.45
CA VAL E 222 -13.13 35.72 18.66
C VAL E 222 -14.63 35.87 18.94
N LEU E 223 -15.43 36.01 17.88
CA LEU E 223 -16.88 36.00 17.97
C LEU E 223 -17.42 34.74 17.31
N VAL E 224 -18.31 34.03 18.00
CA VAL E 224 -18.86 32.76 17.51
C VAL E 224 -20.39 32.83 17.58
N THR E 225 -21.04 32.21 16.60
CA THR E 225 -22.47 31.94 16.73
C THR E 225 -22.78 30.62 16.04
N ASP E 226 -24.07 30.27 16.04
CA ASP E 226 -24.58 29.00 15.54
C ASP E 226 -26.04 29.20 15.16
N THR E 227 -26.58 28.27 14.39
CA THR E 227 -28.00 28.36 14.08
C THR E 227 -28.81 28.47 15.35
N TRP E 228 -29.87 29.26 15.29
CA TRP E 228 -30.74 29.49 16.46
C TRP E 228 -31.67 28.33 16.71
N THR E 229 -32.11 27.68 15.64
CA THR E 229 -33.10 26.60 15.71
C THR E 229 -32.71 25.54 14.70
N LEU E 238 -45.15 32.50 16.04
CA LEU E 238 -44.71 32.44 14.64
C LEU E 238 -43.21 32.71 14.52
N ASP E 239 -42.76 33.91 14.88
CA ASP E 239 -41.32 34.19 14.87
C ASP E 239 -40.72 33.62 16.15
N ARG E 240 -40.53 32.29 16.13
CA ARG E 240 -40.04 31.61 17.32
C ARG E 240 -38.62 32.02 17.69
N VAL E 241 -37.84 32.55 16.74
CA VAL E 241 -36.43 32.86 17.01
C VAL E 241 -36.22 34.30 17.43
N LYS E 242 -37.31 35.08 17.49
CA LYS E 242 -37.22 36.52 17.84
C LYS E 242 -36.37 36.74 19.10
N PRO E 243 -36.36 35.88 20.15
CA PRO E 243 -35.49 36.11 21.32
C PRO E 243 -34.04 36.25 20.94
N PHE E 244 -33.59 35.62 19.84
CA PHE E 244 -32.19 35.62 19.47
C PHE E 244 -31.81 36.76 18.54
N ARG E 245 -32.77 37.42 17.90
CA ARG E 245 -32.42 38.36 16.84
C ARG E 245 -31.54 39.51 17.33
N PRO E 246 -31.69 40.06 18.54
CA PRO E 246 -30.74 41.06 19.02
C PRO E 246 -29.31 40.56 19.18
N PHE E 247 -29.10 39.25 19.14
CA PHE E 247 -27.79 38.64 19.30
C PHE E 247 -27.15 38.30 17.96
N GLN E 248 -27.74 38.76 16.87
CA GLN E 248 -27.23 38.49 15.54
C GLN E 248 -25.79 39.00 15.42
N LEU E 249 -24.95 38.17 14.79
CA LEU E 249 -23.54 38.52 14.68
C LEU E 249 -23.47 39.28 13.36
N ASN E 250 -23.53 40.61 13.44
CA ASN E 250 -23.57 41.49 12.26
C ASN E 250 -22.39 42.45 12.30
N SER E 251 -22.32 43.33 11.30
CA SER E 251 -21.16 44.22 11.17
C SER E 251 -21.02 45.15 12.37
N ARG E 252 -22.14 45.64 12.91
CA ARG E 252 -22.08 46.52 14.07
C ARG E 252 -21.46 45.80 15.27
N LEU E 253 -21.88 44.56 15.52
CA LEU E 253 -21.32 43.77 16.62
C LEU E 253 -19.83 43.53 16.42
N LEU E 254 -19.44 43.14 15.21
CA LEU E 254 -18.03 42.91 14.92
C LEU E 254 -17.19 44.17 15.14
N ALA E 255 -17.74 45.34 14.83
CA ALA E 255 -17.01 46.60 14.99
C ALA E 255 -16.71 46.94 16.45
N LEU E 256 -17.42 46.34 17.40
CA LEU E 256 -17.12 46.54 18.81
C LEU E 256 -16.02 45.63 19.35
N ALA E 257 -15.61 44.62 18.59
CA ALA E 257 -14.60 43.69 19.07
C ALA E 257 -13.20 44.26 18.81
N ASP E 258 -12.17 43.53 19.26
CA ASP E 258 -10.80 43.92 18.93
C ASP E 258 -10.59 44.01 17.41
N SER E 259 -9.65 44.87 17.02
CA SER E 259 -9.47 45.21 15.60
C SER E 259 -9.12 44.00 14.75
N ASP E 260 -8.43 43.02 15.31
CA ASP E 260 -8.08 41.83 14.55
C ASP E 260 -8.90 40.61 14.97
N ALA E 261 -10.13 40.83 15.42
CA ALA E 261 -10.99 39.72 15.82
C ALA E 261 -11.36 38.85 14.63
N ILE E 262 -11.64 37.58 14.90
CA ILE E 262 -12.10 36.66 13.87
C ILE E 262 -13.48 36.13 14.25
N VAL E 263 -14.15 35.54 13.26
CA VAL E 263 -15.53 35.07 13.39
C VAL E 263 -15.58 33.60 13.05
N LEU E 264 -16.23 32.82 13.93
CA LEU E 264 -16.46 31.40 13.72
C LEU E 264 -17.95 31.08 13.71
N HIS E 265 -18.28 30.00 13.00
CA HIS E 265 -19.65 29.53 12.85
C HIS E 265 -19.59 28.11 12.31
N CYS E 266 -20.04 27.13 13.06
CA CYS E 266 -20.02 25.78 12.52
C CYS E 266 -21.09 25.66 11.42
N LEU E 267 -20.75 25.01 10.39
CA LEU E 267 -21.71 25.13 9.29
C LEU E 267 -22.77 24.04 9.39
N PRO E 268 -23.98 24.26 8.83
CA PRO E 268 -24.39 25.33 7.91
C PRO E 268 -24.80 26.62 8.62
N ALA E 269 -24.72 27.75 7.91
CA ALA E 269 -25.16 29.04 8.42
C ALA E 269 -26.44 29.46 7.73
N HIS E 270 -27.33 30.12 8.47
CA HIS E 270 -28.56 30.70 7.92
C HIS E 270 -28.30 32.19 7.75
N ARG E 271 -27.75 32.57 6.60
CA ARG E 271 -27.38 33.96 6.37
C ARG E 271 -28.59 34.87 6.53
N GLY E 272 -28.40 35.99 7.25
CA GLY E 272 -29.48 36.90 7.55
C GLY E 272 -30.16 36.65 8.88
N ASP E 273 -29.99 35.46 9.45
CA ASP E 273 -30.49 35.20 10.79
C ASP E 273 -29.38 35.45 11.79
N GLU E 274 -28.68 34.38 12.22
CA GLU E 274 -27.68 34.55 13.27
C GLU E 274 -26.41 35.25 12.80
N ILE E 275 -26.17 35.32 11.49
CA ILE E 275 -24.97 35.94 10.95
C ILE E 275 -25.35 36.58 9.62
N THR E 276 -24.71 37.70 9.30
CA THR E 276 -25.01 38.40 8.07
C THR E 276 -23.98 38.05 6.98
N ASP E 277 -24.36 38.30 5.73
CA ASP E 277 -23.44 38.08 4.60
C ASP E 277 -22.15 38.85 4.78
N ALA E 278 -22.24 40.12 5.21
CA ALA E 278 -21.05 40.96 5.27
C ALA E 278 -20.02 40.37 6.24
N VAL E 279 -20.49 39.79 7.34
CA VAL E 279 -19.60 39.14 8.28
C VAL E 279 -19.11 37.81 7.75
N MET E 280 -20.01 37.00 7.19
CA MET E 280 -19.64 35.68 6.69
C MET E 280 -18.55 35.75 5.62
N ASP E 281 -18.60 36.79 4.78
CA ASP E 281 -17.74 36.89 3.62
C ASP E 281 -16.62 37.91 3.78
N GLY E 282 -16.54 38.58 4.93
CA GLY E 282 -15.50 39.56 5.15
C GLY E 282 -14.22 38.92 5.66
N PRO E 283 -13.22 39.77 5.87
CA PRO E 283 -11.88 39.26 6.21
C PRO E 283 -11.76 38.67 7.60
N ALA E 284 -12.67 39.01 8.52
CA ALA E 284 -12.65 38.43 9.86
C ALA E 284 -13.14 37.00 9.87
N SER E 285 -13.88 36.58 8.84
CA SER E 285 -14.48 35.25 8.85
C SER E 285 -13.41 34.18 8.76
N ALA E 286 -13.51 33.18 9.64
CA ALA E 286 -12.63 32.00 9.57
C ALA E 286 -13.42 30.72 9.35
N VAL E 287 -14.67 30.84 8.86
CA VAL E 287 -15.58 29.70 8.86
C VAL E 287 -15.14 28.64 7.86
N TRP E 288 -14.45 29.02 6.78
CA TRP E 288 -14.04 28.01 5.80
C TRP E 288 -12.87 27.18 6.32
N ASP E 289 -11.86 27.83 6.92
CA ASP E 289 -10.79 27.06 7.55
C ASP E 289 -11.36 26.21 8.68
N GLU E 290 -12.28 26.78 9.46
CA GLU E 290 -12.93 26.06 10.55
C GLU E 290 -13.58 24.78 10.07
N ALA E 291 -14.32 24.85 8.96
CA ALA E 291 -14.95 23.65 8.43
C ALA E 291 -13.91 22.61 8.02
N GLU E 292 -12.83 23.05 7.38
CA GLU E 292 -11.79 22.11 6.97
C GLU E 292 -11.12 21.46 8.18
N ASN E 293 -10.90 22.24 9.25
CA ASN E 293 -10.19 21.72 10.40
C ASN E 293 -10.96 20.66 11.18
N ARG E 294 -12.26 20.51 10.91
CA ARG E 294 -12.98 19.40 11.49
C ARG E 294 -12.30 18.09 11.13
N LEU E 295 -11.90 17.97 9.87
CA LEU E 295 -11.18 16.78 9.41
C LEU E 295 -9.93 16.54 10.25
N HIS E 296 -9.10 17.57 10.39
CA HIS E 296 -7.79 17.40 11.03
C HIS E 296 -7.91 17.19 12.53
N ALA E 297 -8.78 17.95 13.20
CA ALA E 297 -8.91 17.84 14.65
C ALA E 297 -9.52 16.49 15.04
N GLN E 298 -10.48 15.99 14.26
CA GLN E 298 -11.05 14.68 14.55
C GLN E 298 -10.02 13.57 14.34
N LYS E 299 -9.20 13.67 13.28
CA LYS E 299 -8.12 12.71 13.10
C LYS E 299 -7.15 12.76 14.28
N ALA E 300 -6.78 13.97 14.72
CA ALA E 300 -5.88 14.10 15.86
C ALA E 300 -6.45 13.44 17.10
N LEU E 301 -7.74 13.67 17.34
CA LEU E 301 -8.38 13.09 18.51
C LEU E 301 -8.33 11.57 18.46
N LEU E 302 -8.62 10.98 17.28
CA LEU E 302 -8.59 9.52 17.16
C LEU E 302 -7.20 8.96 17.38
N VAL E 303 -6.19 9.55 16.73
CA VAL E 303 -4.81 9.12 16.92
C VAL E 303 -4.44 9.15 18.39
N TRP E 304 -4.78 10.24 19.08
CA TRP E 304 -4.39 10.42 20.47
C TRP E 304 -5.08 9.40 21.38
N LEU E 305 -6.39 9.22 21.22
CA LEU E 305 -7.11 8.22 22.01
C LEU E 305 -6.59 6.82 21.74
N LEU E 306 -6.33 6.49 20.48
CA LEU E 306 -5.92 5.14 20.14
C LEU E 306 -4.59 4.79 20.79
N GLU E 307 -3.65 5.74 20.83
CA GLU E 307 -2.36 5.41 21.41
C GLU E 307 -2.40 5.39 22.93
N ARG E 308 -3.33 6.13 23.56
CA ARG E 308 -3.54 6.04 25.00
C ARG E 308 -4.37 4.84 25.42
N SER E 309 -4.94 4.09 24.48
CA SER E 309 -5.86 3.01 24.83
C SER E 309 -5.43 1.66 24.25
N SER F 2 -4.21 26.11 -14.66
CA SER F 2 -4.90 26.80 -13.59
C SER F 2 -6.38 26.94 -13.89
N VAL F 3 -6.75 26.74 -15.15
CA VAL F 3 -8.17 26.72 -15.53
C VAL F 3 -8.79 25.43 -15.04
N ILE F 4 -9.86 25.54 -14.25
CA ILE F 4 -10.55 24.37 -13.72
C ILE F 4 -11.53 23.87 -14.77
N ARG F 5 -11.38 22.62 -15.19
CA ARG F 5 -12.24 22.06 -16.23
C ARG F 5 -13.43 21.35 -15.61
N HIS F 6 -14.58 21.43 -16.29
CA HIS F 6 -15.79 20.73 -15.86
C HIS F 6 -16.29 19.86 -17.01
N PHE F 7 -17.16 18.92 -16.70
CA PHE F 7 -17.74 18.07 -17.75
C PHE F 7 -19.23 17.99 -17.43
N LEU F 8 -20.00 18.95 -17.95
CA LEU F 8 -21.42 19.01 -17.68
C LEU F 8 -22.26 18.53 -18.84
N ARG F 9 -21.69 18.51 -20.04
CA ARG F 9 -22.34 18.03 -21.25
C ARG F 9 -21.23 17.59 -22.20
N ASP F 10 -21.60 16.73 -23.14
CA ASP F 10 -20.61 16.05 -24.03
C ASP F 10 -19.65 16.97 -24.77
N ASP F 11 -20.17 18.08 -25.24
CA ASP F 11 -19.33 18.97 -26.03
C ASP F 11 -18.48 19.90 -25.16
N ASP F 12 -18.48 19.68 -23.83
CA ASP F 12 -17.50 20.35 -22.99
C ASP F 12 -16.08 19.90 -23.33
N LEU F 13 -15.94 18.74 -23.95
CA LEU F 13 -14.67 18.28 -24.50
C LEU F 13 -14.64 18.58 -26.00
N SER F 14 -13.51 19.11 -26.47
CA SER F 14 -13.29 19.24 -27.90
C SER F 14 -13.10 17.86 -28.52
N PRO F 15 -13.20 17.74 -29.85
CA PRO F 15 -12.90 16.45 -30.47
C PRO F 15 -11.56 15.86 -30.02
N ALA F 16 -10.50 16.69 -30.01
CA ALA F 16 -9.19 16.18 -29.60
C ALA F 16 -9.18 15.77 -28.14
N GLU F 17 -9.84 16.54 -27.27
CA GLU F 17 -9.88 16.19 -25.86
C GLU F 17 -10.68 14.91 -25.63
N GLN F 18 -11.79 14.78 -26.34
CA GLN F 18 -12.58 13.56 -26.20
C GLN F 18 -11.75 12.33 -26.58
N ALA F 19 -10.95 12.44 -27.64
CA ALA F 19 -10.11 11.32 -28.04
C ALA F 19 -9.09 10.97 -26.96
N GLU F 20 -8.52 11.99 -26.29
CA GLU F 20 -7.62 11.74 -25.17
C GLU F 20 -8.30 10.96 -24.07
N VAL F 21 -9.53 11.35 -23.72
CA VAL F 21 -10.25 10.67 -22.65
C VAL F 21 -10.57 9.25 -23.06
N LEU F 22 -10.95 9.03 -24.32
CA LEU F 22 -11.30 7.68 -24.74
C LEU F 22 -10.07 6.79 -24.81
N GLU F 23 -8.91 7.35 -25.15
CA GLU F 23 -7.69 6.54 -25.14
C GLU F 23 -7.30 6.17 -23.70
N LEU F 24 -7.44 7.13 -22.78
CA LEU F 24 -7.21 6.86 -21.36
C LEU F 24 -8.14 5.76 -20.85
N ALA F 25 -9.40 5.75 -21.31
CA ALA F 25 -10.34 4.72 -20.87
C ALA F 25 -9.88 3.33 -21.29
N ALA F 26 -9.37 3.21 -22.52
CA ALA F 26 -8.83 1.93 -22.96
C ALA F 26 -7.60 1.53 -22.15
N GLU F 27 -6.73 2.49 -21.83
CA GLU F 27 -5.56 2.17 -21.02
C GLU F 27 -5.97 1.71 -19.62
N LEU F 28 -6.98 2.36 -19.05
CA LEU F 28 -7.42 2.01 -17.69
C LEU F 28 -8.14 0.69 -17.65
N LYS F 29 -8.84 0.34 -18.73
CA LYS F 29 -9.44 -0.99 -18.80
C LYS F 29 -8.39 -2.08 -18.74
N LYS F 30 -7.24 -1.86 -19.40
CA LYS F 30 -6.15 -2.82 -19.37
C LYS F 30 -5.48 -2.88 -18.00
N ASP F 31 -5.27 -1.71 -17.36
CA ASP F 31 -4.50 -1.59 -16.13
C ASP F 31 -5.27 -0.72 -15.14
N PRO F 32 -6.26 -1.31 -14.45
CA PRO F 32 -7.26 -0.52 -13.70
C PRO F 32 -6.74 0.17 -12.45
N VAL F 33 -5.56 -0.18 -11.92
CA VAL F 33 -5.07 0.52 -10.74
C VAL F 33 -3.71 1.18 -11.02
N SER F 34 -3.38 1.40 -12.30
CA SER F 34 -2.12 2.04 -12.68
C SER F 34 -2.14 3.55 -12.54
N ARG F 35 -3.32 4.16 -12.38
CA ARG F 35 -3.43 5.61 -12.22
C ARG F 35 -3.96 5.92 -10.82
N ARG F 36 -3.16 6.63 -10.03
CA ARG F 36 -3.50 6.87 -8.63
C ARG F 36 -3.42 8.35 -8.29
N PRO F 37 -4.17 9.20 -9.01
CA PRO F 37 -4.17 10.64 -8.67
C PRO F 37 -4.83 10.95 -7.35
N LEU F 38 -5.62 10.03 -6.80
CA LEU F 38 -6.29 10.26 -5.53
C LEU F 38 -5.68 9.46 -4.39
N GLN F 39 -4.48 8.90 -4.57
CA GLN F 39 -3.75 8.21 -3.51
C GLN F 39 -3.73 9.00 -2.21
N GLY F 40 -4.02 8.32 -1.10
CA GLY F 40 -4.04 8.98 0.19
C GLY F 40 -4.78 8.19 1.25
N PRO F 41 -6.11 8.05 1.11
CA PRO F 41 -6.96 8.52 0.00
C PRO F 41 -7.30 10.02 0.06
N ARG F 42 -7.40 10.63 -1.11
CA ARG F 42 -8.07 11.91 -1.25
C ARG F 42 -9.55 11.66 -1.51
N GLY F 43 -10.37 12.64 -1.18
CA GLY F 43 -11.81 12.49 -1.34
C GLY F 43 -12.32 12.91 -2.71
N VAL F 44 -13.43 12.30 -3.13
CA VAL F 44 -14.26 12.80 -4.24
C VAL F 44 -15.71 12.77 -3.76
N ALA F 45 -16.43 13.87 -3.93
CA ALA F 45 -17.83 13.92 -3.54
C ALA F 45 -18.71 13.35 -4.64
N VAL F 46 -19.64 12.48 -4.28
CA VAL F 46 -20.58 11.91 -5.24
C VAL F 46 -21.97 12.18 -4.68
N ILE F 47 -22.69 13.13 -5.28
CA ILE F 47 -23.89 13.71 -4.68
C ILE F 47 -25.10 13.42 -5.57
N PHE F 48 -26.18 12.94 -4.96
CA PHE F 48 -27.40 12.58 -5.70
C PHE F 48 -28.59 13.41 -5.21
N ASP F 49 -29.08 14.31 -6.07
CA ASP F 49 -30.37 14.92 -5.81
C ASP F 49 -31.50 13.93 -6.05
N LYS F 50 -31.25 12.93 -6.89
CA LYS F 50 -32.13 11.81 -7.14
C LYS F 50 -31.25 10.58 -7.20
N ASN F 51 -31.60 9.54 -6.47
CA ASN F 51 -30.71 8.39 -6.38
C ASN F 51 -30.58 7.68 -7.73
N SER F 52 -29.40 7.10 -7.97
CA SER F 52 -29.16 6.25 -9.13
C SER F 52 -28.15 5.20 -8.70
N THR F 53 -28.61 3.97 -8.45
CA THR F 53 -27.73 2.97 -7.87
C THR F 53 -26.60 2.61 -8.82
N ARG F 54 -26.89 2.54 -10.12
CA ARG F 54 -25.85 2.17 -11.07
C ARG F 54 -24.80 3.25 -11.21
N THR F 55 -25.20 4.51 -11.21
CA THR F 55 -24.23 5.60 -11.24
C THR F 55 -23.37 5.61 -10.00
N ARG F 56 -23.98 5.43 -8.83
CA ARG F 56 -23.22 5.44 -7.59
C ARG F 56 -22.23 4.28 -7.54
N PHE F 57 -22.70 3.09 -7.94
CA PHE F 57 -21.86 1.90 -8.00
C PHE F 57 -20.58 2.12 -8.79
N SER F 58 -20.71 2.52 -10.06
CA SER F 58 -19.54 2.65 -10.91
C SER F 58 -18.61 3.76 -10.44
N PHE F 59 -19.16 4.88 -9.95
CA PHE F 59 -18.28 5.95 -9.51
C PHE F 59 -17.55 5.58 -8.21
N GLU F 60 -18.27 4.95 -7.27
CA GLU F 60 -17.65 4.59 -6.00
C GLU F 60 -16.49 3.63 -6.21
N LEU F 61 -16.69 2.58 -6.99
CA LEU F 61 -15.60 1.64 -7.23
C LEU F 61 -14.50 2.28 -8.05
N GLY F 62 -14.87 3.10 -9.04
CA GLY F 62 -13.85 3.74 -9.87
C GLY F 62 -12.96 4.68 -9.09
N ILE F 63 -13.55 5.51 -8.22
CA ILE F 63 -12.78 6.40 -7.36
C ILE F 63 -11.84 5.59 -6.47
N ALA F 64 -12.34 4.46 -5.94
CA ALA F 64 -11.50 3.62 -5.09
C ALA F 64 -10.29 3.11 -5.85
N GLN F 65 -10.48 2.77 -7.15
CA GLN F 65 -9.37 2.22 -7.93
C GLN F 65 -8.38 3.30 -8.36
N LEU F 66 -8.77 4.57 -8.28
CA LEU F 66 -7.81 5.66 -8.43
C LEU F 66 -7.08 5.99 -7.13
N GLY F 67 -7.26 5.20 -6.09
CA GLY F 67 -6.67 5.47 -4.80
C GLY F 67 -7.52 6.27 -3.83
N GLY F 68 -8.68 6.77 -4.27
CA GLY F 68 -9.42 7.73 -3.47
C GLY F 68 -10.52 7.08 -2.64
N HIS F 69 -11.28 7.95 -1.97
CA HIS F 69 -12.43 7.52 -1.18
C HIS F 69 -13.62 8.37 -1.60
N ALA F 70 -14.65 7.73 -2.14
CA ALA F 70 -15.86 8.45 -2.52
C ALA F 70 -16.67 8.75 -1.28
N VAL F 71 -17.02 10.01 -1.10
CA VAL F 71 -18.02 10.39 -0.11
C VAL F 71 -19.34 10.59 -0.81
N VAL F 72 -20.28 9.69 -0.54
CA VAL F 72 -21.53 9.62 -1.26
C VAL F 72 -22.61 10.27 -0.41
N VAL F 73 -23.36 11.18 -1.02
CA VAL F 73 -24.50 11.85 -0.39
C VAL F 73 -25.73 11.59 -1.25
N ASP F 74 -26.74 10.91 -0.71
CA ASP F 74 -27.87 10.55 -1.54
C ASP F 74 -29.10 11.39 -1.19
N SER F 75 -30.23 11.05 -1.80
CA SER F 75 -31.43 11.87 -1.76
C SER F 75 -32.18 11.78 -0.44
N GLY F 76 -31.78 10.87 0.46
CA GLY F 76 -32.32 10.90 1.81
C GLY F 76 -31.85 12.14 2.56
N SER F 77 -30.60 12.54 2.35
CA SER F 77 -30.11 13.80 2.87
C SER F 77 -30.78 14.96 2.16
N THR F 78 -30.82 16.11 2.84
CA THR F 78 -31.47 17.29 2.28
C THR F 78 -30.83 17.68 0.96
N GLN F 79 -31.68 18.05 0.00
CA GLN F 79 -31.21 18.50 -1.31
C GLN F 79 -30.27 19.68 -1.19
N LEU F 80 -29.20 19.68 -1.99
CA LEU F 80 -28.29 20.83 -1.99
C LEU F 80 -29.05 22.09 -2.39
N GLY F 81 -28.70 23.20 -1.73
CA GLY F 81 -29.43 24.43 -1.85
C GLY F 81 -30.48 24.65 -0.78
N ARG F 82 -30.86 23.61 -0.05
CA ARG F 82 -31.93 23.74 0.96
C ARG F 82 -31.39 24.34 2.26
N ASP F 83 -30.59 23.55 3.00
CA ASP F 83 -30.06 24.00 4.28
C ASP F 83 -28.89 24.97 4.15
N GLU F 84 -28.43 25.23 2.93
CA GLU F 84 -27.19 25.97 2.72
C GLU F 84 -27.16 26.46 1.28
N THR F 85 -26.65 27.67 1.07
CA THR F 85 -26.54 28.16 -0.30
C THR F 85 -25.62 27.27 -1.10
N LEU F 86 -25.92 27.13 -2.39
CA LEU F 86 -25.09 26.29 -3.25
C LEU F 86 -23.64 26.75 -3.25
N GLN F 87 -23.44 28.07 -3.19
CA GLN F 87 -22.08 28.62 -3.20
C GLN F 87 -21.33 28.28 -1.91
N ASP F 88 -22.01 28.33 -0.76
CA ASP F 88 -21.35 27.91 0.48
C ASP F 88 -20.93 26.44 0.39
N THR F 89 -21.81 25.60 -0.17
CA THR F 89 -21.49 24.16 -0.29
C THR F 89 -20.32 23.95 -1.24
N ALA F 90 -20.33 24.63 -2.39
CA ALA F 90 -19.21 24.51 -3.32
C ALA F 90 -17.90 24.92 -2.65
N LYS F 91 -17.94 25.97 -1.82
CA LYS F 91 -16.72 26.47 -1.20
C LYS F 91 -16.16 25.49 -0.19
N VAL F 92 -17.02 24.86 0.61
CA VAL F 92 -16.53 23.91 1.59
C VAL F 92 -16.09 22.61 0.93
N LEU F 93 -16.83 22.17 -0.10
CA LEU F 93 -16.46 20.90 -0.74
C LEU F 93 -15.04 20.98 -1.32
N SER F 94 -14.69 22.13 -1.89
CA SER F 94 -13.35 22.30 -2.46
C SER F 94 -12.25 22.11 -1.42
N ARG F 95 -12.58 22.23 -0.12
CA ARG F 95 -11.63 21.99 0.95
C ARG F 95 -11.46 20.52 1.28
N TYR F 96 -12.51 19.71 1.04
CA TYR F 96 -12.51 18.31 1.42
C TYR F 96 -12.21 17.36 0.28
N VAL F 97 -12.54 17.71 -0.95
CA VAL F 97 -12.49 16.75 -2.03
C VAL F 97 -11.79 17.37 -3.23
N ASP F 98 -11.35 16.50 -4.13
CA ASP F 98 -10.61 16.91 -5.32
C ASP F 98 -11.49 17.04 -6.55
N ALA F 99 -12.73 16.56 -6.48
CA ALA F 99 -13.68 16.71 -7.57
C ALA F 99 -15.08 16.48 -7.02
N ILE F 100 -16.08 16.95 -7.76
CA ILE F 100 -17.47 16.86 -7.33
C ILE F 100 -18.23 16.19 -8.47
N VAL F 101 -18.82 15.03 -8.19
CA VAL F 101 -19.64 14.29 -9.13
C VAL F 101 -21.08 14.46 -8.68
N TRP F 102 -21.95 14.96 -9.55
CA TRP F 102 -23.28 15.39 -9.13
C TRP F 102 -24.33 14.88 -10.09
N ARG F 103 -25.35 14.21 -9.57
CA ARG F 103 -26.55 13.86 -10.32
C ARG F 103 -27.65 14.82 -9.90
N THR F 104 -28.04 15.72 -10.79
CA THR F 104 -29.09 16.68 -10.45
C THR F 104 -30.07 16.78 -11.62
N PHE F 105 -30.94 17.78 -11.58
CA PHE F 105 -32.06 17.80 -12.51
C PHE F 105 -31.77 18.78 -13.64
N GLY F 106 -31.99 20.06 -13.38
CA GLY F 106 -31.81 21.06 -14.41
C GLY F 106 -30.37 21.43 -14.61
N GLN F 107 -30.05 21.82 -15.85
CA GLN F 107 -28.68 22.14 -16.20
C GLN F 107 -28.20 23.44 -15.55
N GLU F 108 -29.12 24.31 -15.13
CA GLU F 108 -28.70 25.56 -14.49
C GLU F 108 -28.03 25.30 -13.15
N ARG F 109 -28.43 24.24 -12.44
CA ARG F 109 -27.79 23.90 -11.18
C ARG F 109 -26.34 23.46 -11.38
N LEU F 110 -26.09 22.61 -12.38
CA LEU F 110 -24.73 22.20 -12.69
C LEU F 110 -23.87 23.41 -13.06
N ASP F 111 -24.40 24.30 -13.92
CA ASP F 111 -23.67 25.49 -14.32
C ASP F 111 -23.34 26.37 -13.12
N ALA F 112 -24.29 26.55 -12.21
CA ALA F 112 -24.04 27.36 -11.02
C ALA F 112 -22.92 26.77 -10.18
N MET F 113 -22.94 25.46 -9.97
CA MET F 113 -21.92 24.80 -9.16
C MET F 113 -20.55 24.92 -9.82
N ALA F 114 -20.49 24.71 -11.15
CA ALA F 114 -19.20 24.77 -11.83
C ALA F 114 -18.63 26.20 -11.86
N SER F 115 -19.49 27.20 -11.85
CA SER F 115 -19.02 28.58 -11.92
C SER F 115 -18.32 29.03 -10.64
N VAL F 116 -18.51 28.31 -9.53
CA VAL F 116 -18.00 28.72 -8.23
C VAL F 116 -16.96 27.75 -7.70
N ALA F 117 -17.13 26.46 -7.96
CA ALA F 117 -16.24 25.46 -7.39
C ALA F 117 -14.84 25.60 -7.95
N THR F 118 -13.84 25.32 -7.10
CA THR F 118 -12.45 25.38 -7.52
C THR F 118 -11.87 23.98 -7.73
N VAL F 119 -12.73 23.00 -7.93
CA VAL F 119 -12.35 21.64 -8.33
C VAL F 119 -13.27 21.25 -9.48
N PRO F 120 -12.88 20.26 -10.29
CA PRO F 120 -13.73 19.83 -11.40
C PRO F 120 -15.10 19.35 -10.94
N VAL F 121 -16.13 19.73 -11.71
CA VAL F 121 -17.50 19.28 -11.51
C VAL F 121 -17.88 18.39 -12.69
N ILE F 122 -18.47 17.23 -12.40
CA ILE F 122 -18.87 16.24 -13.39
C ILE F 122 -20.36 16.01 -13.29
N ASN F 123 -21.06 16.08 -14.42
CA ASN F 123 -22.47 15.71 -14.51
C ASN F 123 -22.56 14.18 -14.57
N ALA F 124 -22.94 13.57 -13.44
CA ALA F 124 -23.06 12.11 -13.41
C ALA F 124 -24.18 11.62 -14.31
N LEU F 125 -25.26 12.40 -14.38
CA LEU F 125 -26.51 12.10 -15.07
C LEU F 125 -27.41 13.30 -14.78
N SER F 126 -28.12 13.84 -15.78
CA SER F 126 -29.05 14.94 -15.52
C SER F 126 -30.27 14.77 -16.41
N ASP F 127 -31.23 15.68 -16.26
CA ASP F 127 -32.43 15.57 -17.08
C ASP F 127 -32.11 15.76 -18.55
N GLU F 128 -31.12 16.60 -18.87
CA GLU F 128 -30.89 16.95 -20.27
C GLU F 128 -29.80 16.12 -20.93
N PHE F 129 -28.81 15.67 -20.17
CA PHE F 129 -27.64 15.01 -20.75
C PHE F 129 -27.26 13.80 -19.91
N HIS F 130 -26.57 12.85 -20.54
CA HIS F 130 -26.00 11.71 -19.84
C HIS F 130 -24.63 11.47 -20.46
N PRO F 131 -23.71 12.42 -20.25
CA PRO F 131 -22.46 12.42 -21.03
C PRO F 131 -21.47 11.35 -20.60
N CYS F 132 -21.51 10.90 -19.34
CA CYS F 132 -20.62 9.81 -18.95
C CYS F 132 -21.03 8.50 -19.62
N GLN F 133 -22.33 8.24 -19.74
CA GLN F 133 -22.74 7.02 -20.43
C GLN F 133 -22.33 7.06 -21.89
N VAL F 134 -22.37 8.24 -22.52
CA VAL F 134 -21.98 8.25 -23.93
C VAL F 134 -20.47 8.07 -24.10
N LEU F 135 -19.65 8.54 -23.15
CA LEU F 135 -18.23 8.17 -23.18
C LEU F 135 -18.07 6.65 -23.13
N ALA F 136 -18.84 5.98 -22.27
CA ALA F 136 -18.76 4.52 -22.22
C ALA F 136 -19.23 3.90 -23.53
N ASP F 137 -20.29 4.46 -24.15
CA ASP F 137 -20.74 3.97 -25.45
C ASP F 137 -19.67 4.11 -26.50
N LEU F 138 -19.02 5.26 -26.56
CA LEU F 138 -17.95 5.46 -27.54
C LEU F 138 -16.80 4.48 -27.32
N GLN F 139 -16.41 4.27 -26.07
CA GLN F 139 -15.37 3.28 -25.79
C GLN F 139 -15.78 1.91 -26.29
N THR F 140 -17.05 1.56 -26.13
CA THR F 140 -17.55 0.24 -26.53
C THR F 140 -17.56 0.09 -28.06
N ILE F 141 -18.03 1.13 -28.74
CA ILE F 141 -18.04 1.12 -30.21
C ILE F 141 -16.62 0.96 -30.75
N ALA F 142 -15.67 1.71 -30.18
CA ALA F 142 -14.30 1.65 -30.65
C ALA F 142 -13.70 0.26 -30.46
N GLU F 143 -14.01 -0.42 -29.36
CA GLU F 143 -13.43 -1.75 -29.19
C GLU F 143 -14.09 -2.78 -30.09
N ARG F 144 -15.35 -2.58 -30.50
CA ARG F 144 -15.98 -3.51 -31.45
C ARG F 144 -15.72 -3.12 -32.90
N LYS F 145 -15.58 -1.82 -33.20
CA LYS F 145 -15.55 -1.35 -34.59
C LYS F 145 -14.22 -0.74 -35.04
N GLY F 146 -13.39 -0.26 -34.12
CA GLY F 146 -12.17 0.43 -34.49
C GLY F 146 -12.37 1.94 -34.49
N ALA F 147 -11.97 2.59 -35.58
CA ALA F 147 -12.06 4.05 -35.65
C ALA F 147 -13.52 4.50 -35.65
N LEU F 148 -13.79 5.59 -34.90
CA LEU F 148 -15.15 6.08 -34.77
C LEU F 148 -15.54 7.00 -35.91
N ARG F 149 -14.56 7.71 -36.49
CA ARG F 149 -14.87 8.70 -37.50
C ARG F 149 -15.55 8.05 -38.71
N GLY F 150 -16.72 8.57 -39.07
CA GLY F 150 -17.43 8.08 -40.22
C GLY F 150 -18.42 6.96 -39.95
N LEU F 151 -18.46 6.42 -38.74
CA LEU F 151 -19.47 5.43 -38.45
C LEU F 151 -20.86 6.07 -38.50
N ARG F 152 -21.87 5.24 -38.72
CA ARG F 152 -23.26 5.68 -38.71
C ARG F 152 -23.97 5.05 -37.51
N LEU F 153 -24.51 5.89 -36.65
CA LEU F 153 -25.19 5.50 -35.43
C LEU F 153 -26.61 6.02 -35.48
N SER F 154 -27.59 5.15 -35.17
CA SER F 154 -28.98 5.57 -35.06
C SER F 154 -29.52 5.23 -33.68
N TYR F 155 -30.16 6.21 -33.06
CA TYR F 155 -30.87 6.05 -31.79
C TYR F 155 -32.36 6.01 -32.04
N PHE F 156 -33.07 5.10 -31.36
CA PHE F 156 -34.49 4.87 -31.58
C PHE F 156 -35.27 5.08 -30.30
N GLY F 157 -36.44 5.70 -30.43
CA GLY F 157 -37.38 5.73 -29.33
C GLY F 157 -37.72 7.14 -28.88
N ASP F 158 -37.46 7.44 -27.61
CA ASP F 158 -37.76 8.76 -27.05
C ASP F 158 -36.58 9.67 -27.38
N GLY F 159 -36.73 10.46 -28.45
CA GLY F 159 -35.62 11.27 -28.88
C GLY F 159 -35.44 12.56 -28.13
N ALA F 160 -36.25 12.79 -27.09
CA ALA F 160 -36.13 13.99 -26.30
C ALA F 160 -35.40 13.77 -24.98
N ASN F 161 -34.89 12.57 -24.72
CA ASN F 161 -34.33 12.32 -23.40
C ASN F 161 -32.82 12.55 -23.37
N ASN F 162 -32.24 12.33 -22.19
CA ASN F 162 -30.85 12.71 -22.00
C ASN F 162 -29.91 11.91 -22.88
N MET F 163 -30.25 10.64 -23.15
CA MET F 163 -29.37 9.82 -23.97
C MET F 163 -29.38 10.28 -25.41
N ALA F 164 -30.56 10.64 -25.94
CA ALA F 164 -30.62 11.13 -27.31
C ALA F 164 -29.79 12.40 -27.47
N HIS F 165 -29.90 13.32 -26.50
CA HIS F 165 -29.13 14.56 -26.55
C HIS F 165 -27.64 14.30 -26.48
N SER F 166 -27.22 13.40 -25.59
CA SER F 166 -25.78 13.16 -25.45
C SER F 166 -25.24 12.34 -26.62
N LEU F 167 -26.03 11.43 -27.18
CA LEU F 167 -25.55 10.71 -28.36
C LEU F 167 -25.34 11.68 -29.51
N LEU F 168 -26.21 12.68 -29.65
CA LEU F 168 -26.01 13.70 -30.69
C LEU F 168 -24.70 14.45 -30.46
N LEU F 169 -24.51 15.02 -29.27
CA LEU F 169 -23.36 15.87 -29.01
C LEU F 169 -22.08 15.04 -28.93
N GLY F 170 -22.11 13.95 -28.19
CA GLY F 170 -20.91 13.13 -28.05
C GLY F 170 -20.58 12.40 -29.33
N GLY F 171 -21.60 11.94 -30.05
CA GLY F 171 -21.34 11.24 -31.31
C GLY F 171 -20.71 12.14 -32.36
N VAL F 172 -21.28 13.32 -32.58
CA VAL F 172 -20.69 14.15 -33.63
C VAL F 172 -19.31 14.65 -33.19
N THR F 173 -19.08 14.75 -31.88
CA THR F 173 -17.74 15.13 -31.42
C THR F 173 -16.71 14.08 -31.80
N ALA F 174 -17.11 12.81 -31.86
CA ALA F 174 -16.24 11.72 -32.27
C ALA F 174 -16.23 11.50 -33.77
N GLY F 175 -16.94 12.32 -34.55
CA GLY F 175 -16.99 12.18 -35.99
C GLY F 175 -18.00 11.19 -36.51
N ILE F 176 -18.95 10.77 -35.66
CA ILE F 176 -19.99 9.82 -36.01
C ILE F 176 -21.19 10.56 -36.61
N HIS F 177 -21.75 10.01 -37.69
CA HIS F 177 -23.00 10.51 -38.25
C HIS F 177 -24.15 9.99 -37.40
N VAL F 178 -24.86 10.89 -36.70
CA VAL F 178 -25.88 10.50 -35.74
C VAL F 178 -27.27 10.74 -36.33
N THR F 179 -28.14 9.74 -36.23
CA THR F 179 -29.54 9.84 -36.59
C THR F 179 -30.37 9.57 -35.33
N VAL F 180 -31.39 10.40 -35.10
CA VAL F 180 -32.37 10.16 -34.05
C VAL F 180 -33.70 9.86 -34.75
N ALA F 181 -34.26 8.68 -34.48
CA ALA F 181 -35.55 8.27 -35.02
C ALA F 181 -36.55 8.24 -33.87
N ALA F 182 -37.57 9.10 -33.94
CA ALA F 182 -38.51 9.27 -32.84
C ALA F 182 -39.82 9.81 -33.37
N PRO F 183 -40.93 9.55 -32.70
CA PRO F 183 -42.20 10.16 -33.12
C PRO F 183 -42.18 11.67 -32.83
N GLU F 184 -43.05 12.41 -33.56
CA GLU F 184 -42.88 13.87 -33.61
C GLU F 184 -43.07 14.56 -32.26
N GLY F 185 -43.81 13.96 -31.32
CA GLY F 185 -43.88 14.60 -30.01
C GLY F 185 -42.67 14.43 -29.12
N PHE F 186 -41.64 13.73 -29.57
CA PHE F 186 -40.52 13.32 -28.72
C PHE F 186 -39.20 13.48 -29.46
N LEU F 187 -38.96 14.67 -29.98
CA LEU F 187 -37.78 14.94 -30.79
C LEU F 187 -36.73 15.66 -29.97
N PRO F 188 -35.47 15.64 -30.42
CA PRO F 188 -34.42 16.35 -29.67
C PRO F 188 -34.75 17.82 -29.50
N ASP F 189 -34.31 18.35 -28.37
CA ASP F 189 -34.45 19.78 -28.13
C ASP F 189 -33.75 20.57 -29.23
N PRO F 190 -34.41 21.53 -29.86
CA PRO F 190 -33.80 22.22 -31.01
C PRO F 190 -32.47 22.92 -30.70
N SER F 191 -32.29 23.45 -29.49
CA SER F 191 -31.00 24.09 -29.20
C SER F 191 -29.89 23.06 -29.06
N VAL F 192 -30.20 21.86 -28.55
CA VAL F 192 -29.19 20.80 -28.53
C VAL F 192 -28.92 20.31 -29.95
N ARG F 193 -29.97 20.13 -30.76
CA ARG F 193 -29.74 19.69 -32.13
C ARG F 193 -28.85 20.67 -32.89
N ALA F 194 -29.08 21.97 -32.69
CA ALA F 194 -28.28 22.99 -33.38
C ALA F 194 -26.83 22.96 -32.91
N ALA F 195 -26.61 22.75 -31.60
CA ALA F 195 -25.24 22.66 -31.10
C ALA F 195 -24.51 21.45 -31.70
N ALA F 196 -25.23 20.35 -31.88
CA ALA F 196 -24.64 19.16 -32.49
C ALA F 196 -24.36 19.40 -33.97
N GLU F 197 -25.26 20.11 -34.66
CA GLU F 197 -25.03 20.44 -36.07
C GLU F 197 -23.76 21.28 -36.22
N ARG F 198 -23.57 22.28 -35.34
CA ARG F 198 -22.36 23.11 -35.45
C ARG F 198 -21.10 22.29 -35.17
N ARG F 199 -21.14 21.45 -34.14
CA ARG F 199 -19.95 20.65 -33.82
C ARG F 199 -19.63 19.68 -34.96
N ALA F 200 -20.68 19.11 -35.57
CA ALA F 200 -20.47 18.18 -36.68
C ALA F 200 -19.74 18.82 -37.85
N GLN F 201 -19.86 20.14 -38.02
CA GLN F 201 -19.13 20.81 -39.09
C GLN F 201 -17.62 20.72 -38.89
N ASP F 202 -17.16 20.60 -37.64
CA ASP F 202 -15.73 20.53 -37.37
C ASP F 202 -15.16 19.13 -37.54
N THR F 203 -15.99 18.09 -37.50
CA THR F 203 -15.52 16.72 -37.47
C THR F 203 -15.92 15.91 -38.69
N GLY F 204 -16.57 16.52 -39.68
CA GLY F 204 -17.07 15.78 -40.83
C GLY F 204 -18.29 14.94 -40.56
N ALA F 205 -18.91 15.08 -39.40
CA ALA F 205 -20.08 14.29 -39.02
C ALA F 205 -21.34 14.95 -39.56
N SER F 206 -22.51 14.47 -39.12
CA SER F 206 -23.80 15.00 -39.55
C SER F 206 -24.84 14.65 -38.50
N VAL F 207 -25.97 15.36 -38.56
CA VAL F 207 -27.10 15.16 -37.66
C VAL F 207 -28.34 14.93 -38.50
N THR F 208 -29.10 13.88 -38.19
CA THR F 208 -30.37 13.60 -38.86
C THR F 208 -31.43 13.29 -37.83
N VAL F 209 -32.58 13.94 -37.95
CA VAL F 209 -33.75 13.65 -37.12
C VAL F 209 -34.87 13.17 -38.04
N THR F 210 -35.41 11.99 -37.75
CA THR F 210 -36.43 11.41 -38.60
C THR F 210 -37.49 10.71 -37.74
N ALA F 211 -38.66 10.50 -38.33
CA ALA F 211 -39.69 9.68 -37.70
C ALA F 211 -39.83 8.33 -38.38
N ASP F 212 -38.90 7.97 -39.27
CA ASP F 212 -38.97 6.74 -40.08
C ASP F 212 -37.90 5.79 -39.55
N ALA F 213 -38.32 4.84 -38.71
CA ALA F 213 -37.35 3.96 -38.05
C ALA F 213 -36.66 3.04 -39.05
N HIS F 214 -37.39 2.54 -40.04
CA HIS F 214 -36.76 1.66 -41.02
C HIS F 214 -35.69 2.42 -41.82
N ALA F 215 -35.95 3.68 -42.14
CA ALA F 215 -34.95 4.48 -42.84
C ALA F 215 -33.73 4.72 -41.96
N ALA F 216 -33.94 4.94 -40.66
CA ALA F 216 -32.80 5.17 -39.77
C ALA F 216 -31.98 3.91 -39.56
N ALA F 217 -32.61 2.73 -39.66
CA ALA F 217 -31.85 1.51 -39.47
C ALA F 217 -31.00 1.17 -40.68
N ALA F 218 -31.45 1.55 -41.87
CA ALA F 218 -30.73 1.22 -43.09
C ALA F 218 -29.31 1.80 -43.07
N GLY F 219 -28.33 0.94 -43.32
CA GLY F 219 -26.95 1.34 -43.35
C GLY F 219 -26.31 1.62 -42.02
N ALA F 220 -27.02 1.42 -40.90
CA ALA F 220 -26.48 1.79 -39.61
C ALA F 220 -25.40 0.81 -39.16
N ASP F 221 -24.33 1.34 -38.58
CA ASP F 221 -23.30 0.53 -37.93
C ASP F 221 -23.61 0.28 -36.46
N VAL F 222 -24.35 1.18 -35.83
CA VAL F 222 -24.66 1.09 -34.40
C VAL F 222 -26.11 1.48 -34.21
N LEU F 223 -26.88 0.65 -33.51
CA LEU F 223 -28.26 0.94 -33.20
C LEU F 223 -28.39 1.04 -31.68
N VAL F 224 -29.07 2.08 -31.21
CA VAL F 224 -29.14 2.39 -29.79
C VAL F 224 -30.58 2.65 -29.41
N THR F 225 -30.96 2.25 -28.21
CA THR F 225 -32.22 2.71 -27.65
C THR F 225 -32.07 2.82 -26.15
N ASP F 226 -33.17 3.16 -25.48
CA ASP F 226 -33.18 3.49 -24.07
C ASP F 226 -34.61 3.28 -23.59
N THR F 227 -34.80 3.22 -22.28
CA THR F 227 -36.16 3.10 -21.77
C THR F 227 -37.01 4.24 -22.29
N TRP F 228 -38.28 3.92 -22.59
CA TRP F 228 -39.22 4.90 -23.08
C TRP F 228 -39.75 5.80 -21.97
N THR F 229 -39.80 5.29 -20.74
CA THR F 229 -40.38 6.00 -19.61
C THR F 229 -39.90 5.42 -18.29
N LEU F 238 -54.18 1.55 -21.21
CA LEU F 238 -53.59 2.88 -21.03
C LEU F 238 -52.18 2.83 -21.61
N ASP F 239 -52.09 2.78 -22.93
CA ASP F 239 -50.82 2.52 -23.62
C ASP F 239 -50.11 3.85 -23.96
N ARG F 240 -49.62 4.50 -22.90
CA ARG F 240 -48.93 5.77 -23.08
C ARG F 240 -47.62 5.63 -23.85
N VAL F 241 -47.01 4.45 -23.85
CA VAL F 241 -45.78 4.24 -24.62
C VAL F 241 -46.07 3.78 -26.04
N LYS F 242 -47.36 3.69 -26.41
CA LYS F 242 -47.74 3.37 -27.79
C LYS F 242 -47.00 4.19 -28.85
N PRO F 243 -46.75 5.50 -28.67
CA PRO F 243 -46.01 6.24 -29.70
C PRO F 243 -44.68 5.62 -30.06
N PHE F 244 -44.09 4.84 -29.15
CA PHE F 244 -42.72 4.34 -29.33
C PHE F 244 -42.60 2.92 -29.89
N ARG F 245 -43.66 2.12 -29.80
CA ARG F 245 -43.58 0.70 -30.24
C ARG F 245 -43.06 0.58 -31.70
N PRO F 246 -43.45 1.38 -32.71
CA PRO F 246 -42.86 1.30 -34.07
C PRO F 246 -41.36 1.54 -34.08
N PHE F 247 -40.81 2.04 -32.97
CA PHE F 247 -39.39 2.31 -32.85
C PHE F 247 -38.68 1.27 -31.99
N GLN F 248 -39.36 0.17 -31.65
CA GLN F 248 -38.75 -0.91 -30.91
C GLN F 248 -37.51 -1.43 -31.62
N LEU F 249 -36.44 -1.69 -30.86
CA LEU F 249 -35.22 -2.23 -31.43
C LEU F 249 -35.39 -3.75 -31.41
N ASN F 250 -35.90 -4.31 -32.51
CA ASN F 250 -36.19 -5.72 -32.58
C ASN F 250 -35.38 -6.37 -33.72
N SER F 251 -35.59 -7.67 -33.92
CA SER F 251 -34.82 -8.39 -34.92
C SER F 251 -35.09 -7.89 -36.33
N ARG F 252 -36.30 -7.42 -36.61
CA ARG F 252 -36.62 -6.90 -37.96
C ARG F 252 -35.81 -5.62 -38.21
N LEU F 253 -35.83 -4.73 -37.23
CA LEU F 253 -35.06 -3.48 -37.37
C LEU F 253 -33.57 -3.78 -37.53
N LEU F 254 -33.04 -4.68 -36.70
CA LEU F 254 -31.60 -4.97 -36.78
C LEU F 254 -31.24 -5.57 -38.14
N ALA F 255 -32.13 -6.38 -38.72
CA ALA F 255 -31.84 -6.99 -40.01
C ALA F 255 -31.78 -5.96 -41.14
N LEU F 256 -32.29 -4.75 -40.93
CA LEU F 256 -32.19 -3.70 -41.92
C LEU F 256 -30.84 -2.99 -41.88
N ALA F 257 -30.10 -3.14 -40.80
CA ALA F 257 -28.86 -2.40 -40.62
C ALA F 257 -27.72 -3.14 -41.32
N ASP F 258 -26.50 -2.64 -41.14
CA ASP F 258 -25.33 -3.34 -41.64
C ASP F 258 -25.24 -4.73 -41.02
N SER F 259 -24.69 -5.67 -41.79
CA SER F 259 -24.65 -7.06 -41.34
C SER F 259 -23.81 -7.24 -40.08
N ASP F 260 -22.86 -6.34 -39.81
CA ASP F 260 -22.05 -6.41 -38.61
C ASP F 260 -22.40 -5.31 -37.61
N ALA F 261 -23.64 -4.85 -37.63
CA ALA F 261 -24.04 -3.78 -36.73
C ALA F 261 -24.07 -4.28 -35.29
N ILE F 262 -23.84 -3.37 -34.35
CA ILE F 262 -23.92 -3.69 -32.93
C ILE F 262 -25.05 -2.89 -32.31
N VAL F 263 -25.46 -3.32 -31.12
CA VAL F 263 -26.61 -2.74 -30.43
C VAL F 263 -26.15 -2.27 -29.05
N LEU F 264 -26.55 -1.05 -28.69
CA LEU F 264 -26.27 -0.46 -27.39
C LEU F 264 -27.57 -0.10 -26.68
N HIS F 265 -27.51 -0.06 -25.35
CA HIS F 265 -28.67 0.28 -24.53
C HIS F 265 -28.15 0.58 -23.13
N CYS F 266 -28.30 1.83 -22.69
CA CYS F 266 -28.07 2.16 -21.29
C CYS F 266 -28.96 1.29 -20.41
N LEU F 267 -28.38 0.64 -19.44
CA LEU F 267 -29.25 -0.24 -18.65
C LEU F 267 -29.89 0.54 -17.51
N PRO F 268 -31.04 0.09 -16.97
CA PRO F 268 -31.69 -1.20 -17.21
C PRO F 268 -32.55 -1.19 -18.47
N ALA F 269 -32.74 -2.37 -19.03
CA ALA F 269 -33.59 -2.55 -20.19
C ALA F 269 -34.91 -3.16 -19.76
N HIS F 270 -36.00 -2.68 -20.35
CA HIS F 270 -37.30 -3.28 -20.14
C HIS F 270 -37.51 -4.22 -21.33
N ARG F 271 -37.13 -5.49 -21.16
CA ARG F 271 -37.22 -6.46 -22.24
C ARG F 271 -38.66 -6.62 -22.71
N GLY F 272 -38.85 -6.59 -24.03
CA GLY F 272 -40.17 -6.66 -24.61
C GLY F 272 -40.77 -5.31 -24.94
N ASP F 273 -40.25 -4.22 -24.38
CA ASP F 273 -40.69 -2.88 -24.72
C ASP F 273 -39.76 -2.29 -25.76
N GLU F 274 -38.76 -1.50 -25.35
CA GLU F 274 -37.91 -0.80 -26.31
C GLU F 274 -36.92 -1.73 -27.00
N ILE F 275 -36.68 -2.92 -26.45
CA ILE F 275 -35.73 -3.86 -27.01
C ILE F 275 -36.26 -5.27 -26.73
N THR F 276 -35.94 -6.20 -27.61
CA THR F 276 -36.43 -7.57 -27.46
C THR F 276 -35.35 -8.46 -26.85
N ASP F 277 -35.81 -9.59 -26.28
CA ASP F 277 -34.87 -10.57 -25.75
C ASP F 277 -33.88 -11.04 -26.81
N ALA F 278 -34.38 -11.32 -28.01
CA ALA F 278 -33.51 -11.85 -29.06
C ALA F 278 -32.38 -10.88 -29.40
N VAL F 279 -32.66 -9.57 -29.42
CA VAL F 279 -31.62 -8.60 -29.70
C VAL F 279 -30.67 -8.46 -28.52
N MET F 280 -31.22 -8.31 -27.31
CA MET F 280 -30.42 -8.18 -26.10
C MET F 280 -29.40 -9.29 -25.95
N ASP F 281 -29.82 -10.53 -26.23
CA ASP F 281 -29.02 -11.72 -25.97
C ASP F 281 -28.33 -12.26 -27.21
N GLY F 282 -28.45 -11.59 -28.35
CA GLY F 282 -27.87 -12.08 -29.58
C GLY F 282 -26.45 -11.59 -29.80
N PRO F 283 -25.85 -12.00 -30.91
CA PRO F 283 -24.42 -11.68 -31.13
C PRO F 283 -24.16 -10.21 -31.39
N ALA F 284 -25.18 -9.43 -31.81
CA ALA F 284 -24.96 -8.02 -32.08
C ALA F 284 -24.94 -7.18 -30.83
N SER F 285 -25.43 -7.71 -29.71
CA SER F 285 -25.55 -6.91 -28.49
C SER F 285 -24.18 -6.61 -27.92
N ALA F 286 -23.96 -5.34 -27.56
CA ALA F 286 -22.76 -4.91 -26.85
C ALA F 286 -23.11 -4.33 -25.49
N VAL F 287 -24.31 -4.62 -24.97
CA VAL F 287 -24.79 -3.90 -23.81
C VAL F 287 -24.03 -4.28 -22.55
N TRP F 288 -23.48 -5.49 -22.49
CA TRP F 288 -22.80 -5.91 -21.27
C TRP F 288 -21.44 -5.24 -21.16
N ASP F 289 -20.68 -5.22 -22.26
CA ASP F 289 -19.43 -4.47 -22.28
C ASP F 289 -19.70 -2.98 -22.08
N GLU F 290 -20.79 -2.49 -22.65
CA GLU F 290 -21.13 -1.06 -22.52
C GLU F 290 -21.38 -0.70 -21.06
N ALA F 291 -22.07 -1.57 -20.33
CA ALA F 291 -22.29 -1.34 -18.90
C ALA F 291 -20.97 -1.34 -18.15
N GLU F 292 -20.10 -2.33 -18.41
CA GLU F 292 -18.80 -2.38 -17.72
C GLU F 292 -17.99 -1.11 -18.01
N ASN F 293 -18.06 -0.62 -19.24
CA ASN F 293 -17.22 0.51 -19.62
C ASN F 293 -17.63 1.83 -18.95
N ARG F 294 -18.80 1.91 -18.30
CA ARG F 294 -19.06 3.06 -17.44
C ARG F 294 -17.94 3.23 -16.43
N LEU F 295 -17.49 2.12 -15.83
CA LEU F 295 -16.42 2.18 -14.83
C LEU F 295 -15.16 2.82 -15.41
N HIS F 296 -14.72 2.30 -16.57
CA HIS F 296 -13.45 2.73 -17.18
C HIS F 296 -13.53 4.14 -17.74
N ALA F 297 -14.63 4.48 -18.42
CA ALA F 297 -14.75 5.81 -19.01
C ALA F 297 -14.85 6.88 -17.94
N GLN F 298 -15.58 6.61 -16.86
CA GLN F 298 -15.70 7.61 -15.79
C GLN F 298 -14.35 7.81 -15.07
N LYS F 299 -13.61 6.72 -14.86
CA LYS F 299 -12.29 6.85 -14.27
C LYS F 299 -11.38 7.67 -15.17
N ALA F 300 -11.45 7.43 -16.48
CA ALA F 300 -10.62 8.19 -17.42
C ALA F 300 -10.97 9.66 -17.37
N LEU F 301 -12.27 9.96 -17.35
CA LEU F 301 -12.70 11.36 -17.27
C LEU F 301 -12.16 12.02 -16.01
N LEU F 302 -12.24 11.32 -14.87
CA LEU F 302 -11.74 11.89 -13.62
C LEU F 302 -10.23 12.12 -13.70
N VAL F 303 -9.48 11.13 -14.20
CA VAL F 303 -8.03 11.30 -14.30
C VAL F 303 -7.68 12.50 -15.18
N TRP F 304 -8.37 12.61 -16.31
CA TRP F 304 -8.09 13.68 -17.26
C TRP F 304 -8.42 15.04 -16.66
N LEU F 305 -9.59 15.16 -16.04
CA LEU F 305 -9.97 16.44 -15.44
C LEU F 305 -9.04 16.82 -14.29
N LEU F 306 -8.66 15.84 -13.47
CA LEU F 306 -7.80 16.15 -12.33
C LEU F 306 -6.44 16.64 -12.79
N GLU F 307 -5.91 16.05 -13.87
CA GLU F 307 -4.59 16.50 -14.29
C GLU F 307 -4.65 17.83 -15.03
N ARG F 308 -5.76 18.13 -15.72
CA ARG F 308 -5.89 19.43 -16.40
C ARG F 308 -6.23 20.55 -15.44
N SER F 309 -6.62 20.26 -14.20
CA SER F 309 -7.15 21.29 -13.32
C SER F 309 -6.21 21.56 -12.14
#